data_7T5F
#
_entry.id   7T5F
#
_cell.length_a   149.320
_cell.length_b   88.276
_cell.length_c   114.481
_cell.angle_alpha   90.00
_cell.angle_beta   97.03
_cell.angle_gamma   90.00
#
_symmetry.space_group_name_H-M   'C 1 2 1'
#
loop_
_entity.id
_entity.type
_entity.pdbx_description
1 polymer 'Botulinum neurotoxin type B'
2 polymer JLJ-G3
3 polymer JNE-B10
4 non-polymer 'ZINC ION'
5 non-polymer 'IODIDE ION'
6 water water
#
loop_
_entity_poly.entity_id
_entity_poly.type
_entity_poly.pdbx_seq_one_letter_code
_entity_poly.pdbx_strand_id
1 'polypeptide(L)'
;GPLGSMPVTINNFNYNDPIDNNNIIMMEPPFARGTGRYYKAFKITDRIWIIPERYTFGYKPEDFNKSSGIFNRDVCEYYD
PDYLNTNDKKNIFLQTMIKLFNRIKSKPLGEKLLEMIINGIPYLGDRRVPLEEFNTNIASVTVNKLISNPGEVERKKGIF
ANLIIFGPGPVLNENETIDIGIQNHFASREGFGGIMQMKFCPEYVSVFNNVQENKGASIFNRRGYFSDPALILMHELIHV
LHGLYGIKVDDLPIVPNEKKFFMQSTDAIQAEELYTFGGQDPSIITPSTDKSIYDKVLQNFRGIVDRLNKVLVCISDPNI
NINIYKNKFKDKYKFVEDSEGKYSIDVESFDKLYKSLMFGFTETNIAENYKIKTRASYFSDSLPPVKIKNLLDNEIYTIE
EGFNISDKDMEKEYRGQNKAINKQAYEEIS
;
A,D
2 'polypeptide(L)'
;GPLGSQVQLVESGGGLVQSGGSLRLSCAASGSIDSLYHMGWYRQAPGKERELVARVQDGGSTAYKDSVKGRFTISRDFSR
STMYLQMNSLKPEDTAIYYCAAKSTISTPLSWGQGTQVTVSSEPKTPKPQ
;
C,F
3 'polypeptide(L)'
;GPLGSQVQLVESGGGLVQPGGSLRLSCAASGFPFHAYYMSWVRQAPGKGLEWVSHIGNGGIITRYADSVKGRFTISRDNA
KNTLYLQMTNLKPEDTALYYCTLGTRDDLGPERGQGTQVTVSSEPKTPKPQ
;
B,E
#
# COMPACT_ATOMS: atom_id res chain seq x y z
N PRO A 7 3.07 -14.29 -1.46
CA PRO A 7 2.24 -13.40 -0.63
C PRO A 7 1.87 -14.03 0.70
N VAL A 8 1.42 -13.22 1.65
CA VAL A 8 1.09 -13.72 2.99
C VAL A 8 -0.39 -14.07 3.09
N THR A 9 -0.63 -15.28 3.58
CA THR A 9 -1.96 -15.84 3.74
C THR A 9 -2.34 -15.93 5.21
N ILE A 10 -3.46 -15.31 5.57
CA ILE A 10 -3.97 -15.40 6.94
C ILE A 10 -5.03 -16.49 7.05
N ASN A 11 -4.72 -17.55 7.77
CA ASN A 11 -5.66 -18.65 7.95
C ASN A 11 -6.91 -18.23 8.72
N ASN A 12 -7.99 -18.96 8.50
CA ASN A 12 -9.21 -18.73 9.23
C ASN A 12 -9.52 -20.01 10.00
N PHE A 13 -10.18 -19.88 11.14
CA PHE A 13 -10.53 -21.05 11.96
C PHE A 13 -11.46 -20.61 13.07
N ASN A 14 -12.14 -21.57 13.66
CA ASN A 14 -12.98 -21.35 14.82
C ASN A 14 -12.25 -21.91 16.05
N TYR A 15 -12.53 -21.44 17.27
CA TYR A 15 -11.79 -21.93 18.43
C TYR A 15 -12.08 -23.41 18.71
N ASN A 16 -13.29 -23.86 18.38
CA ASN A 16 -13.71 -25.22 18.68
C ASN A 16 -13.44 -26.21 17.58
N ASP A 17 -12.84 -25.73 16.50
CA ASP A 17 -12.35 -26.59 15.42
C ASP A 17 -11.45 -27.71 15.94
N PRO A 18 -11.46 -28.86 15.24
CA PRO A 18 -10.77 -29.96 15.90
C PRO A 18 -9.29 -29.81 15.73
N ILE A 19 -8.51 -30.42 16.63
CA ILE A 19 -7.06 -30.51 16.56
C ILE A 19 -6.67 -31.47 15.44
N ASP A 20 -6.26 -30.93 14.28
CA ASP A 20 -5.95 -31.72 13.10
C ASP A 20 -4.46 -31.87 12.88
N ASN A 21 -3.68 -31.15 13.70
CA ASN A 21 -2.23 -30.95 13.55
C ASN A 21 -1.82 -30.45 12.17
N ASN A 22 -2.62 -29.56 11.60
CA ASN A 22 -2.21 -28.77 10.44
C ASN A 22 -2.13 -27.27 10.82
N ASN A 23 -3.27 -26.64 11.07
CA ASN A 23 -3.28 -25.25 11.48
C ASN A 23 -3.62 -25.11 12.97
N ILE A 24 -4.05 -26.21 13.57
CA ILE A 24 -4.41 -26.28 14.99
C ILE A 24 -3.70 -27.43 15.67
N ILE A 25 -2.83 -27.11 16.62
CA ILE A 25 -2.08 -28.16 17.33
C ILE A 25 -2.24 -27.96 18.83
N MET A 26 -1.81 -28.94 19.61
CA MET A 26 -1.61 -28.74 21.04
C MET A 26 -0.12 -28.48 21.22
N MET A 27 0.23 -27.28 21.70
CA MET A 27 1.63 -26.84 21.74
C MET A 27 2.14 -26.52 23.15
N GLU A 28 3.36 -26.95 23.44
CA GLU A 28 4.06 -26.60 24.69
C GLU A 28 4.95 -25.37 24.40
N PRO A 29 4.59 -24.17 24.92
CA PRO A 29 5.36 -22.96 24.55
C PRO A 29 6.75 -22.93 25.24
N PRO A 30 7.69 -22.12 24.71
CA PRO A 30 9.09 -22.20 25.13
C PRO A 30 9.34 -22.22 26.65
N PHE A 31 8.72 -21.32 27.40
CA PHE A 31 9.04 -21.24 28.84
C PHE A 31 8.42 -22.40 29.62
N ALA A 32 7.58 -23.17 28.94
CA ALA A 32 6.91 -24.32 29.53
C ALA A 32 7.56 -25.62 29.08
N ARG A 33 8.78 -25.52 28.57
CA ARG A 33 9.51 -26.67 28.00
C ARG A 33 9.80 -27.79 29.00
N GLY A 34 9.32 -28.99 28.65
CA GLY A 34 9.53 -30.16 29.47
C GLY A 34 8.60 -30.17 30.68
N THR A 35 7.67 -29.22 30.74
CA THR A 35 6.76 -29.18 31.87
C THR A 35 5.48 -29.93 31.64
N GLY A 36 5.14 -30.17 30.38
CA GLY A 36 3.93 -30.92 30.06
C GLY A 36 2.71 -30.07 29.85
N ARG A 37 2.87 -28.75 30.00
CA ARG A 37 1.82 -27.79 29.75
C ARG A 37 1.55 -27.53 28.28
N TYR A 38 0.53 -28.15 27.70
CA TYR A 38 0.19 -27.84 26.30
C TYR A 38 -1.03 -26.96 26.25
N TYR A 39 -1.19 -26.26 25.14
CA TYR A 39 -2.32 -25.37 24.99
C TYR A 39 -2.76 -25.45 23.55
N LYS A 40 -4.05 -25.25 23.31
CA LYS A 40 -4.58 -25.25 21.95
C LYS A 40 -4.04 -24.05 21.19
N ALA A 41 -3.29 -24.30 20.12
CA ALA A 41 -2.65 -23.23 19.39
C ALA A 41 -3.17 -23.17 17.97
N PHE A 42 -3.22 -21.96 17.42
CA PHE A 42 -3.80 -21.70 16.12
C PHE A 42 -2.82 -20.98 15.22
N LYS A 43 -2.55 -21.57 14.05
CA LYS A 43 -1.52 -21.08 13.16
C LYS A 43 -2.07 -20.10 12.16
N ILE A 44 -1.97 -18.81 12.50
CA ILE A 44 -2.54 -17.74 11.70
C ILE A 44 -1.76 -17.55 10.41
N THR A 45 -0.47 -17.88 10.47
CA THR A 45 0.42 -17.71 9.34
C THR A 45 1.55 -18.70 9.57
N ASP A 46 2.30 -19.04 8.52
CA ASP A 46 3.44 -19.92 8.70
C ASP A 46 4.39 -19.29 9.75
N ARG A 47 4.83 -20.11 10.70
CA ARG A 47 5.76 -19.76 11.78
C ARG A 47 5.15 -18.81 12.85
N ILE A 48 3.88 -18.43 12.70
CA ILE A 48 3.20 -17.55 13.67
C ILE A 48 1.93 -18.16 14.24
N TRP A 49 1.92 -18.28 15.56
CA TRP A 49 0.83 -18.93 16.29
C TRP A 49 0.14 -17.98 17.24
N ILE A 50 -1.18 -18.17 17.38
CA ILE A 50 -1.98 -17.51 18.40
C ILE A 50 -2.43 -18.52 19.45
N ILE A 51 -2.10 -18.29 20.72
CA ILE A 51 -2.56 -19.10 21.83
C ILE A 51 -3.46 -18.29 22.75
N PRO A 52 -4.77 -18.45 22.60
CA PRO A 52 -5.74 -17.64 23.35
C PRO A 52 -5.81 -18.03 24.84
N GLU A 53 -4.69 -17.82 25.53
CA GLU A 53 -4.61 -18.07 26.95
C GLU A 53 -3.97 -16.86 27.64
N ARG A 54 -4.19 -16.74 28.94
CA ARG A 54 -3.56 -15.68 29.72
C ARG A 54 -2.09 -16.01 29.89
N TYR A 55 -1.23 -15.00 29.88
CA TYR A 55 0.21 -15.18 30.06
C TYR A 55 0.53 -15.23 31.55
N THR A 56 1.07 -16.34 32.05
CA THR A 56 1.16 -16.52 33.50
C THR A 56 2.60 -16.66 33.98
N PHE A 57 3.50 -17.01 33.08
CA PHE A 57 4.88 -17.28 33.45
C PHE A 57 5.58 -16.06 34.09
N GLY A 58 6.07 -16.24 35.30
CA GLY A 58 6.81 -15.19 35.97
C GLY A 58 5.95 -14.32 36.85
N TYR A 59 4.67 -14.68 36.94
CA TYR A 59 3.73 -13.96 37.79
C TYR A 59 3.23 -14.88 38.91
N LYS A 60 2.71 -14.27 39.96
CA LYS A 60 2.00 -14.99 41.00
C LYS A 60 0.58 -15.12 40.51
N PRO A 61 -0.09 -16.23 40.82
CA PRO A 61 -1.48 -16.36 40.33
C PRO A 61 -2.41 -15.28 40.91
N GLU A 62 -2.06 -14.70 42.05
CA GLU A 62 -2.90 -13.65 42.65
C GLU A 62 -2.60 -12.24 42.11
N ASP A 63 -1.53 -12.09 41.33
CA ASP A 63 -1.30 -10.83 40.62
C ASP A 63 -2.45 -10.49 39.68
N PHE A 64 -3.18 -11.49 39.16
CA PHE A 64 -4.28 -11.25 38.21
C PHE A 64 -5.48 -10.62 38.89
N ASN A 65 -5.57 -10.84 40.19
CA ASN A 65 -6.65 -10.32 41.02
C ASN A 65 -6.16 -9.17 41.87
N LYS A 66 -6.18 -7.97 41.31
CA LYS A 66 -5.86 -6.79 42.09
C LYS A 66 -7.02 -5.82 42.01
N SER A 67 -7.40 -5.24 43.15
CA SER A 67 -8.62 -4.46 43.24
C SER A 67 -8.56 -3.48 44.41
N SER A 68 -9.59 -2.64 44.54
CA SER A 68 -9.69 -1.72 45.68
C SER A 68 -11.00 -1.91 46.41
N ASN A 72 -11.66 6.04 44.27
CA ASN A 72 -12.02 7.13 43.36
C ASN A 72 -10.86 7.52 42.44
N ARG A 73 -9.84 6.67 42.38
CA ARG A 73 -8.59 7.04 41.71
C ARG A 73 -8.51 6.38 40.34
N ASP A 74 -7.71 6.90 39.42
CA ASP A 74 -7.41 6.13 38.21
C ASP A 74 -5.99 5.61 38.23
N VAL A 75 -5.85 4.33 37.93
CA VAL A 75 -4.52 3.74 37.84
C VAL A 75 -4.26 3.50 36.34
N CYS A 76 -2.98 3.43 36.00
CA CYS A 76 -2.50 3.17 34.65
C CYS A 76 -2.65 1.70 34.22
N GLU A 77 -2.75 0.82 35.21
CA GLU A 77 -2.85 -0.60 34.96
C GLU A 77 -4.24 -1.13 35.23
N TYR A 78 -4.86 -1.75 34.23
CA TYR A 78 -6.22 -2.30 34.41
C TYR A 78 -6.13 -3.82 34.49
N TYR A 79 -6.77 -4.37 35.52
CA TYR A 79 -6.77 -5.81 35.77
C TYR A 79 -8.17 -6.36 35.53
N ASP A 80 -8.24 -7.56 34.97
CA ASP A 80 -9.49 -8.28 34.82
C ASP A 80 -9.13 -9.72 34.63
N PRO A 81 -9.21 -10.50 35.71
CA PRO A 81 -8.87 -11.93 35.73
C PRO A 81 -9.81 -12.79 34.90
N ASP A 82 -11.01 -12.29 34.59
CA ASP A 82 -12.01 -13.07 33.85
C ASP A 82 -11.83 -12.98 32.36
N TYR A 83 -10.82 -12.24 31.93
CA TYR A 83 -10.55 -12.10 30.51
C TYR A 83 -10.05 -13.45 29.92
N LEU A 84 -10.61 -13.85 28.78
CA LEU A 84 -10.38 -15.18 28.19
C LEU A 84 -10.83 -16.35 29.04
N ASN A 85 -11.81 -16.17 29.94
CA ASN A 85 -12.19 -17.27 30.88
C ASN A 85 -13.30 -18.26 30.40
N THR A 86 -13.74 -18.15 29.14
CA THR A 86 -14.65 -19.10 28.51
C THR A 86 -14.21 -19.31 27.07
N ASN A 87 -14.67 -20.38 26.46
CA ASN A 87 -14.32 -20.71 25.07
C ASN A 87 -14.85 -19.67 24.10
N ASP A 88 -15.99 -19.10 24.42
CA ASP A 88 -16.51 -18.04 23.57
C ASP A 88 -15.64 -16.76 23.66
N LYS A 89 -15.20 -16.38 24.86
CA LYS A 89 -14.17 -15.34 24.96
C LYS A 89 -12.91 -15.67 24.17
N LYS A 90 -12.42 -16.92 24.25
CA LYS A 90 -11.22 -17.27 23.51
C LYS A 90 -11.43 -17.11 22.02
N ASN A 91 -12.63 -17.41 21.57
CA ASN A 91 -12.91 -17.36 20.15
C ASN A 91 -13.00 -15.90 19.64
N ILE A 92 -13.56 -15.02 20.45
CA ILE A 92 -13.57 -13.58 20.14
C ILE A 92 -12.14 -13.01 20.00
N PHE A 93 -11.29 -13.36 20.96
CA PHE A 93 -9.87 -13.01 20.90
C PHE A 93 -9.26 -13.45 19.57
N LEU A 94 -9.49 -14.72 19.22
CA LEU A 94 -8.95 -15.32 18.00
C LEU A 94 -9.49 -14.62 16.74
N GLN A 95 -10.81 -14.42 16.66
CA GLN A 95 -11.37 -13.72 15.50
C GLN A 95 -10.89 -12.28 15.40
N THR A 96 -10.75 -11.60 16.53
CA THR A 96 -10.17 -10.25 16.54
C THR A 96 -8.72 -10.26 16.00
N MET A 97 -7.93 -11.24 16.43
CA MET A 97 -6.55 -11.37 15.99
C MET A 97 -6.48 -11.63 14.50
N ILE A 98 -7.41 -12.43 13.99
CA ILE A 98 -7.47 -12.72 12.56
C ILE A 98 -7.76 -11.43 11.79
N LYS A 99 -8.69 -10.64 12.30
CA LYS A 99 -9.04 -9.37 11.67
C LYS A 99 -7.89 -8.35 11.73
N LEU A 100 -7.24 -8.22 12.88
CA LEU A 100 -6.06 -7.34 12.98
C LEU A 100 -4.95 -7.72 11.97
N PHE A 101 -4.73 -9.02 11.77
CA PHE A 101 -3.69 -9.48 10.83
C PHE A 101 -4.08 -9.22 9.36
N ASN A 102 -5.35 -9.38 9.02
CA ASN A 102 -5.81 -9.01 7.68
C ASN A 102 -5.70 -7.47 7.49
N ARG A 103 -5.99 -6.72 8.54
CA ARG A 103 -5.72 -5.29 8.52
C ARG A 103 -4.28 -4.98 8.17
N ILE A 104 -3.34 -5.65 8.83
CA ILE A 104 -1.92 -5.44 8.57
C ILE A 104 -1.57 -5.83 7.13
N LYS A 105 -2.13 -6.93 6.64
CA LYS A 105 -1.82 -7.42 5.30
C LYS A 105 -2.25 -6.50 4.14
N SER A 106 -3.23 -5.62 4.37
CA SER A 106 -3.90 -4.90 3.28
C SER A 106 -3.11 -3.74 2.65
N LYS A 107 -1.95 -3.39 3.21
CA LYS A 107 -1.03 -2.44 2.58
C LYS A 107 0.29 -3.15 2.33
N PRO A 108 0.99 -2.79 1.24
CA PRO A 108 2.28 -3.42 0.91
C PRO A 108 3.27 -3.40 2.06
N LEU A 109 3.23 -2.33 2.87
CA LEU A 109 4.22 -2.13 3.91
C LEU A 109 4.09 -3.14 5.04
N GLY A 110 2.85 -3.44 5.42
CA GLY A 110 2.58 -4.39 6.48
C GLY A 110 2.69 -5.84 6.04
N GLU A 111 2.30 -6.13 4.80
CA GLU A 111 2.48 -7.47 4.26
C GLU A 111 3.97 -7.80 4.21
N LYS A 112 4.79 -6.83 3.81
CA LYS A 112 6.23 -7.01 3.79
C LYS A 112 6.74 -7.30 5.18
N LEU A 113 6.17 -6.63 6.18
CA LEU A 113 6.60 -6.85 7.57
C LEU A 113 6.36 -8.31 7.95
N LEU A 114 5.17 -8.80 7.63
CA LEU A 114 4.82 -10.19 7.92
C LEU A 114 5.78 -11.15 7.26
N GLU A 115 6.19 -10.81 6.05
CA GLU A 115 7.04 -11.71 5.28
C GLU A 115 8.45 -11.80 5.88
N MET A 116 9.02 -10.68 6.30
CA MET A 116 10.35 -10.70 6.89
C MET A 116 10.32 -11.37 8.26
N ILE A 117 9.17 -11.30 8.92
CA ILE A 117 8.97 -12.04 10.18
C ILE A 117 8.82 -13.55 9.88
N ILE A 118 8.04 -13.89 8.86
CA ILE A 118 7.86 -15.30 8.53
C ILE A 118 9.19 -15.89 8.08
N ASN A 119 9.92 -15.15 7.27
CA ASN A 119 11.20 -15.63 6.75
C ASN A 119 12.35 -15.42 7.69
N GLY A 120 12.16 -14.64 8.75
CA GLY A 120 13.26 -14.34 9.65
C GLY A 120 13.58 -15.47 10.62
N ILE A 121 13.92 -16.65 10.14
CA ILE A 121 14.03 -17.81 11.03
C ILE A 121 15.22 -17.72 11.98
N PRO A 122 14.99 -18.10 13.24
CA PRO A 122 16.06 -18.17 14.24
C PRO A 122 17.18 -19.11 13.83
N TYR A 123 18.41 -18.76 14.17
CA TYR A 123 19.55 -19.67 13.96
C TYR A 123 19.33 -20.94 14.77
N LEU A 124 19.85 -22.06 14.27
CA LEU A 124 19.70 -23.35 14.92
C LEU A 124 20.72 -23.52 16.05
N GLY A 125 20.48 -22.85 17.16
CA GLY A 125 21.39 -22.86 18.30
C GLY A 125 21.48 -21.47 18.91
N ASP A 126 22.24 -21.36 20.00
CA ASP A 126 22.52 -20.08 20.65
C ASP A 126 23.98 -20.04 21.11
N ARG A 127 24.26 -19.14 22.06
CA ARG A 127 25.62 -18.90 22.54
C ARG A 127 26.24 -20.17 23.14
N ARG A 128 25.40 -21.04 23.70
CA ARG A 128 25.86 -22.27 24.36
C ARG A 128 26.27 -23.35 23.37
N VAL A 129 25.93 -23.17 22.10
CA VAL A 129 26.15 -24.26 21.15
C VAL A 129 27.48 -24.02 20.46
N PRO A 130 28.30 -25.04 20.39
CA PRO A 130 29.60 -24.93 19.78
C PRO A 130 29.50 -24.64 18.31
N LEU A 131 30.53 -24.00 17.79
CA LEU A 131 30.53 -23.43 16.48
C LEU A 131 30.31 -24.46 15.41
N GLU A 132 30.82 -25.63 15.67
CA GLU A 132 30.69 -26.75 14.78
C GLU A 132 29.27 -27.23 14.55
N GLU A 133 28.38 -27.12 15.52
CA GLU A 133 27.07 -27.71 15.42
C GLU A 133 25.84 -26.84 15.24
N PHE A 134 24.82 -27.44 14.64
CA PHE A 134 23.49 -26.94 14.66
C PHE A 134 22.79 -27.73 15.71
N ASN A 135 22.13 -27.08 16.63
CA ASN A 135 21.29 -27.74 17.58
C ASN A 135 19.92 -27.10 17.61
N THR A 136 18.89 -27.88 17.34
CA THR A 136 17.51 -27.37 17.30
C THR A 136 16.75 -27.72 18.58
N ASN A 137 17.44 -28.42 19.48
CA ASN A 137 16.80 -28.85 20.71
C ASN A 137 16.87 -27.79 21.80
N ILE A 138 16.58 -26.53 21.47
CA ILE A 138 16.45 -25.53 22.52
C ILE A 138 15.16 -24.73 22.36
N ALA A 139 14.74 -24.21 23.49
CA ALA A 139 13.45 -23.56 23.60
C ALA A 139 13.36 -22.38 22.66
N SER A 140 14.51 -21.84 22.23
CA SER A 140 14.47 -20.67 21.37
C SER A 140 14.52 -21.05 19.89
N VAL A 141 14.68 -22.33 19.60
CA VAL A 141 14.59 -22.76 18.19
C VAL A 141 13.32 -23.62 17.96
N THR A 142 12.89 -24.41 18.95
CA THR A 142 11.71 -25.26 18.75
C THR A 142 10.73 -25.27 19.94
N VAL A 143 9.47 -25.57 19.65
CA VAL A 143 8.49 -25.90 20.67
C VAL A 143 8.01 -27.35 20.49
N ASN A 144 7.52 -27.96 21.56
CA ASN A 144 6.92 -29.28 21.52
C ASN A 144 5.48 -29.31 21.00
N LYS A 145 5.27 -30.09 19.94
CA LYS A 145 3.91 -30.40 19.44
C LYS A 145 3.43 -31.75 19.95
N LEU A 146 2.31 -31.78 20.67
CA LEU A 146 1.72 -33.04 21.07
C LEU A 146 1.24 -33.83 19.85
N ILE A 147 1.89 -34.94 19.48
CA ILE A 147 1.49 -35.70 18.28
C ILE A 147 0.60 -36.88 18.55
N SER A 148 0.47 -37.27 19.83
CA SER A 148 -0.48 -38.30 20.23
C SER A 148 -1.85 -37.65 20.47
N ASN A 149 -2.90 -38.47 20.47
CA ASN A 149 -4.24 -37.99 20.84
C ASN A 149 -4.28 -37.58 22.32
N PRO A 150 -5.03 -36.53 22.67
CA PRO A 150 -5.04 -36.05 24.06
C PRO A 150 -5.41 -37.13 25.09
N GLY A 151 -6.05 -38.18 24.61
CA GLY A 151 -6.42 -39.33 25.40
C GLY A 151 -5.27 -40.28 25.67
N GLU A 152 -4.22 -40.20 24.87
CA GLU A 152 -3.26 -41.27 24.92
C GLU A 152 -2.04 -40.86 25.72
N VAL A 153 -1.15 -41.82 25.95
CA VAL A 153 0.16 -41.55 26.54
C VAL A 153 0.93 -40.52 25.71
N GLU A 154 1.49 -39.54 26.41
CA GLU A 154 2.13 -38.38 25.78
C GLU A 154 3.27 -38.70 24.80
N ARG A 155 3.10 -38.26 23.56
CA ARG A 155 4.17 -38.31 22.55
C ARG A 155 4.20 -36.95 21.87
N LYS A 156 5.40 -36.46 21.56
CA LYS A 156 5.51 -35.09 21.13
C LYS A 156 6.57 -34.97 20.05
N LYS A 157 6.60 -33.84 19.35
CA LYS A 157 7.62 -33.66 18.34
C LYS A 157 7.94 -32.16 18.30
N GLY A 158 9.23 -31.83 18.22
CA GLY A 158 9.63 -30.45 18.18
C GLY A 158 9.47 -29.89 16.78
N ILE A 159 8.75 -28.77 16.67
CA ILE A 159 8.56 -28.05 15.43
C ILE A 159 9.22 -26.69 15.49
N PHE A 160 9.55 -26.14 14.34
CA PHE A 160 9.98 -24.76 14.25
C PHE A 160 8.81 -23.78 14.41
N ALA A 161 9.13 -22.54 14.80
CA ALA A 161 8.17 -21.44 14.97
C ALA A 161 8.92 -20.12 15.17
N ASN A 162 8.28 -19.01 14.84
CA ASN A 162 8.92 -17.71 14.92
C ASN A 162 8.26 -16.81 15.95
N LEU A 163 6.93 -16.83 15.97
CA LEU A 163 6.20 -15.95 16.86
C LEU A 163 5.01 -16.63 17.48
N ILE A 164 4.88 -16.51 18.79
CA ILE A 164 3.72 -17.03 19.50
C ILE A 164 3.09 -15.90 20.31
N ILE A 165 1.83 -15.57 19.96
CA ILE A 165 1.04 -14.50 20.60
C ILE A 165 0.05 -14.99 21.64
N PHE A 166 0.20 -14.55 22.91
CA PHE A 166 -0.76 -14.95 23.96
C PHE A 166 -1.76 -13.84 24.27
N GLY A 167 -2.73 -14.15 25.11
CA GLY A 167 -3.57 -13.12 25.67
C GLY A 167 -2.79 -12.41 26.77
N PRO A 168 -3.36 -11.33 27.36
CA PRO A 168 -2.64 -10.52 28.36
C PRO A 168 -2.17 -11.28 29.60
N GLY A 169 -1.12 -10.79 30.25
CA GLY A 169 -0.82 -11.19 31.61
C GLY A 169 -1.74 -10.40 32.52
N PRO A 170 -1.37 -10.32 33.80
CA PRO A 170 -2.12 -9.59 34.85
C PRO A 170 -2.64 -8.19 34.47
N VAL A 171 -1.81 -7.39 33.81
CA VAL A 171 -2.20 -6.06 33.39
C VAL A 171 -2.56 -6.12 31.94
N LEU A 172 -3.84 -5.90 31.66
CA LEU A 172 -4.40 -6.09 30.33
C LEU A 172 -3.83 -5.14 29.27
N ASN A 173 -3.67 -3.86 29.62
CA ASN A 173 -3.29 -2.85 28.63
C ASN A 173 -1.79 -2.83 28.42
N GLU A 174 -1.08 -3.66 29.18
CA GLU A 174 0.37 -3.79 29.05
C GLU A 174 0.85 -4.83 28.03
N ASN A 175 0.77 -4.49 26.74
CA ASN A 175 1.26 -5.37 25.68
C ASN A 175 2.73 -5.36 25.74
N GLU A 176 3.34 -6.49 25.38
CA GLU A 176 4.79 -6.63 25.50
C GLU A 176 5.33 -7.76 24.61
N THR A 177 6.49 -7.52 23.99
CA THR A 177 7.19 -8.54 23.25
C THR A 177 8.33 -9.09 24.12
N ILE A 178 8.51 -10.41 24.10
CA ILE A 178 9.33 -11.08 25.09
C ILE A 178 10.33 -12.07 24.44
N ASP A 179 11.61 -11.96 24.80
CA ASP A 179 12.61 -12.89 24.30
C ASP A 179 13.02 -13.89 25.36
N ILE A 180 13.66 -14.96 24.90
CA ILE A 180 14.07 -16.05 25.79
C ILE A 180 15.48 -15.80 26.34
N GLY A 181 15.59 -15.80 27.66
CA GLY A 181 16.88 -15.59 28.29
C GLY A 181 17.39 -16.80 29.05
N ILE A 182 18.64 -17.14 28.78
CA ILE A 182 19.32 -18.21 29.47
C ILE A 182 20.65 -17.73 30.04
N GLN A 183 20.83 -17.90 31.34
CA GLN A 183 22.09 -17.53 32.01
C GLN A 183 22.45 -16.10 31.66
N ASN A 184 21.43 -15.24 31.70
CA ASN A 184 21.57 -13.80 31.47
C ASN A 184 21.86 -13.38 30.03
N HIS A 185 21.90 -14.34 29.10
CA HIS A 185 22.06 -13.98 27.69
C HIS A 185 20.81 -14.31 26.85
N PHE A 186 20.63 -13.54 25.78
CA PHE A 186 19.47 -13.70 24.89
C PHE A 186 19.93 -13.93 23.46
N ALA A 187 19.55 -15.08 22.89
CA ALA A 187 19.84 -15.36 21.49
C ALA A 187 19.28 -14.22 20.60
N SER A 188 18.13 -13.68 20.99
CA SER A 188 17.49 -12.59 20.20
C SER A 188 18.27 -11.27 20.18
N ARG A 189 19.29 -11.16 21.02
CA ARG A 189 20.07 -9.93 21.14
C ARG A 189 21.50 -10.13 20.71
N GLU A 190 21.80 -11.32 20.17
CA GLU A 190 23.19 -11.72 19.89
C GLU A 190 23.40 -12.30 18.49
N GLY A 191 22.62 -11.85 17.52
CA GLY A 191 22.81 -12.31 16.16
C GLY A 191 21.99 -13.54 15.75
N PHE A 192 21.65 -14.39 16.70
CA PHE A 192 21.02 -15.66 16.34
C PHE A 192 19.59 -15.50 15.93
N GLY A 193 18.85 -14.80 16.76
CA GLY A 193 17.41 -14.73 16.66
C GLY A 193 16.94 -15.83 17.59
N GLY A 194 15.65 -15.83 17.94
CA GLY A 194 15.08 -16.86 18.80
C GLY A 194 13.59 -16.76 18.70
N ILE A 195 12.87 -17.80 19.10
CA ILE A 195 11.43 -17.73 19.07
C ILE A 195 10.96 -16.55 19.91
N MET A 196 10.11 -15.71 19.34
CA MET A 196 9.61 -14.56 20.06
C MET A 196 8.25 -14.83 20.65
N GLN A 197 7.93 -14.11 21.72
CA GLN A 197 6.62 -14.27 22.34
C GLN A 197 6.02 -12.89 22.56
N MET A 198 4.71 -12.84 22.73
CA MET A 198 4.02 -11.56 22.90
C MET A 198 2.85 -11.79 23.85
N LYS A 199 2.64 -10.87 24.78
CA LYS A 199 1.36 -10.80 25.46
C LYS A 199 0.62 -9.59 24.91
N PHE A 200 -0.57 -9.84 24.35
CA PHE A 200 -1.29 -8.83 23.59
C PHE A 200 -2.75 -8.82 23.94
N CYS A 201 -3.33 -7.63 24.04
CA CYS A 201 -4.75 -7.53 24.33
C CYS A 201 -5.39 -6.50 23.43
N PRO A 202 -6.16 -6.96 22.45
CA PRO A 202 -6.51 -6.03 21.39
C PRO A 202 -7.61 -4.98 21.68
N GLU A 203 -8.45 -5.07 22.71
CA GLU A 203 -9.52 -4.06 22.81
C GLU A 203 -9.32 -3.06 23.91
N TYR A 204 -8.35 -3.32 24.78
CA TYR A 204 -7.97 -2.36 25.81
C TYR A 204 -6.79 -1.57 25.28
N VAL A 205 -7.08 -0.43 24.63
CA VAL A 205 -6.05 0.28 23.87
C VAL A 205 -5.56 1.52 24.63
N SER A 206 -4.49 2.12 24.13
CA SER A 206 -3.88 3.26 24.78
C SER A 206 -4.51 4.59 24.31
N VAL A 207 -4.45 5.60 25.15
CA VAL A 207 -4.95 6.93 24.79
C VAL A 207 -3.79 7.96 24.80
N PHE A 208 -3.80 8.91 23.87
CA PHE A 208 -2.72 9.88 23.82
C PHE A 208 -3.16 11.28 23.42
N ASN A 209 -2.49 12.28 24.01
CA ASN A 209 -2.76 13.68 23.72
C ASN A 209 -1.49 14.44 23.30
N ASN A 210 -0.35 13.75 23.33
CA ASN A 210 0.90 14.31 22.80
C ASN A 210 0.83 14.30 21.30
N VAL A 211 0.15 15.29 20.74
CA VAL A 211 0.10 15.48 19.30
C VAL A 211 0.41 16.96 19.06
N GLN A 212 1.07 17.25 17.94
CA GLN A 212 1.59 18.59 17.70
C GLN A 212 0.47 19.65 17.67
N GLU A 213 -0.75 19.27 17.28
CA GLU A 213 -1.86 20.23 17.28
C GLU A 213 -2.17 20.75 18.70
N ASN A 214 -1.91 19.93 19.70
CA ASN A 214 -2.14 20.30 21.10
C ASN A 214 -1.07 21.24 21.70
N LYS A 215 0.03 21.42 20.96
CA LYS A 215 1.25 22.04 21.49
C LYS A 215 1.06 23.49 21.92
N GLY A 216 0.40 24.29 21.09
CA GLY A 216 0.02 25.63 21.47
C GLY A 216 -1.09 25.66 22.50
N ALA A 217 -1.95 24.64 22.43
CA ALA A 217 -3.27 24.65 23.05
C ALA A 217 -3.31 24.83 24.56
N SER A 218 -4.30 25.59 25.00
CA SER A 218 -4.68 25.73 26.40
C SER A 218 -5.19 24.41 26.98
N ILE A 219 -5.29 24.35 28.30
CA ILE A 219 -5.59 23.11 29.01
C ILE A 219 -6.92 22.47 28.59
N PHE A 220 -7.98 23.27 28.46
CA PHE A 220 -9.30 22.72 28.15
C PHE A 220 -9.62 22.77 26.66
N ASN A 221 -8.58 22.95 25.85
CA ASN A 221 -8.66 22.92 24.39
C ASN A 221 -7.87 21.77 23.78
N ARG A 222 -7.25 20.95 24.63
CA ARG A 222 -6.40 19.85 24.20
C ARG A 222 -7.20 18.66 23.65
N ARG A 223 -6.76 18.08 22.53
CA ARG A 223 -7.42 16.91 21.93
C ARG A 223 -6.93 15.57 22.49
N GLY A 224 -7.82 14.59 22.52
CA GLY A 224 -7.48 13.25 22.95
C GLY A 224 -7.86 12.16 21.94
N TYR A 225 -6.93 11.24 21.67
CA TYR A 225 -7.17 10.14 20.74
C TYR A 225 -6.93 8.78 21.37
N PHE A 226 -7.56 7.73 20.82
CA PHE A 226 -7.23 6.36 21.19
C PHE A 226 -6.55 5.67 20.00
N SER A 227 -5.71 4.68 20.30
CA SER A 227 -4.88 4.03 19.27
C SER A 227 -5.67 3.06 18.40
N ASP A 228 -5.18 2.86 17.19
CA ASP A 228 -5.61 1.74 16.36
C ASP A 228 -4.86 0.49 16.82
N PRO A 229 -5.60 -0.54 17.28
CA PRO A 229 -5.00 -1.81 17.74
C PRO A 229 -4.08 -2.46 16.71
N ALA A 230 -4.34 -2.25 15.43
CA ALA A 230 -3.46 -2.79 14.39
C ALA A 230 -2.09 -2.13 14.45
N LEU A 231 -2.05 -0.87 14.83
CA LEU A 231 -0.80 -0.14 14.97
C LEU A 231 -0.11 -0.54 16.25
N ILE A 232 -0.90 -0.80 17.29
CA ILE A 232 -0.34 -1.26 18.58
C ILE A 232 0.33 -2.62 18.35
N LEU A 233 -0.33 -3.47 17.57
CA LEU A 233 0.21 -4.76 17.19
C LEU A 233 1.43 -4.64 16.28
N MET A 234 1.33 -3.83 15.22
CA MET A 234 2.47 -3.72 14.30
C MET A 234 3.73 -3.22 15.03
N HIS A 235 3.55 -2.36 16.03
CA HIS A 235 4.65 -1.90 16.85
C HIS A 235 5.24 -3.10 17.58
N GLU A 236 4.39 -3.96 18.13
CA GLU A 236 4.94 -5.09 18.84
C GLU A 236 5.64 -6.03 17.83
N LEU A 237 5.14 -6.09 16.60
CA LEU A 237 5.72 -6.97 15.56
C LEU A 237 7.12 -6.51 15.11
N ILE A 238 7.41 -5.23 15.33
CA ILE A 238 8.71 -4.65 14.99
C ILE A 238 9.76 -5.12 16.00
N HIS A 239 9.40 -5.16 17.29
CA HIS A 239 10.27 -5.79 18.27
C HIS A 239 10.50 -7.25 17.86
N VAL A 240 9.43 -7.90 17.41
CA VAL A 240 9.47 -9.30 17.00
C VAL A 240 10.43 -9.49 15.87
N LEU A 241 10.35 -8.62 14.86
CA LEU A 241 11.30 -8.66 13.76
C LEU A 241 12.77 -8.51 14.28
N HIS A 242 13.03 -7.56 15.18
CA HIS A 242 14.38 -7.35 15.73
C HIS A 242 14.92 -8.59 16.44
N GLY A 243 14.08 -9.17 17.28
CA GLY A 243 14.44 -10.38 18.00
C GLY A 243 14.70 -11.61 17.12
N LEU A 244 14.03 -11.71 15.97
CA LEU A 244 14.28 -12.79 15.01
C LEU A 244 15.62 -12.66 14.28
N TYR A 245 16.05 -11.43 14.04
CA TYR A 245 17.32 -11.21 13.37
C TYR A 245 18.45 -11.01 14.40
N GLY A 246 18.14 -11.25 15.66
CA GLY A 246 19.12 -11.22 16.72
C GLY A 246 19.69 -9.84 17.04
N ILE A 247 19.03 -8.78 16.57
CA ILE A 247 19.57 -7.43 16.73
C ILE A 247 18.80 -6.59 17.74
N LYS A 248 17.84 -7.21 18.43
CA LYS A 248 17.05 -6.47 19.40
C LYS A 248 17.99 -5.88 20.51
N VAL A 249 17.94 -4.57 20.70
CA VAL A 249 18.91 -3.87 21.56
C VAL A 249 18.89 -4.30 23.02
N ASP A 250 20.06 -4.61 23.57
CA ASP A 250 20.16 -5.10 24.94
C ASP A 250 19.82 -3.96 25.91
N ASP A 251 19.76 -4.29 27.20
CA ASP A 251 19.41 -3.31 28.22
C ASP A 251 20.29 -2.06 28.09
N LEU A 252 19.67 -0.93 27.74
CA LEU A 252 20.33 0.32 27.42
C LEU A 252 19.35 1.49 27.56
N PRO A 253 19.10 1.94 28.80
CA PRO A 253 18.17 3.06 28.98
C PRO A 253 18.76 4.36 28.43
N ILE A 254 17.94 5.18 27.79
CA ILE A 254 18.39 6.41 27.16
C ILE A 254 17.78 7.59 27.90
N VAL A 255 18.63 8.43 28.48
CA VAL A 255 18.24 9.63 29.25
C VAL A 255 18.42 10.94 28.44
N PRO A 256 17.33 11.64 28.12
CA PRO A 256 17.40 12.93 27.39
C PRO A 256 17.99 14.09 28.20
N ASN A 257 18.65 15.03 27.53
CA ASN A 257 19.36 16.08 28.25
C ASN A 257 18.50 17.33 28.35
N GLU A 258 17.22 17.18 28.01
CA GLU A 258 16.28 18.30 27.89
C GLU A 258 14.94 17.75 27.42
N LYS A 259 13.83 18.41 27.74
CA LYS A 259 12.63 18.09 26.99
C LYS A 259 12.83 18.76 25.64
N LYS A 260 12.52 18.02 24.57
CA LYS A 260 12.48 18.60 23.23
C LYS A 260 11.01 18.85 22.88
N PHE A 261 10.77 19.51 21.75
CA PHE A 261 9.43 19.99 21.41
C PHE A 261 8.44 18.83 21.23
N PHE A 262 8.95 17.73 20.70
CA PHE A 262 8.12 16.55 20.42
C PHE A 262 7.88 15.67 21.66
N MET A 263 8.64 15.93 22.72
CA MET A 263 8.52 15.18 23.98
C MET A 263 7.45 15.76 24.92
N GLN A 264 7.01 14.94 25.87
CA GLN A 264 5.96 15.35 26.80
C GLN A 264 6.45 15.05 28.21
N SER A 265 7.28 14.01 28.28
CA SER A 265 7.93 13.56 29.50
C SER A 265 9.43 13.42 29.20
N THR A 266 10.25 13.23 30.21
CA THR A 266 11.70 13.18 30.02
C THR A 266 12.36 11.97 30.68
N ASP A 267 11.53 10.98 30.97
CA ASP A 267 11.96 9.74 31.63
C ASP A 267 12.89 8.94 30.73
N ALA A 268 13.73 8.11 31.34
CA ALA A 268 14.60 7.24 30.57
C ALA A 268 13.76 6.17 29.84
N ILE A 269 14.14 5.86 28.61
CA ILE A 269 13.43 4.90 27.77
C ILE A 269 14.43 3.93 27.14
N GLN A 270 14.09 2.65 27.01
CA GLN A 270 14.99 1.70 26.33
C GLN A 270 15.28 2.12 24.90
N ALA A 271 16.54 2.05 24.51
CA ALA A 271 16.94 2.43 23.15
C ALA A 271 16.17 1.60 22.11
N GLU A 272 15.81 0.37 22.49
CA GLU A 272 15.03 -0.52 21.62
C GLU A 272 13.71 0.18 21.26
N GLU A 273 13.09 0.86 22.23
CA GLU A 273 11.85 1.56 21.96
C GLU A 273 11.96 2.75 21.03
N LEU A 274 13.01 3.55 21.18
CA LEU A 274 13.20 4.73 20.35
C LEU A 274 13.44 4.36 18.89
N TYR A 275 14.24 3.33 18.61
CA TYR A 275 14.40 2.88 17.22
C TYR A 275 13.10 2.32 16.64
N THR A 276 12.36 1.58 17.46
CA THR A 276 11.08 1.03 17.06
C THR A 276 10.04 2.12 16.73
N PHE A 277 10.01 3.18 17.54
CA PHE A 277 9.05 4.28 17.35
C PHE A 277 9.36 5.14 16.12
N GLY A 278 10.63 5.33 15.79
CA GLY A 278 10.99 6.18 14.67
C GLY A 278 10.71 7.65 14.99
N GLY A 279 10.29 8.40 13.97
CA GLY A 279 10.06 9.83 14.14
C GLY A 279 11.34 10.62 14.42
N GLN A 280 11.39 11.32 15.55
CA GLN A 280 12.59 12.07 15.92
C GLN A 280 13.24 11.47 17.16
N ASP A 281 12.61 10.41 17.69
CA ASP A 281 13.03 9.77 18.93
C ASP A 281 14.50 9.30 18.95
N PRO A 282 15.01 8.73 17.83
CA PRO A 282 16.44 8.40 17.87
C PRO A 282 17.43 9.58 17.78
N SER A 283 16.93 10.81 17.58
CA SER A 283 17.83 11.97 17.66
C SER A 283 18.26 12.21 19.12
N ILE A 284 17.50 11.68 20.07
CA ILE A 284 17.86 11.74 21.48
C ILE A 284 19.11 10.91 21.79
N ILE A 285 19.34 9.87 20.99
CA ILE A 285 20.46 8.96 21.24
C ILE A 285 21.73 9.62 20.69
N THR A 286 22.78 9.71 21.52
CA THR A 286 24.04 10.31 21.03
C THR A 286 24.58 9.46 19.91
N PRO A 287 25.29 10.08 18.96
CA PRO A 287 25.86 9.27 17.88
C PRO A 287 26.87 8.25 18.41
N SER A 288 27.48 8.56 19.55
CA SER A 288 28.46 7.67 20.17
C SER A 288 27.87 6.32 20.57
N THR A 289 26.70 6.36 21.21
CA THR A 289 26.01 5.16 21.66
C THR A 289 25.37 4.44 20.47
N ASP A 290 24.92 5.24 19.51
CA ASP A 290 24.37 4.77 18.25
C ASP A 290 25.41 3.97 17.44
N LYS A 291 26.65 4.44 17.43
CA LYS A 291 27.74 3.79 16.68
C LYS A 291 28.11 2.47 17.34
N SER A 292 28.07 2.44 18.66
CA SER A 292 28.44 1.22 19.36
C SER A 292 27.32 0.17 19.25
N ILE A 293 26.08 0.62 19.09
CA ILE A 293 25.04 -0.35 18.86
C ILE A 293 25.30 -0.98 17.50
N TYR A 294 25.61 -0.15 16.51
CA TYR A 294 25.97 -0.62 15.17
C TYR A 294 27.19 -1.55 15.23
N ASP A 295 28.21 -1.16 15.99
CA ASP A 295 29.42 -1.96 16.12
C ASP A 295 29.10 -3.34 16.70
N LYS A 296 28.23 -3.38 17.70
CA LYS A 296 27.92 -4.61 18.39
C LYS A 296 27.17 -5.60 17.50
N VAL A 297 26.26 -5.09 16.68
CA VAL A 297 25.50 -5.96 15.78
C VAL A 297 26.41 -6.63 14.77
N LEU A 298 27.26 -5.82 14.14
CA LEU A 298 28.20 -6.34 13.16
C LEU A 298 29.11 -7.37 13.78
N GLN A 299 29.51 -7.14 15.02
CA GLN A 299 30.33 -8.13 15.69
C GLN A 299 29.54 -9.42 15.89
N ASN A 300 28.25 -9.28 16.19
CA ASN A 300 27.40 -10.45 16.37
C ASN A 300 27.18 -11.20 15.08
N PHE A 301 26.96 -10.45 14.00
CA PHE A 301 26.83 -11.04 12.66
C PHE A 301 28.14 -11.68 12.22
N ARG A 302 29.26 -11.14 12.68
CA ARG A 302 30.54 -11.81 12.41
C ARG A 302 30.59 -13.17 13.09
N GLY A 303 29.95 -13.28 14.25
CA GLY A 303 30.02 -14.50 15.00
C GLY A 303 29.15 -15.54 14.32
N ILE A 304 28.10 -15.08 13.63
CA ILE A 304 27.19 -15.97 12.95
C ILE A 304 27.84 -16.54 11.70
N VAL A 305 28.49 -15.68 10.92
CA VAL A 305 29.06 -16.14 9.66
C VAL A 305 30.23 -17.09 9.96
N ASP A 306 30.92 -16.85 11.08
CA ASP A 306 32.03 -17.70 11.49
C ASP A 306 31.55 -19.11 11.81
N ARG A 307 30.38 -19.20 12.41
CA ARG A 307 29.69 -20.48 12.64
C ARG A 307 29.31 -21.14 11.31
N LEU A 308 28.79 -20.36 10.38
CA LEU A 308 28.30 -20.92 9.12
C LEU A 308 29.44 -21.57 8.34
N ASN A 309 30.64 -21.06 8.54
CA ASN A 309 31.82 -21.69 7.91
C ASN A 309 32.31 -22.92 8.65
N LYS A 310 31.85 -23.13 9.88
CA LYS A 310 32.41 -24.23 10.67
C LYS A 310 31.42 -25.37 10.94
N VAL A 311 30.13 -25.13 10.69
CA VAL A 311 29.12 -26.12 11.03
C VAL A 311 29.27 -27.38 10.15
N LEU A 312 29.33 -28.54 10.80
CA LEU A 312 29.52 -29.83 10.14
C LEU A 312 28.31 -30.74 10.30
N VAL A 313 27.56 -30.52 11.37
CA VAL A 313 26.56 -31.48 11.80
C VAL A 313 25.42 -30.83 12.58
N CYS A 314 24.21 -31.38 12.43
CA CYS A 314 23.13 -31.09 13.35
C CYS A 314 22.94 -32.27 14.31
N ILE A 315 23.15 -32.06 15.62
CA ILE A 315 23.10 -33.17 16.57
C ILE A 315 21.70 -33.56 17.04
N SER A 316 20.67 -32.81 16.67
CA SER A 316 19.39 -33.02 17.33
C SER A 316 18.41 -33.63 16.37
N ASP A 317 18.54 -33.25 15.11
CA ASP A 317 17.57 -33.63 14.13
C ASP A 317 18.22 -34.16 12.86
N PRO A 318 18.18 -35.49 12.67
CA PRO A 318 18.54 -36.00 11.35
C PRO A 318 17.45 -35.47 10.42
N ASN A 319 17.53 -35.67 9.12
CA ASN A 319 16.53 -35.08 8.21
C ASN A 319 16.69 -33.56 8.15
N ILE A 320 17.62 -32.99 8.90
CA ILE A 320 17.94 -31.59 8.69
C ILE A 320 19.04 -31.59 7.67
N ASN A 321 18.86 -30.86 6.57
CA ASN A 321 19.92 -30.72 5.58
C ASN A 321 20.80 -29.51 5.87
N ILE A 322 22.03 -29.78 6.30
CA ILE A 322 22.99 -28.74 6.68
C ILE A 322 23.23 -27.77 5.53
N ASN A 323 23.38 -28.28 4.30
CA ASN A 323 23.59 -27.44 3.12
C ASN A 323 22.46 -26.47 2.83
N ILE A 324 21.23 -26.97 2.94
CA ILE A 324 20.04 -26.18 2.70
C ILE A 324 19.96 -25.01 3.67
N TYR A 325 20.18 -25.32 4.93
CA TYR A 325 20.08 -24.34 6.01
C TYR A 325 21.21 -23.32 6.01
N LYS A 326 22.44 -23.75 5.72
CA LYS A 326 23.54 -22.82 5.54
C LYS A 326 23.14 -21.82 4.49
N ASN A 327 22.45 -22.29 3.46
CA ASN A 327 21.99 -21.37 2.44
C ASN A 327 20.85 -20.47 2.89
N LYS A 328 19.92 -21.00 3.68
CA LYS A 328 18.81 -20.16 4.14
C LYS A 328 19.33 -19.00 4.99
N PHE A 329 20.32 -19.30 5.83
CA PHE A 329 20.90 -18.28 6.69
C PHE A 329 21.75 -17.32 5.89
N LYS A 330 22.35 -17.80 4.80
CA LYS A 330 23.07 -16.89 3.94
C LYS A 330 22.11 -15.84 3.37
N ASP A 331 20.83 -16.18 3.26
CA ASP A 331 19.85 -15.26 2.73
C ASP A 331 19.35 -14.32 3.81
N LYS A 332 19.18 -14.86 5.01
CA LYS A 332 18.65 -14.07 6.12
C LYS A 332 19.55 -12.89 6.43
N TYR A 333 20.85 -13.14 6.43
CA TYR A 333 21.84 -12.19 6.89
C TYR A 333 22.55 -11.49 5.74
N LYS A 334 22.16 -11.81 4.51
CA LYS A 334 22.76 -11.22 3.31
C LYS A 334 24.28 -11.40 3.27
N PHE A 335 24.73 -12.59 3.65
CA PHE A 335 26.15 -12.93 3.57
C PHE A 335 26.55 -13.22 2.12
N VAL A 336 27.81 -12.94 1.81
CA VAL A 336 28.37 -13.20 0.48
C VAL A 336 29.22 -14.48 0.50
N GLU A 337 29.12 -15.29 -0.56
CA GLU A 337 29.88 -16.54 -0.71
C GLU A 337 31.02 -16.44 -1.73
N ASP A 338 32.07 -17.25 -1.56
CA ASP A 338 33.19 -17.28 -2.51
C ASP A 338 33.45 -18.68 -3.04
N SER A 339 34.56 -18.85 -3.75
CA SER A 339 34.84 -20.12 -4.43
C SER A 339 35.15 -21.29 -3.50
N GLU A 340 35.64 -21.01 -2.30
CA GLU A 340 35.79 -22.08 -1.29
C GLU A 340 34.45 -22.64 -0.82
N GLY A 341 33.37 -21.90 -1.11
CA GLY A 341 32.06 -22.19 -0.56
C GLY A 341 31.89 -21.59 0.81
N LYS A 342 32.89 -20.84 1.26
CA LYS A 342 32.84 -20.24 2.57
C LYS A 342 32.31 -18.80 2.51
N TYR A 343 31.48 -18.44 3.48
CA TYR A 343 30.80 -17.16 3.52
C TYR A 343 31.63 -16.03 4.17
N SER A 344 31.24 -14.78 3.93
CA SER A 344 31.86 -13.63 4.59
C SER A 344 30.94 -12.39 4.57
N ILE A 345 31.28 -11.37 5.36
CA ILE A 345 30.43 -10.18 5.39
C ILE A 345 30.85 -9.14 4.36
N ASP A 346 29.87 -8.59 3.66
CA ASP A 346 30.04 -7.37 2.89
C ASP A 346 29.50 -6.21 3.72
N VAL A 347 30.38 -5.28 4.09
CA VAL A 347 29.97 -4.16 4.96
C VAL A 347 28.96 -3.23 4.27
N GLU A 348 29.13 -3.03 2.97
CA GLU A 348 28.18 -2.24 2.22
C GLU A 348 26.81 -2.95 2.19
N SER A 349 26.83 -4.27 2.12
CA SER A 349 25.60 -5.06 2.07
C SER A 349 25.04 -5.28 3.49
N PHE A 350 25.90 -5.14 4.49
CA PHE A 350 25.49 -5.16 5.90
C PHE A 350 24.74 -3.89 6.25
N ASP A 351 25.18 -2.76 5.70
CA ASP A 351 24.57 -1.47 6.01
C ASP A 351 23.16 -1.38 5.47
N LYS A 352 22.92 -2.00 4.31
CA LYS A 352 21.57 -2.00 3.75
C LYS A 352 20.68 -2.80 4.70
N LEU A 353 21.16 -3.97 5.13
CA LEU A 353 20.33 -4.83 5.95
C LEU A 353 20.09 -4.20 7.31
N TYR A 354 21.14 -3.59 7.89
CA TYR A 354 21.04 -2.95 9.20
C TYR A 354 20.05 -1.79 9.21
N LYS A 355 20.10 -0.98 8.17
CA LYS A 355 19.21 0.17 8.05
C LYS A 355 17.73 -0.23 7.90
N SER A 356 17.44 -1.22 7.06
CA SER A 356 16.03 -1.57 6.84
C SER A 356 15.42 -2.15 8.12
N LEU A 357 16.21 -2.95 8.83
CA LEU A 357 15.74 -3.57 10.07
C LEU A 357 15.52 -2.54 11.17
N MET A 358 16.37 -1.51 11.22
CA MET A 358 16.36 -0.62 12.37
C MET A 358 15.53 0.63 12.12
N PHE A 359 15.52 1.11 10.87
CA PHE A 359 14.89 2.36 10.50
C PHE A 359 13.80 2.19 9.43
N GLY A 360 13.79 1.04 8.77
CA GLY A 360 12.79 0.81 7.74
C GLY A 360 11.39 0.60 8.27
N PHE A 361 11.23 -0.18 9.34
CA PHE A 361 9.93 -0.31 9.97
C PHE A 361 9.92 0.40 11.33
N THR A 362 9.18 1.50 11.41
CA THR A 362 8.95 2.17 12.68
C THR A 362 7.46 2.48 12.84
N GLU A 363 7.02 2.71 14.09
CA GLU A 363 5.62 3.05 14.37
C GLU A 363 5.24 4.33 13.64
N THR A 364 6.18 5.27 13.60
CA THR A 364 5.92 6.56 12.99
C THR A 364 5.60 6.43 11.50
N ASN A 365 6.44 5.76 10.72
CA ASN A 365 6.18 5.69 9.27
C ASN A 365 5.01 4.77 8.88
N ILE A 366 4.76 3.78 9.73
CA ILE A 366 3.64 2.87 9.53
C ILE A 366 2.33 3.61 9.77
N ALA A 367 2.31 4.44 10.80
CA ALA A 367 1.14 5.26 11.07
C ALA A 367 0.87 6.20 9.91
N GLU A 368 1.92 6.78 9.36
CA GLU A 368 1.74 7.72 8.27
C GLU A 368 1.20 6.98 7.06
N ASN A 369 1.71 5.78 6.84
CA ASN A 369 1.40 5.02 5.65
C ASN A 369 0.01 4.39 5.68
N TYR A 370 -0.50 4.16 6.89
CA TYR A 370 -1.82 3.55 7.09
C TYR A 370 -2.89 4.59 7.41
N LYS A 371 -2.49 5.86 7.38
CA LYS A 371 -3.32 7.01 7.78
C LYS A 371 -3.91 6.80 9.17
N ILE A 372 -3.05 6.63 10.17
CA ILE A 372 -3.50 6.38 11.54
C ILE A 372 -2.87 7.39 12.48
N LYS A 373 -3.69 8.06 13.28
CA LYS A 373 -3.17 8.99 14.28
C LYS A 373 -2.39 8.27 15.37
N THR A 374 -1.10 8.56 15.51
CA THR A 374 -0.41 8.09 16.70
C THR A 374 0.17 9.29 17.42
N ARG A 375 0.95 9.03 18.47
CA ARG A 375 1.52 10.06 19.32
C ARG A 375 2.77 10.63 18.67
N ALA A 376 3.14 11.83 19.10
CA ALA A 376 4.24 12.57 18.49
C ALA A 376 5.61 12.00 18.87
N SER A 377 5.66 11.25 19.96
CA SER A 377 6.90 10.70 20.44
C SER A 377 6.66 9.57 21.45
N TYR A 378 7.63 8.69 21.61
CA TYR A 378 7.54 7.66 22.64
C TYR A 378 7.63 8.30 24.01
N PHE A 379 8.28 9.47 24.09
CA PHE A 379 8.27 10.25 25.33
C PHE A 379 6.93 10.92 25.54
N SER A 380 5.95 10.11 25.93
CA SER A 380 4.61 10.60 26.20
C SER A 380 4.13 10.01 27.53
N ASP A 381 3.26 10.76 28.20
CA ASP A 381 2.67 10.37 29.48
C ASP A 381 1.79 9.15 29.29
N SER A 382 1.63 8.32 30.33
CA SER A 382 0.59 7.30 30.34
C SER A 382 -0.74 7.95 30.63
N LEU A 383 -1.74 7.67 29.80
CA LEU A 383 -3.09 8.11 30.08
C LEU A 383 -3.93 6.89 30.42
N PRO A 384 -5.08 7.09 31.06
CA PRO A 384 -5.87 5.87 31.30
C PRO A 384 -6.33 5.24 29.98
N PRO A 385 -6.23 3.90 29.88
CA PRO A 385 -6.66 3.24 28.64
C PRO A 385 -8.16 3.16 28.55
N VAL A 386 -8.69 2.98 27.35
CA VAL A 386 -10.11 2.69 27.16
C VAL A 386 -10.34 1.31 26.55
N LYS A 387 -11.61 0.92 26.46
CA LYS A 387 -11.98 -0.37 25.92
C LYS A 387 -12.76 -0.19 24.63
N ILE A 388 -12.25 -0.74 23.53
CA ILE A 388 -13.02 -0.71 22.29
C ILE A 388 -14.15 -1.75 22.32
N LYS A 389 -15.38 -1.27 22.21
CA LYS A 389 -16.58 -2.08 22.44
C LYS A 389 -16.65 -3.34 21.56
N ASN A 390 -16.43 -3.14 20.27
CA ASN A 390 -16.55 -4.26 19.36
C ASN A 390 -15.75 -4.05 18.08
N LEU A 391 -14.50 -4.50 18.08
CA LEU A 391 -13.66 -4.40 16.90
C LEU A 391 -14.17 -5.25 15.75
N LEU A 392 -14.99 -6.26 16.09
CA LEU A 392 -15.52 -7.19 15.10
C LEU A 392 -16.70 -6.57 14.30
N ASP A 393 -17.33 -5.53 14.84
CA ASP A 393 -18.37 -4.76 14.14
C ASP A 393 -17.77 -3.84 13.06
N ASN A 394 -18.11 -4.09 11.81
CA ASN A 394 -17.58 -3.29 10.71
C ASN A 394 -18.15 -1.88 10.59
N GLU A 395 -19.14 -1.54 11.42
CA GLU A 395 -19.62 -0.17 11.45
C GLU A 395 -18.66 0.71 12.23
N ILE A 396 -17.93 0.10 13.16
CA ILE A 396 -16.97 0.79 14.02
C ILE A 396 -15.54 0.68 13.47
N TYR A 397 -15.12 -0.53 13.12
CA TYR A 397 -13.73 -0.76 12.76
C TYR A 397 -13.60 -1.71 11.56
N THR A 398 -12.89 -1.28 10.52
CA THR A 398 -12.71 -2.10 9.34
C THR A 398 -11.23 -2.44 9.06
N ILE A 399 -11.05 -3.39 8.15
CA ILE A 399 -9.77 -3.91 7.72
C ILE A 399 -9.02 -2.88 6.89
N GLU A 400 -9.77 -2.09 6.14
CA GLU A 400 -9.19 -1.17 5.19
C GLU A 400 -8.86 0.17 5.78
N GLU A 401 -9.62 0.61 6.77
CA GLU A 401 -9.42 1.97 7.28
C GLU A 401 -9.52 2.13 8.81
N GLY A 402 -9.69 1.03 9.52
CA GLY A 402 -9.72 1.10 10.98
C GLY A 402 -10.92 1.84 11.50
N PHE A 403 -10.74 2.74 12.46
CA PHE A 403 -11.90 3.50 12.97
C PHE A 403 -12.25 4.67 12.07
N ASN A 404 -11.30 5.06 11.21
CA ASN A 404 -11.39 6.28 10.42
C ASN A 404 -12.07 6.06 9.07
N ILE A 405 -13.32 5.60 9.13
CA ILE A 405 -14.08 5.19 7.95
C ILE A 405 -14.69 6.39 7.20
N SER A 406 -14.36 6.51 5.92
CA SER A 406 -14.88 7.60 5.08
C SER A 406 -16.40 7.60 5.06
N ASP A 407 -16.98 6.42 4.88
CA ASP A 407 -18.43 6.27 4.75
C ASP A 407 -19.24 6.74 5.97
N LYS A 408 -18.57 7.00 7.08
CA LYS A 408 -19.25 7.48 8.26
C LYS A 408 -18.72 8.86 8.62
N ASP A 409 -18.04 9.47 7.65
CA ASP A 409 -17.44 10.81 7.77
C ASP A 409 -16.31 10.83 8.81
N MET A 410 -15.74 9.67 9.07
CA MET A 410 -14.82 9.51 10.17
C MET A 410 -13.37 9.60 9.70
N GLU A 411 -13.18 9.82 8.41
CA GLU A 411 -11.83 9.79 7.84
C GLU A 411 -11.07 11.10 8.05
N LYS A 412 -11.79 12.22 8.05
CA LYS A 412 -11.17 13.54 8.15
C LYS A 412 -10.60 13.79 9.55
N GLU A 413 -9.39 14.32 9.60
CA GLU A 413 -8.70 14.64 10.86
C GLU A 413 -8.69 13.53 11.91
N TYR A 414 -8.79 12.28 11.44
CA TYR A 414 -8.78 11.10 12.29
C TYR A 414 -9.88 11.15 13.35
N ARG A 415 -11.06 11.64 12.98
CA ARG A 415 -12.15 11.78 13.95
C ARG A 415 -12.55 10.42 14.50
N GLY A 416 -12.37 9.38 13.69
CA GLY A 416 -12.63 8.02 14.11
C GLY A 416 -11.87 7.63 15.35
N GLN A 417 -10.71 8.26 15.55
CA GLN A 417 -9.89 8.01 16.73
C GLN A 417 -10.09 9.06 17.83
N ASN A 418 -10.82 10.12 17.50
CA ASN A 418 -11.04 11.22 18.42
C ASN A 418 -12.05 10.91 19.51
N LYS A 419 -11.62 10.97 20.77
CA LYS A 419 -12.46 10.64 21.91
C LYS A 419 -13.68 11.54 22.01
N ALA A 420 -13.55 12.78 21.55
CA ALA A 420 -14.67 13.71 21.58
C ALA A 420 -15.67 13.50 20.42
N ILE A 421 -15.31 12.71 19.43
CA ILE A 421 -16.19 12.52 18.27
C ILE A 421 -16.81 11.12 18.23
N ASN A 422 -15.97 10.10 18.25
CA ASN A 422 -16.40 8.71 18.11
C ASN A 422 -16.60 8.04 19.49
N LYS A 423 -17.56 8.54 20.28
CA LYS A 423 -17.74 8.03 21.64
C LYS A 423 -18.55 6.69 21.62
N GLN A 424 -18.98 6.26 20.44
CA GLN A 424 -19.66 4.98 20.39
C GLN A 424 -18.69 3.83 20.13
N ALA A 425 -17.46 4.17 19.74
CA ALA A 425 -16.42 3.18 19.50
C ALA A 425 -15.91 2.57 20.81
N TYR A 426 -16.03 3.32 21.89
CA TYR A 426 -15.34 2.93 23.12
C TYR A 426 -16.14 3.20 24.38
N GLU A 427 -15.70 2.61 25.49
CA GLU A 427 -16.19 3.04 26.79
C GLU A 427 -15.03 3.25 27.76
N GLU A 428 -15.25 4.06 28.79
CA GLU A 428 -14.23 4.28 29.80
C GLU A 428 -14.14 3.07 30.71
N ILE A 429 -12.91 2.68 31.01
CA ILE A 429 -12.65 1.54 31.86
C ILE A 429 -12.85 1.92 33.32
N SER A 430 -12.84 3.24 33.56
CA SER A 430 -12.96 3.83 34.89
C SER A 430 -12.04 3.19 35.92
N PRO B 7 -9.63 3.41 -3.99
CA PRO B 7 -8.24 3.65 -4.40
C PRO B 7 -8.14 4.07 -5.87
N VAL B 8 -6.96 4.52 -6.29
CA VAL B 8 -6.76 4.98 -7.67
C VAL B 8 -6.28 3.86 -8.60
N THR B 9 -6.94 3.72 -9.74
CA THR B 9 -6.62 2.68 -10.70
C THR B 9 -5.88 3.20 -11.93
N ILE B 10 -4.69 2.68 -12.20
CA ILE B 10 -3.97 3.06 -13.40
C ILE B 10 -4.24 2.02 -14.45
N ASN B 11 -5.01 2.41 -15.46
CA ASN B 11 -5.35 1.44 -16.52
C ASN B 11 -4.15 1.02 -17.36
N ASN B 12 -4.26 -0.16 -17.94
CA ASN B 12 -3.25 -0.65 -18.85
C ASN B 12 -3.86 -0.82 -20.24
N PHE B 13 -3.03 -0.59 -21.24
CA PHE B 13 -3.45 -0.73 -22.62
C PHE B 13 -2.25 -0.61 -23.54
N ASN B 14 -2.43 -1.09 -24.76
CA ASN B 14 -1.44 -0.92 -25.81
C ASN B 14 -1.86 0.18 -26.75
N TYR B 15 -0.91 0.74 -27.49
CA TYR B 15 -1.25 1.85 -28.35
C TYR B 15 -2.17 1.45 -29.48
N ASN B 16 -1.99 0.25 -29.99
CA ASN B 16 -2.80 -0.18 -31.12
C ASN B 16 -4.05 -0.93 -30.69
N ASP B 17 -4.24 -1.11 -29.38
CA ASP B 17 -5.53 -1.59 -28.87
C ASP B 17 -6.63 -0.70 -29.48
N PRO B 18 -7.79 -1.28 -29.79
CA PRO B 18 -8.74 -0.53 -30.60
C PRO B 18 -9.57 0.50 -29.85
N ILE B 19 -10.08 1.48 -30.59
CA ILE B 19 -10.96 2.56 -30.11
C ILE B 19 -12.34 2.09 -29.69
N ASP B 20 -12.54 1.90 -28.39
CA ASP B 20 -13.78 1.30 -27.91
C ASP B 20 -14.72 2.34 -27.29
N ASN B 21 -14.22 3.59 -27.20
CA ASN B 21 -14.89 4.68 -26.46
C ASN B 21 -15.24 4.29 -25.04
N ASN B 22 -14.34 3.54 -24.41
CA ASN B 22 -14.34 3.38 -22.96
C ASN B 22 -13.05 4.00 -22.40
N ASN B 23 -11.91 3.36 -22.68
CA ASN B 23 -10.58 3.86 -22.29
C ASN B 23 -9.82 4.40 -23.50
N ILE B 24 -10.34 4.15 -24.70
CA ILE B 24 -9.73 4.68 -25.92
C ILE B 24 -10.79 5.39 -26.79
N ILE B 25 -10.67 6.70 -26.94
CA ILE B 25 -11.58 7.49 -27.75
C ILE B 25 -10.79 8.29 -28.78
N MET B 26 -11.49 8.89 -29.73
CA MET B 26 -10.89 9.93 -30.57
C MET B 26 -11.36 11.26 -30.01
N MET B 27 -10.40 12.04 -29.49
CA MET B 27 -10.73 13.26 -28.73
C MET B 27 -10.19 14.52 -29.39
N GLU B 28 -11.02 15.55 -29.42
CA GLU B 28 -10.63 16.88 -29.88
C GLU B 28 -10.23 17.69 -28.66
N PRO B 29 -8.93 18.05 -28.55
CA PRO B 29 -8.42 18.75 -27.34
C PRO B 29 -8.87 20.22 -27.30
N PRO B 30 -8.84 20.85 -26.11
CA PRO B 30 -9.42 22.18 -25.89
C PRO B 30 -9.03 23.25 -26.92
N PHE B 31 -7.75 23.38 -27.24
CA PHE B 31 -7.35 24.46 -28.14
C PHE B 31 -7.71 24.13 -29.58
N ALA B 32 -8.16 22.90 -29.80
CA ALA B 32 -8.56 22.46 -31.13
C ALA B 32 -10.09 22.44 -31.27
N ARG B 33 -10.78 23.13 -30.37
CA ARG B 33 -12.24 23.13 -30.32
C ARG B 33 -12.85 23.65 -31.62
N GLY B 34 -13.66 22.81 -32.24
CA GLY B 34 -14.35 23.20 -33.46
C GLY B 34 -13.44 23.16 -34.68
N THR B 35 -12.22 22.63 -34.53
CA THR B 35 -11.30 22.57 -35.66
C THR B 35 -11.38 21.23 -36.37
N GLY B 36 -11.91 20.23 -35.68
CA GLY B 36 -12.05 18.91 -36.25
C GLY B 36 -10.83 18.06 -36.02
N ARG B 37 -9.78 18.63 -35.43
CA ARG B 37 -8.57 17.86 -35.14
C ARG B 37 -8.74 16.90 -33.97
N TYR B 38 -8.99 15.63 -34.27
CA TYR B 38 -9.04 14.62 -33.22
C TYR B 38 -7.74 13.87 -33.22
N TYR B 39 -7.49 13.21 -32.09
CA TYR B 39 -6.26 12.46 -31.87
C TYR B 39 -6.58 11.19 -31.08
N LYS B 40 -5.78 10.14 -31.28
CA LYS B 40 -5.96 8.92 -30.51
C LYS B 40 -5.55 9.15 -29.04
N ALA B 41 -6.53 9.07 -28.13
CA ALA B 41 -6.31 9.37 -26.72
C ALA B 41 -6.61 8.17 -25.82
N PHE B 42 -5.88 8.09 -24.70
CA PHE B 42 -5.93 6.95 -23.81
C PHE B 42 -6.18 7.38 -22.38
N LYS B 43 -7.17 6.77 -21.74
CA LYS B 43 -7.59 7.18 -20.40
C LYS B 43 -6.81 6.42 -19.34
N ILE B 44 -5.72 7.02 -18.83
CA ILE B 44 -4.82 6.34 -17.89
C ILE B 44 -5.47 6.15 -16.55
N THR B 45 -6.40 7.04 -16.23
CA THR B 45 -7.14 7.01 -14.98
C THR B 45 -8.45 7.79 -15.25
N ASP B 46 -9.45 7.69 -14.39
CA ASP B 46 -10.68 8.51 -14.55
C ASP B 46 -10.33 10.02 -14.58
N ARG B 47 -10.89 10.73 -15.57
CA ARG B 47 -10.71 12.18 -15.82
C ARG B 47 -9.33 12.60 -16.36
N ILE B 48 -8.41 11.65 -16.53
CA ILE B 48 -7.06 11.92 -17.05
C ILE B 48 -6.69 11.10 -18.30
N TRP B 49 -6.32 11.80 -19.36
CA TRP B 49 -6.01 11.22 -20.67
C TRP B 49 -4.56 11.47 -21.06
N ILE B 50 -3.99 10.51 -21.76
CA ILE B 50 -2.68 10.68 -22.39
C ILE B 50 -2.88 10.70 -23.89
N ILE B 51 -2.38 11.73 -24.54
CA ILE B 51 -2.42 11.73 -26.00
C ILE B 51 -0.99 11.70 -26.53
N PRO B 52 -0.51 10.51 -26.90
CA PRO B 52 0.90 10.47 -27.31
C PRO B 52 1.15 11.17 -28.66
N GLU B 53 0.94 12.50 -28.68
CA GLU B 53 1.23 13.31 -29.87
C GLU B 53 2.08 14.50 -29.47
N ARG B 54 2.73 15.12 -30.44
CA ARG B 54 3.50 16.33 -30.20
C ARG B 54 2.59 17.53 -30.00
N TYR B 55 3.00 18.41 -29.09
CA TYR B 55 2.26 19.64 -28.81
C TYR B 55 2.69 20.71 -29.81
N THR B 56 1.75 21.22 -30.59
CA THR B 56 2.07 22.13 -31.69
C THR B 56 1.41 23.47 -31.56
N PHE B 57 0.37 23.56 -30.73
CA PHE B 57 -0.42 24.76 -30.67
C PHE B 57 0.41 26.01 -30.32
N GLY B 58 0.41 27.01 -31.20
CA GLY B 58 1.09 28.27 -30.95
C GLY B 58 2.54 28.29 -31.39
N TYR B 59 3.00 27.22 -32.04
CA TYR B 59 4.38 27.19 -32.52
C TYR B 59 4.41 27.22 -34.05
N LYS B 60 5.53 27.63 -34.61
CA LYS B 60 5.70 27.50 -36.06
C LYS B 60 6.13 26.08 -36.27
N PRO B 61 5.67 25.49 -37.38
CA PRO B 61 6.04 24.10 -37.64
C PRO B 61 7.55 23.89 -37.79
N GLU B 62 8.31 24.95 -38.08
CA GLU B 62 9.75 24.77 -38.23
C GLU B 62 10.50 24.98 -36.93
N ASP B 63 9.81 25.39 -35.88
CA ASP B 63 10.42 25.47 -34.55
C ASP B 63 10.93 24.10 -34.12
N PHE B 64 10.24 23.05 -34.58
CA PHE B 64 10.57 21.70 -34.15
C PHE B 64 11.89 21.29 -34.75
N ASN B 65 12.24 21.95 -35.85
CA ASN B 65 13.48 21.67 -36.58
C ASN B 65 14.47 22.82 -36.41
N LYS B 66 14.86 23.13 -35.18
CA LYS B 66 15.85 24.18 -34.96
C LYS B 66 17.26 23.56 -34.89
N SER B 67 18.25 24.32 -35.35
CA SER B 67 19.65 23.90 -35.39
C SER B 67 19.83 22.48 -35.93
N ASN B 72 29.71 23.00 -31.82
CA ASN B 72 30.65 22.78 -30.73
C ASN B 72 30.22 23.49 -29.45
N ARG B 73 28.98 23.99 -29.44
CA ARG B 73 28.43 24.68 -28.28
C ARG B 73 27.39 23.81 -27.58
N ASP B 74 27.11 24.07 -26.31
CA ASP B 74 25.93 23.42 -25.72
C ASP B 74 24.82 24.44 -25.49
N VAL B 75 23.62 24.08 -25.92
CA VAL B 75 22.46 24.93 -25.68
C VAL B 75 21.63 24.23 -24.59
N CYS B 76 20.83 25.04 -23.90
CA CYS B 76 19.93 24.60 -22.85
C CYS B 76 18.68 23.88 -23.38
N GLU B 77 18.35 24.15 -24.65
CA GLU B 77 17.17 23.59 -25.27
C GLU B 77 17.53 22.52 -26.28
N TYR B 78 16.90 21.36 -26.18
CA TYR B 78 17.18 20.32 -27.13
C TYR B 78 16.03 19.92 -28.04
N TYR B 79 16.31 19.83 -29.33
CA TYR B 79 15.29 19.62 -30.34
C TYR B 79 15.43 18.31 -31.06
N ASP B 80 14.31 17.71 -31.39
CA ASP B 80 14.31 16.50 -32.20
C ASP B 80 12.93 16.29 -32.81
N PRO B 81 12.77 16.69 -34.07
CA PRO B 81 11.49 16.59 -34.80
C PRO B 81 11.00 15.14 -34.97
N ASP B 82 11.87 14.15 -34.80
CA ASP B 82 11.50 12.74 -34.98
C ASP B 82 10.93 12.07 -33.75
N TYR B 83 10.88 12.75 -32.62
CA TYR B 83 10.37 12.14 -31.40
C TYR B 83 8.83 11.90 -31.48
N LEU B 84 8.42 10.69 -31.10
CA LEU B 84 7.06 10.17 -31.31
C LEU B 84 6.64 9.96 -32.78
N ASN B 85 7.57 9.78 -33.72
CA ASN B 85 7.17 9.78 -35.14
C ASN B 85 6.75 8.43 -35.76
N THR B 86 6.63 7.39 -34.95
CA THR B 86 6.02 6.14 -35.40
C THR B 86 5.14 5.67 -34.28
N ASN B 87 4.22 4.77 -34.61
CA ASN B 87 3.31 4.24 -33.63
C ASN B 87 4.03 3.49 -32.52
N ASP B 88 5.16 2.87 -32.85
CA ASP B 88 5.95 2.22 -31.83
C ASP B 88 6.63 3.21 -30.86
N LYS B 89 7.19 4.31 -31.37
CA LYS B 89 7.63 5.39 -30.49
C LYS B 89 6.48 5.85 -29.62
N LYS B 90 5.30 6.00 -30.22
CA LYS B 90 4.13 6.39 -29.44
C LYS B 90 3.80 5.38 -28.36
N ASN B 91 3.97 4.10 -28.66
CA ASN B 91 3.57 3.07 -27.69
C ASN B 91 4.49 3.06 -26.48
N ILE B 92 5.79 3.23 -26.72
CA ILE B 92 6.77 3.35 -25.65
C ILE B 92 6.45 4.54 -24.73
N PHE B 93 6.13 5.67 -25.35
CA PHE B 93 5.66 6.84 -24.62
C PHE B 93 4.49 6.55 -23.68
N LEU B 94 3.50 5.81 -24.18
CA LEU B 94 2.31 5.46 -23.42
C LEU B 94 2.67 4.58 -22.23
N GLN B 95 3.42 3.52 -22.50
CA GLN B 95 3.86 2.54 -21.50
C GLN B 95 4.82 3.15 -20.45
N THR B 96 5.73 4.01 -20.88
CA THR B 96 6.56 4.78 -19.97
C THR B 96 5.68 5.64 -19.02
N MET B 97 4.70 6.35 -19.59
CA MET B 97 3.81 7.18 -18.80
C MET B 97 3.02 6.33 -17.81
N ILE B 98 2.57 5.16 -18.27
CA ILE B 98 1.85 4.20 -17.43
C ILE B 98 2.67 3.75 -16.24
N LYS B 99 3.95 3.45 -16.49
CA LYS B 99 4.86 3.06 -15.42
C LYS B 99 5.05 4.22 -14.44
N LEU B 100 5.27 5.43 -14.96
CA LEU B 100 5.40 6.61 -14.09
C LEU B 100 4.19 6.88 -13.20
N PHE B 101 2.97 6.68 -13.71
CA PHE B 101 1.81 6.94 -12.88
C PHE B 101 1.72 5.91 -11.75
N ASN B 102 2.09 4.68 -12.01
CA ASN B 102 2.18 3.69 -10.92
C ASN B 102 3.27 4.04 -9.88
N ARG B 103 4.43 4.49 -10.34
CA ARG B 103 5.46 5.00 -9.44
C ARG B 103 4.83 6.03 -8.50
N ILE B 104 4.10 6.96 -9.09
CA ILE B 104 3.44 8.01 -8.33
C ILE B 104 2.42 7.39 -7.34
N LYS B 105 1.69 6.38 -7.79
CA LYS B 105 0.66 5.74 -6.97
C LYS B 105 1.21 4.96 -5.77
N SER B 106 2.48 4.55 -5.85
CA SER B 106 3.04 3.55 -4.93
C SER B 106 3.37 4.06 -3.53
N LYS B 107 3.28 5.36 -3.30
CA LYS B 107 3.35 5.90 -1.95
C LYS B 107 2.03 6.62 -1.66
N PRO B 108 1.63 6.66 -0.40
CA PRO B 108 0.32 7.23 -0.09
C PRO B 108 0.23 8.73 -0.43
N LEU B 109 1.38 9.43 -0.46
CA LEU B 109 1.40 10.89 -0.66
C LEU B 109 0.97 11.29 -2.05
N GLY B 110 1.42 10.55 -3.05
CA GLY B 110 1.04 10.94 -4.39
C GLY B 110 -0.11 10.11 -4.90
N GLU B 111 -0.51 9.11 -4.12
CA GLU B 111 -1.78 8.48 -4.37
C GLU B 111 -2.82 9.58 -4.17
N LYS B 112 -2.64 10.34 -3.09
CA LYS B 112 -3.51 11.45 -2.73
C LYS B 112 -3.54 12.54 -3.80
N LEU B 113 -2.37 12.84 -4.35
CA LEU B 113 -2.25 13.87 -5.36
C LEU B 113 -3.14 13.50 -6.57
N LEU B 114 -3.00 12.27 -7.06
CA LEU B 114 -3.80 11.82 -8.18
C LEU B 114 -5.28 11.92 -7.85
N GLU B 115 -5.61 11.66 -6.58
CA GLU B 115 -7.00 11.59 -6.14
C GLU B 115 -7.67 12.96 -6.14
N MET B 116 -6.96 13.97 -5.64
CA MET B 116 -7.51 15.30 -5.60
C MET B 116 -7.60 15.88 -7.00
N ILE B 117 -6.72 15.41 -7.88
CA ILE B 117 -6.74 15.80 -9.28
C ILE B 117 -7.98 15.18 -9.93
N ILE B 118 -8.24 13.92 -9.62
CA ILE B 118 -9.38 13.24 -10.20
C ILE B 118 -10.70 13.85 -9.73
N ASN B 119 -10.81 14.15 -8.44
CA ASN B 119 -12.03 14.73 -7.90
C ASN B 119 -12.13 16.23 -8.07
N GLY B 120 -11.04 16.88 -8.42
CA GLY B 120 -11.08 18.32 -8.53
C GLY B 120 -11.72 18.80 -9.82
N ILE B 121 -12.97 18.39 -10.07
CA ILE B 121 -13.58 18.64 -11.38
C ILE B 121 -13.82 20.13 -11.58
N PRO B 122 -13.53 20.62 -12.80
CA PRO B 122 -13.73 22.03 -13.15
C PRO B 122 -15.15 22.49 -12.93
N TYR B 123 -15.30 23.72 -12.46
CA TYR B 123 -16.61 24.30 -12.31
C TYR B 123 -17.28 24.35 -13.69
N LEU B 124 -18.61 24.24 -13.72
CA LEU B 124 -19.33 24.24 -15.00
C LEU B 124 -19.57 25.66 -15.52
N GLY B 125 -18.51 26.26 -16.04
CA GLY B 125 -18.58 27.61 -16.56
C GLY B 125 -17.36 28.44 -16.18
N ASP B 126 -17.31 29.68 -16.69
CA ASP B 126 -16.28 30.63 -16.31
C ASP B 126 -16.90 32.02 -16.14
N ARG B 127 -16.07 33.06 -16.13
CA ARG B 127 -16.54 34.42 -15.84
C ARG B 127 -17.57 34.90 -16.87
N ARG B 128 -17.53 34.32 -18.07
CA ARG B 128 -18.43 34.73 -19.13
C ARG B 128 -19.85 34.20 -18.90
N VAL B 129 -19.99 33.26 -17.95
CA VAL B 129 -21.27 32.58 -17.74
C VAL B 129 -22.01 33.27 -16.58
N PRO B 130 -23.28 33.56 -16.72
CA PRO B 130 -24.01 34.27 -15.70
C PRO B 130 -24.18 33.48 -14.43
N LEU B 131 -24.38 34.14 -13.32
CA LEU B 131 -24.38 33.48 -12.03
C LEU B 131 -25.50 32.49 -11.95
N GLU B 132 -26.50 32.72 -12.73
CA GLU B 132 -27.67 31.87 -12.84
C GLU B 132 -27.44 30.46 -13.40
N GLU B 133 -26.48 30.30 -14.30
CA GLU B 133 -26.38 29.12 -15.10
C GLU B 133 -25.18 28.24 -14.85
N PHE B 134 -25.30 26.98 -15.24
CA PHE B 134 -24.20 26.10 -15.45
C PHE B 134 -24.11 25.98 -16.94
N ASN B 135 -22.94 26.14 -17.52
CA ASN B 135 -22.77 25.89 -18.92
C ASN B 135 -21.61 24.93 -19.11
N THR B 136 -21.83 23.82 -19.77
CA THR B 136 -20.76 22.84 -20.02
C THR B 136 -20.19 22.94 -21.43
N ASN B 137 -20.74 23.85 -22.22
CA ASN B 137 -20.35 23.98 -23.61
C ASN B 137 -19.14 24.89 -23.77
N ILE B 138 -18.11 24.76 -22.91
CA ILE B 138 -16.88 25.52 -23.12
C ILE B 138 -15.61 24.67 -23.02
N ALA B 139 -14.58 25.12 -23.71
CA ALA B 139 -13.38 24.34 -23.91
C ALA B 139 -12.67 23.97 -22.60
N SER B 140 -12.93 24.70 -21.52
CA SER B 140 -12.27 24.39 -20.24
C SER B 140 -13.09 23.43 -19.38
N VAL B 141 -14.31 23.10 -19.84
CA VAL B 141 -15.17 22.15 -19.14
C VAL B 141 -15.31 20.82 -19.92
N THR B 142 -15.32 20.86 -21.25
CA THR B 142 -15.49 19.68 -22.08
C THR B 142 -14.59 19.66 -23.34
N VAL B 143 -14.27 18.44 -23.78
CA VAL B 143 -13.65 18.16 -25.07
C VAL B 143 -14.58 17.33 -25.96
N ASN B 144 -14.41 17.45 -27.27
CA ASN B 144 -15.19 16.67 -28.22
C ASN B 144 -14.74 15.21 -28.36
N LYS B 145 -15.65 14.27 -28.06
CA LYS B 145 -15.42 12.83 -28.35
C LYS B 145 -16.06 12.47 -29.67
N LEU B 146 -15.28 11.94 -30.61
CA LEU B 146 -15.81 11.45 -31.89
C LEU B 146 -16.67 10.20 -31.68
N ILE B 147 -17.98 10.33 -31.85
CA ILE B 147 -18.89 9.26 -31.49
C ILE B 147 -19.29 8.41 -32.73
N SER B 148 -18.91 8.91 -33.90
CA SER B 148 -19.06 8.21 -35.17
C SER B 148 -17.90 7.29 -35.45
N ASN B 149 -18.09 6.32 -36.33
CA ASN B 149 -16.95 5.56 -36.84
C ASN B 149 -16.15 6.50 -37.73
N PRO B 150 -14.82 6.45 -37.62
CA PRO B 150 -13.90 7.34 -38.33
C PRO B 150 -14.07 7.40 -39.85
N GLY B 151 -14.76 6.43 -40.41
CA GLY B 151 -14.97 6.35 -41.84
C GLY B 151 -15.78 7.42 -42.51
N GLU B 152 -16.88 7.82 -41.90
CA GLU B 152 -17.69 8.90 -42.46
C GLU B 152 -18.60 9.56 -41.44
N VAL B 153 -19.28 10.63 -41.85
CA VAL B 153 -20.35 11.30 -41.08
C VAL B 153 -20.07 11.93 -39.67
N GLU B 154 -19.07 12.81 -39.58
CA GLU B 154 -18.53 13.25 -38.30
C GLU B 154 -19.64 13.48 -37.32
N ARG B 155 -19.56 12.83 -36.19
CA ARG B 155 -20.54 13.02 -35.14
C ARG B 155 -19.82 13.05 -33.81
N LYS B 156 -20.22 13.95 -32.93
CA LYS B 156 -19.41 14.14 -31.73
C LYS B 156 -20.22 14.40 -30.46
N LYS B 157 -19.57 14.18 -29.33
CA LYS B 157 -20.20 14.35 -28.02
C LYS B 157 -19.16 14.92 -27.03
N GLY B 158 -19.57 15.90 -26.24
CA GLY B 158 -18.68 16.52 -25.28
C GLY B 158 -18.65 15.71 -24.01
N ILE B 159 -17.47 15.29 -23.60
CA ILE B 159 -17.32 14.61 -22.33
C ILE B 159 -16.48 15.47 -21.41
N PHE B 160 -16.67 15.25 -20.11
CA PHE B 160 -15.86 15.88 -19.08
C PHE B 160 -14.46 15.31 -19.06
N ALA B 161 -13.54 16.08 -18.48
CA ALA B 161 -12.14 15.68 -18.33
C ALA B 161 -11.41 16.72 -17.46
N ASN B 162 -10.31 16.31 -16.85
CA ASN B 162 -9.55 17.21 -15.98
C ASN B 162 -8.16 17.50 -16.51
N LEU B 163 -7.50 16.46 -17.03
CA LEU B 163 -6.12 16.59 -17.45
C LEU B 163 -5.81 15.82 -18.72
N ILE B 164 -5.19 16.45 -19.68
CA ILE B 164 -4.79 15.79 -20.91
C ILE B 164 -3.29 16.02 -21.07
N ILE B 165 -2.49 14.94 -21.03
CA ILE B 165 -1.03 15.03 -21.14
C ILE B 165 -0.56 14.73 -22.56
N PHE B 166 0.11 15.70 -23.21
CA PHE B 166 0.63 15.49 -24.57
C PHE B 166 2.12 15.16 -24.48
N GLY B 167 2.71 14.78 -25.60
CA GLY B 167 4.16 14.70 -25.73
C GLY B 167 4.70 16.11 -25.90
N PRO B 168 6.03 16.24 -26.01
CA PRO B 168 6.68 17.56 -26.06
C PRO B 168 6.31 18.47 -27.24
N GLY B 169 6.48 19.77 -27.02
CA GLY B 169 6.55 20.75 -28.10
C GLY B 169 7.93 20.74 -28.72
N PRO B 170 8.29 21.80 -29.46
CA PRO B 170 9.61 21.93 -30.10
C PRO B 170 10.82 21.62 -29.18
N VAL B 171 10.82 22.13 -27.94
CA VAL B 171 11.90 21.86 -27.00
C VAL B 171 11.44 20.74 -26.10
N LEU B 172 12.13 19.60 -26.19
CA LEU B 172 11.78 18.34 -25.52
C LEU B 172 11.86 18.41 -24.00
N ASN B 173 12.96 18.97 -23.49
CA ASN B 173 13.17 18.95 -22.06
C ASN B 173 12.34 20.05 -21.40
N GLU B 174 11.64 20.85 -22.20
CA GLU B 174 10.81 21.93 -21.66
C GLU B 174 9.39 21.49 -21.29
N ASN B 175 9.28 20.75 -20.19
CA ASN B 175 7.99 20.25 -19.72
C ASN B 175 7.19 21.40 -19.16
N GLU B 176 5.87 21.36 -19.35
CA GLU B 176 5.08 22.52 -18.97
C GLU B 176 3.58 22.23 -18.75
N THR B 177 3.01 22.88 -17.75
CA THR B 177 1.58 22.79 -17.53
C THR B 177 0.89 24.02 -18.07
N ILE B 178 -0.28 23.82 -18.68
CA ILE B 178 -0.92 24.86 -19.48
C ILE B 178 -2.42 25.01 -19.19
N ASP B 179 -2.87 26.23 -18.87
CA ASP B 179 -4.29 26.48 -18.68
C ASP B 179 -4.82 27.27 -19.84
N ILE B 180 -6.15 27.27 -19.94
CA ILE B 180 -6.89 27.90 -21.04
C ILE B 180 -7.25 29.34 -20.73
N GLY B 181 -6.87 30.26 -21.61
CA GLY B 181 -7.21 31.65 -21.39
C GLY B 181 -8.17 32.18 -22.45
N ILE B 182 -9.20 32.91 -21.99
CA ILE B 182 -10.17 33.54 -22.86
C ILE B 182 -10.24 35.03 -22.58
N GLN B 183 -9.96 35.86 -23.59
CA GLN B 183 -10.07 37.31 -23.45
C GLN B 183 -9.29 37.79 -22.23
N ASN B 184 -8.07 37.22 -22.09
CA ASN B 184 -7.09 37.55 -21.05
C ASN B 184 -7.40 37.01 -19.66
N HIS B 185 -8.45 36.21 -19.51
CA HIS B 185 -8.72 35.61 -18.20
C HIS B 185 -8.64 34.08 -18.26
N PHE B 186 -8.28 33.48 -17.14
CA PHE B 186 -8.13 32.04 -17.02
C PHE B 186 -9.04 31.57 -15.93
N ALA B 187 -9.99 30.71 -16.29
CA ALA B 187 -10.86 30.09 -15.30
C ALA B 187 -10.03 29.40 -14.23
N SER B 188 -8.91 28.82 -14.64
CA SER B 188 -8.02 28.10 -13.71
C SER B 188 -7.38 29.00 -12.66
N ARG B 189 -7.52 30.32 -12.82
CA ARG B 189 -6.87 31.25 -11.89
C ARG B 189 -7.94 32.05 -11.16
N GLU B 190 -9.22 31.69 -11.34
CA GLU B 190 -10.30 32.52 -10.80
C GLU B 190 -11.34 31.73 -10.01
N GLY B 191 -10.97 30.64 -9.37
CA GLY B 191 -11.90 29.83 -8.58
C GLY B 191 -12.58 28.64 -9.29
N PHE B 192 -12.79 28.72 -10.59
CA PHE B 192 -13.58 27.73 -11.32
C PHE B 192 -12.84 26.40 -11.48
N GLY B 193 -11.59 26.50 -11.92
CA GLY B 193 -10.85 25.33 -12.34
C GLY B 193 -11.03 25.31 -13.82
N GLY B 194 -10.28 24.47 -14.53
CA GLY B 194 -10.42 24.39 -15.97
C GLY B 194 -9.67 23.15 -16.40
N ILE B 195 -9.95 22.63 -17.58
CA ILE B 195 -9.19 21.50 -18.04
C ILE B 195 -7.73 21.93 -18.15
N MET B 196 -6.86 21.14 -17.54
CA MET B 196 -5.44 21.44 -17.60
C MET B 196 -4.81 20.63 -18.70
N GLN B 197 -3.71 21.15 -19.25
CA GLN B 197 -2.97 20.43 -20.28
C GLN B 197 -1.49 20.38 -19.91
N MET B 198 -0.76 19.44 -20.51
CA MET B 198 0.65 19.25 -20.21
C MET B 198 1.40 18.85 -21.45
N LYS B 199 2.58 19.45 -21.67
CA LYS B 199 3.54 18.90 -22.62
C LYS B 199 4.68 18.31 -21.81
N PHE B 200 4.92 17.02 -22.01
CA PHE B 200 5.79 16.24 -21.15
C PHE B 200 6.65 15.30 -21.96
N CYS B 201 7.90 15.14 -21.55
CA CYS B 201 8.80 14.21 -22.21
C CYS B 201 9.58 13.41 -21.19
N PRO B 202 9.30 12.11 -21.08
CA PRO B 202 9.82 11.40 -19.92
C PRO B 202 11.30 11.03 -19.92
N GLU B 203 12.04 11.01 -21.03
CA GLU B 203 13.42 10.51 -20.96
C GLU B 203 14.48 11.59 -21.13
N TYR B 204 14.09 12.75 -21.61
CA TYR B 204 15.06 13.84 -21.67
C TYR B 204 14.88 14.66 -20.40
N VAL B 205 15.63 14.28 -19.37
CA VAL B 205 15.45 14.85 -18.05
C VAL B 205 16.49 15.90 -17.71
N SER B 206 16.25 16.62 -16.62
CA SER B 206 17.10 17.70 -16.20
C SER B 206 18.24 17.22 -15.33
N VAL B 207 19.32 18.00 -15.33
CA VAL B 207 20.52 17.77 -14.51
C VAL B 207 20.74 18.94 -13.54
N PHE B 208 21.20 18.67 -12.33
CA PHE B 208 21.35 19.75 -11.39
C PHE B 208 22.53 19.56 -10.41
N ASN B 209 23.14 20.67 -10.00
CA ASN B 209 24.26 20.63 -9.05
C ASN B 209 24.03 21.52 -7.84
N ASN B 210 22.90 22.24 -7.83
CA ASN B 210 22.53 23.02 -6.67
C ASN B 210 22.03 22.08 -5.58
N VAL B 211 22.98 21.52 -4.84
CA VAL B 211 22.68 20.69 -3.67
C VAL B 211 23.52 21.18 -2.52
N GLN B 212 22.98 21.02 -1.32
CA GLN B 212 23.65 21.57 -0.16
C GLN B 212 25.06 20.95 0.00
N GLU B 213 25.26 19.69 -0.40
CA GLU B 213 26.60 19.07 -0.27
C GLU B 213 27.69 19.80 -1.09
N ASN B 214 27.31 20.42 -2.19
CA ASN B 214 28.23 21.15 -3.05
C ASN B 214 28.60 22.53 -2.51
N LYS B 215 27.91 22.97 -1.45
CA LYS B 215 27.98 24.37 -1.03
C LYS B 215 29.39 24.83 -0.60
N GLY B 216 30.07 24.00 0.19
CA GLY B 216 31.44 24.27 0.57
C GLY B 216 32.37 23.40 -0.24
N ALA B 217 32.10 23.33 -1.54
CA ALA B 217 32.87 22.45 -2.43
C ALA B 217 33.54 23.19 -3.58
N SER B 218 34.84 22.97 -3.71
CA SER B 218 35.64 23.50 -4.82
C SER B 218 35.09 23.06 -6.17
N ILE B 219 35.54 23.71 -7.23
CA ILE B 219 35.02 23.52 -8.57
C ILE B 219 35.04 22.07 -9.05
N PHE B 220 36.13 21.37 -8.79
CA PHE B 220 36.26 20.03 -9.34
C PHE B 220 35.91 18.96 -8.29
N ASN B 221 35.26 19.37 -7.20
CA ASN B 221 34.79 18.46 -6.17
C ASN B 221 33.27 18.40 -6.06
N ARG B 222 32.57 18.89 -7.06
CA ARG B 222 31.11 18.95 -6.97
C ARG B 222 30.44 17.72 -7.53
N ARG B 223 29.21 17.48 -7.11
CA ARG B 223 28.43 16.39 -7.66
C ARG B 223 27.38 16.89 -8.62
N GLY B 224 27.05 16.03 -9.59
CA GLY B 224 26.02 16.26 -10.57
C GLY B 224 24.99 15.14 -10.55
N TYR B 225 23.71 15.52 -10.54
CA TYR B 225 22.62 14.55 -10.53
C TYR B 225 21.69 14.76 -11.70
N PHE B 226 20.98 13.70 -12.11
CA PHE B 226 19.88 13.88 -13.06
C PHE B 226 18.54 13.53 -12.38
N SER B 227 17.46 14.19 -12.81
CA SER B 227 16.19 14.08 -12.10
C SER B 227 15.51 12.74 -12.31
N ASP B 228 14.68 12.35 -11.35
CA ASP B 228 13.75 11.25 -11.51
C ASP B 228 12.53 11.79 -12.25
N PRO B 229 12.25 11.22 -13.44
CA PRO B 229 11.12 11.59 -14.32
C PRO B 229 9.76 11.62 -13.63
N ALA B 230 9.60 10.78 -12.61
CA ALA B 230 8.36 10.76 -11.84
C ALA B 230 8.17 12.04 -11.03
N LEU B 231 9.26 12.58 -10.49
CA LEU B 231 9.17 13.77 -9.67
C LEU B 231 8.96 14.96 -10.57
N ILE B 232 9.54 14.89 -11.77
CA ILE B 232 9.32 15.93 -12.75
C ILE B 232 7.85 15.97 -13.09
N LEU B 233 7.30 14.79 -13.25
CA LEU B 233 5.88 14.68 -13.57
C LEU B 233 5.07 15.20 -12.40
N MET B 234 5.37 14.71 -11.21
CA MET B 234 4.61 15.10 -10.03
C MET B 234 4.69 16.61 -9.81
N HIS B 235 5.81 17.23 -10.15
CA HIS B 235 5.93 18.68 -10.07
C HIS B 235 4.91 19.28 -11.02
N GLU B 236 4.84 18.73 -12.23
CA GLU B 236 3.88 19.26 -13.20
C GLU B 236 2.46 19.00 -12.72
N LEU B 237 2.27 17.89 -12.02
CA LEU B 237 0.93 17.55 -11.53
C LEU B 237 0.48 18.48 -10.39
N ILE B 238 1.42 19.12 -9.71
CA ILE B 238 1.08 20.07 -8.66
C ILE B 238 0.51 21.33 -9.30
N HIS B 239 1.12 21.78 -10.40
CA HIS B 239 0.51 22.85 -11.18
C HIS B 239 -0.91 22.49 -11.62
N VAL B 240 -1.08 21.26 -12.11
CA VAL B 240 -2.35 20.81 -12.64
C VAL B 240 -3.36 20.91 -11.54
N LEU B 241 -2.98 20.44 -10.36
CA LEU B 241 -3.85 20.53 -9.19
C LEU B 241 -4.27 21.97 -8.90
N HIS B 242 -3.33 22.91 -8.96
CA HIS B 242 -3.68 24.31 -8.72
C HIS B 242 -4.71 24.82 -9.69
N GLY B 243 -4.47 24.58 -10.99
CA GLY B 243 -5.36 25.02 -12.04
C GLY B 243 -6.76 24.41 -12.02
N LEU B 244 -6.86 23.14 -11.57
CA LEU B 244 -8.16 22.46 -11.45
C LEU B 244 -9.00 23.05 -10.31
N TYR B 245 -8.34 23.55 -9.27
CA TYR B 245 -9.09 24.16 -8.18
C TYR B 245 -9.20 25.66 -8.34
N GLY B 246 -8.72 26.17 -9.46
CA GLY B 246 -8.79 27.59 -9.74
C GLY B 246 -7.88 28.51 -8.93
N ILE B 247 -6.80 27.98 -8.34
CA ILE B 247 -5.94 28.82 -7.51
C ILE B 247 -4.59 29.08 -8.15
N LYS B 248 -4.39 28.63 -9.39
CA LYS B 248 -3.09 28.80 -10.01
C LYS B 248 -2.77 30.29 -10.10
N VAL B 249 -1.62 30.65 -9.55
CA VAL B 249 -1.24 32.05 -9.34
C VAL B 249 -1.13 32.83 -10.64
N ASP B 250 -1.79 33.98 -10.73
CA ASP B 250 -1.79 34.73 -11.99
C ASP B 250 -0.39 35.27 -12.21
N ASP B 251 -0.14 35.91 -13.35
CA ASP B 251 1.18 36.44 -13.67
C ASP B 251 1.75 37.34 -12.52
N LEU B 252 2.86 36.88 -11.91
CA LEU B 252 3.40 37.53 -10.70
C LEU B 252 4.87 37.14 -10.53
N PRO B 253 5.76 37.80 -11.30
CA PRO B 253 7.19 37.45 -11.17
C PRO B 253 7.79 37.91 -9.84
N ILE B 254 8.65 37.07 -9.26
CA ILE B 254 9.24 37.36 -7.97
C ILE B 254 10.74 37.57 -8.12
N VAL B 255 11.21 38.78 -7.78
CA VAL B 255 12.63 39.12 -7.89
C VAL B 255 13.32 39.08 -6.54
N PRO B 256 14.23 38.12 -6.36
CA PRO B 256 15.00 38.07 -5.11
C PRO B 256 16.00 39.23 -5.02
N ASN B 257 16.27 39.74 -3.82
CA ASN B 257 17.16 40.89 -3.70
C ASN B 257 18.58 40.55 -3.24
N GLU B 258 18.91 39.27 -3.32
CA GLU B 258 20.17 38.72 -2.83
C GLU B 258 20.17 37.25 -3.15
N LYS B 259 21.33 36.65 -3.33
CA LYS B 259 21.39 35.21 -3.31
C LYS B 259 21.24 34.81 -1.87
N LYS B 260 20.38 33.84 -1.59
CA LYS B 260 20.33 33.24 -0.27
C LYS B 260 21.13 31.95 -0.39
N PHE B 261 21.39 31.26 0.73
CA PHE B 261 22.36 30.15 0.70
C PHE B 261 21.87 29.00 -0.19
N PHE B 262 20.55 28.80 -0.25
CA PHE B 262 19.94 27.72 -1.02
C PHE B 262 19.81 28.01 -2.52
N MET B 263 20.00 29.27 -2.90
CA MET B 263 19.92 29.72 -4.28
C MET B 263 21.23 29.59 -5.06
N GLN B 264 21.10 29.60 -6.38
CA GLN B 264 22.24 29.45 -7.29
C GLN B 264 22.17 30.53 -8.35
N SER B 265 20.94 30.97 -8.62
CA SER B 265 20.70 32.06 -9.55
C SER B 265 19.78 33.10 -8.87
N THR B 266 19.62 34.27 -9.50
CA THR B 266 18.83 35.34 -8.89
C THR B 266 17.79 35.85 -9.89
N ASP B 267 17.49 35.04 -10.89
CA ASP B 267 16.50 35.41 -11.92
C ASP B 267 15.11 35.57 -11.32
N ALA B 268 14.26 36.38 -11.95
CA ALA B 268 12.86 36.49 -11.51
C ALA B 268 12.07 35.19 -11.77
N ILE B 269 11.24 34.82 -10.83
CA ILE B 269 10.50 33.58 -10.96
C ILE B 269 9.04 33.83 -10.62
N GLN B 270 8.15 33.22 -11.40
CA GLN B 270 6.71 33.27 -11.13
C GLN B 270 6.46 32.71 -9.76
N ALA B 271 5.62 33.37 -8.99
CA ALA B 271 5.26 32.91 -7.66
C ALA B 271 4.65 31.51 -7.71
N GLU B 272 3.99 31.20 -8.82
CA GLU B 272 3.37 29.90 -9.01
C GLU B 272 4.45 28.81 -8.86
N GLU B 273 5.62 29.04 -9.45
CA GLU B 273 6.71 28.09 -9.37
C GLU B 273 7.27 27.93 -7.96
N LEU B 274 7.41 29.04 -7.23
CA LEU B 274 8.01 28.97 -5.88
C LEU B 274 7.12 28.19 -4.92
N TYR B 275 5.81 28.41 -4.95
CA TYR B 275 4.91 27.64 -4.10
C TYR B 275 4.93 26.16 -4.47
N THR B 276 4.94 25.88 -5.77
CA THR B 276 5.01 24.50 -6.23
C THR B 276 6.30 23.85 -5.76
N PHE B 277 7.42 24.57 -5.82
CA PHE B 277 8.68 23.94 -5.41
C PHE B 277 8.74 23.74 -3.89
N GLY B 278 8.21 24.68 -3.12
CA GLY B 278 8.25 24.58 -1.68
C GLY B 278 9.64 24.78 -1.10
N GLY B 279 9.96 24.06 -0.02
CA GLY B 279 11.23 24.26 0.64
C GLY B 279 11.29 25.63 1.28
N GLN B 280 12.25 26.45 0.84
CA GLN B 280 12.38 27.82 1.37
C GLN B 280 12.10 28.90 0.31
N ASP B 281 11.77 28.45 -0.89
CA ASP B 281 11.48 29.32 -2.02
C ASP B 281 10.36 30.35 -1.72
N PRO B 282 9.28 29.92 -1.04
CA PRO B 282 8.30 30.99 -0.78
C PRO B 282 8.69 32.01 0.31
N SER B 283 9.79 31.80 1.03
CA SER B 283 10.29 32.82 1.96
C SER B 283 10.90 34.00 1.21
N ILE B 284 11.23 33.79 -0.08
CA ILE B 284 11.67 34.87 -0.97
C ILE B 284 10.53 35.85 -1.19
N ILE B 285 9.30 35.34 -1.05
CA ILE B 285 8.09 36.12 -1.25
C ILE B 285 7.74 36.90 0.01
N THR B 286 7.50 38.20 -0.13
CA THR B 286 7.09 39.03 0.99
C THR B 286 5.73 38.56 1.53
N PRO B 287 5.49 38.74 2.84
CA PRO B 287 4.20 38.33 3.39
C PRO B 287 3.04 39.13 2.78
N SER B 288 3.35 40.36 2.36
CA SER B 288 2.38 41.26 1.75
C SER B 288 1.86 40.66 0.42
N THR B 289 2.78 40.08 -0.35
CA THR B 289 2.47 39.45 -1.61
C THR B 289 1.77 38.12 -1.39
N ASP B 290 2.22 37.40 -0.38
CA ASP B 290 1.61 36.15 0.02
C ASP B 290 0.17 36.44 0.46
N LYS B 291 -0.05 37.57 1.14
CA LYS B 291 -1.37 37.93 1.65
C LYS B 291 -2.34 38.31 0.55
N SER B 292 -1.81 38.97 -0.48
CA SER B 292 -2.65 39.37 -1.57
C SER B 292 -2.98 38.17 -2.48
N ILE B 293 -2.11 37.15 -2.51
CA ILE B 293 -2.48 35.94 -3.23
C ILE B 293 -3.63 35.22 -2.52
N TYR B 294 -3.47 35.02 -1.22
CA TYR B 294 -4.48 34.42 -0.37
C TYR B 294 -5.79 35.21 -0.41
N ASP B 295 -5.70 36.53 -0.38
CA ASP B 295 -6.90 37.36 -0.45
C ASP B 295 -7.66 37.18 -1.75
N LYS B 296 -6.92 37.11 -2.84
CA LYS B 296 -7.50 37.03 -4.17
C LYS B 296 -8.16 35.65 -4.34
N VAL B 297 -7.49 34.63 -3.79
CA VAL B 297 -8.01 33.25 -3.80
C VAL B 297 -9.29 33.13 -2.98
N LEU B 298 -9.29 33.69 -1.77
CA LEU B 298 -10.49 33.64 -0.95
C LEU B 298 -11.61 34.46 -1.63
N GLN B 299 -11.22 35.56 -2.28
CA GLN B 299 -12.17 36.39 -3.01
C GLN B 299 -12.82 35.55 -4.10
N ASN B 300 -12.02 34.71 -4.75
CA ASN B 300 -12.56 33.88 -5.83
C ASN B 300 -13.52 32.82 -5.30
N PHE B 301 -13.18 32.19 -4.17
CA PHE B 301 -14.08 31.21 -3.56
C PHE B 301 -15.41 31.83 -3.13
N ARG B 302 -15.37 33.08 -2.69
CA ARG B 302 -16.59 33.79 -2.31
C ARG B 302 -17.51 33.89 -3.53
N GLY B 303 -16.92 33.97 -4.72
CA GLY B 303 -17.67 34.06 -5.95
C GLY B 303 -18.21 32.71 -6.38
N ILE B 304 -17.51 31.65 -5.99
CA ILE B 304 -17.92 30.32 -6.37
C ILE B 304 -19.17 29.91 -5.59
N VAL B 305 -19.18 30.17 -4.29
CA VAL B 305 -20.31 29.78 -3.44
C VAL B 305 -21.56 30.64 -3.73
N ASP B 306 -21.35 31.91 -4.06
CA ASP B 306 -22.48 32.75 -4.38
C ASP B 306 -23.17 32.27 -5.64
N ARG B 307 -22.38 31.79 -6.59
CA ARG B 307 -22.94 31.18 -7.79
C ARG B 307 -23.75 29.94 -7.44
N LEU B 308 -23.20 29.09 -6.57
CA LEU B 308 -23.85 27.84 -6.24
C LEU B 308 -25.19 28.10 -5.55
N ASN B 309 -25.28 29.21 -4.82
CA ASN B 309 -26.53 29.58 -4.17
C ASN B 309 -27.51 30.18 -5.17
N LYS B 310 -27.00 30.54 -6.34
CA LYS B 310 -27.82 31.22 -7.34
C LYS B 310 -28.07 30.41 -8.61
N VAL B 311 -27.32 29.32 -8.82
CA VAL B 311 -27.47 28.57 -10.06
C VAL B 311 -28.84 27.86 -10.07
N LEU B 312 -29.60 28.08 -11.15
CA LEU B 312 -30.95 27.54 -11.31
C LEU B 312 -31.06 26.54 -12.46
N VAL B 313 -30.18 26.64 -13.45
CA VAL B 313 -30.33 25.88 -14.68
C VAL B 313 -28.99 25.61 -15.38
N CYS B 314 -28.89 24.45 -16.02
CA CYS B 314 -27.82 24.18 -16.98
C CYS B 314 -28.38 24.27 -18.39
N ILE B 315 -27.90 25.23 -19.16
CA ILE B 315 -28.44 25.48 -20.49
C ILE B 315 -27.88 24.57 -21.58
N SER B 316 -26.93 23.72 -21.23
CA SER B 316 -26.16 23.02 -22.25
C SER B 316 -26.53 21.56 -22.26
N ASP B 317 -26.90 21.04 -21.10
CA ASP B 317 -27.16 19.62 -20.90
C ASP B 317 -28.47 19.43 -20.13
N PRO B 318 -29.53 19.00 -20.83
CA PRO B 318 -30.82 18.70 -20.19
C PRO B 318 -30.72 17.58 -19.14
N ASN B 319 -29.71 16.72 -19.25
CA ASN B 319 -29.53 15.56 -18.36
C ASN B 319 -28.60 15.77 -17.15
N ILE B 320 -28.18 17.00 -16.93
CA ILE B 320 -27.40 17.30 -15.74
C ILE B 320 -28.32 17.65 -14.57
N ASN B 321 -28.09 16.99 -13.44
CA ASN B 321 -28.83 17.32 -12.22
C ASN B 321 -28.12 18.44 -11.46
N ILE B 322 -28.77 19.59 -11.44
CA ILE B 322 -28.23 20.79 -10.81
C ILE B 322 -27.93 20.54 -9.33
N ASN B 323 -28.84 19.86 -8.65
CA ASN B 323 -28.68 19.58 -7.22
C ASN B 323 -27.44 18.76 -6.90
N ILE B 324 -27.25 17.69 -7.67
CA ILE B 324 -26.18 16.75 -7.46
C ILE B 324 -24.81 17.40 -7.59
N TYR B 325 -24.67 18.20 -8.64
CA TYR B 325 -23.41 18.83 -8.93
C TYR B 325 -23.10 19.91 -7.88
N LYS B 326 -24.13 20.64 -7.47
CA LYS B 326 -23.98 21.59 -6.38
C LYS B 326 -23.39 20.90 -5.16
N ASN B 327 -23.78 19.65 -4.98
CA ASN B 327 -23.23 18.87 -3.89
C ASN B 327 -21.78 18.44 -4.17
N LYS B 328 -21.47 18.11 -5.41
CA LYS B 328 -20.12 17.77 -5.77
C LYS B 328 -19.16 18.94 -5.55
N PHE B 329 -19.58 20.12 -5.93
CA PHE B 329 -18.78 21.27 -5.69
C PHE B 329 -18.60 21.59 -4.24
N LYS B 330 -19.60 21.39 -3.43
CA LYS B 330 -19.51 21.72 -2.02
C LYS B 330 -18.39 20.95 -1.40
N ASP B 331 -18.23 19.70 -1.85
CA ASP B 331 -17.18 18.83 -1.35
C ASP B 331 -15.81 19.26 -1.86
N LYS B 332 -15.75 19.68 -3.12
CA LYS B 332 -14.49 20.11 -3.69
C LYS B 332 -13.92 21.34 -3.00
N TYR B 333 -14.76 22.29 -2.69
CA TYR B 333 -14.31 23.56 -2.12
C TYR B 333 -14.50 23.57 -0.61
N LYS B 334 -14.98 22.45 -0.06
CA LYS B 334 -15.22 22.32 1.37
C LYS B 334 -16.11 23.43 1.93
N PHE B 335 -17.15 23.78 1.19
CA PHE B 335 -18.15 24.75 1.64
C PHE B 335 -19.05 24.12 2.69
N VAL B 336 -19.57 24.94 3.59
CA VAL B 336 -20.49 24.43 4.60
C VAL B 336 -21.94 24.71 4.20
N GLU B 337 -22.80 23.71 4.36
CA GLU B 337 -24.21 23.84 4.05
C GLU B 337 -25.03 23.90 5.35
N ASP B 338 -26.13 24.62 5.32
CA ASP B 338 -27.02 24.69 6.49
C ASP B 338 -28.50 24.45 6.18
N SER B 339 -29.34 24.75 7.18
CA SER B 339 -30.78 24.50 7.14
C SER B 339 -31.47 25.37 6.11
N GLU B 340 -30.79 26.43 5.71
CA GLU B 340 -31.19 27.24 4.56
C GLU B 340 -31.13 26.41 3.29
N GLY B 341 -30.23 25.41 3.29
CA GLY B 341 -29.89 24.65 2.10
C GLY B 341 -28.90 25.40 1.22
N LYS B 342 -28.53 26.60 1.66
CA LYS B 342 -27.60 27.47 0.97
C LYS B 342 -26.19 27.32 1.58
N TYR B 343 -25.17 27.36 0.71
CA TYR B 343 -23.79 27.16 1.13
C TYR B 343 -23.14 28.48 1.57
N SER B 344 -22.02 28.34 2.28
CA SER B 344 -21.16 29.46 2.65
C SER B 344 -19.78 28.91 3.02
N ILE B 345 -18.78 29.78 3.15
CA ILE B 345 -17.43 29.34 3.48
C ILE B 345 -17.17 29.32 4.98
N ASP B 346 -16.52 28.27 5.46
CA ASP B 346 -15.97 28.28 6.80
C ASP B 346 -14.50 28.67 6.69
N VAL B 347 -14.13 29.79 7.33
CA VAL B 347 -12.80 30.35 7.20
C VAL B 347 -11.72 29.42 7.73
N GLU B 348 -12.06 28.71 8.79
CA GLU B 348 -11.17 27.74 9.39
C GLU B 348 -10.88 26.58 8.42
N SER B 349 -11.90 26.17 7.67
CA SER B 349 -11.80 25.05 6.74
C SER B 349 -11.18 25.49 5.40
N PHE B 350 -11.25 26.79 5.14
CA PHE B 350 -10.62 27.35 3.97
C PHE B 350 -9.10 27.39 4.13
N ASP B 351 -8.64 27.64 5.35
CA ASP B 351 -7.20 27.73 5.56
C ASP B 351 -6.57 26.35 5.40
N LYS B 352 -7.27 25.32 5.87
CA LYS B 352 -6.79 23.95 5.75
C LYS B 352 -6.73 23.52 4.29
N LEU B 353 -7.77 23.82 3.53
CA LEU B 353 -7.78 23.42 2.13
C LEU B 353 -6.70 24.23 1.42
N TYR B 354 -6.64 25.53 1.74
CA TYR B 354 -5.63 26.41 1.11
C TYR B 354 -4.22 25.98 1.45
N LYS B 355 -3.99 25.59 2.69
CA LYS B 355 -2.66 25.13 3.03
C LYS B 355 -2.28 23.85 2.31
N SER B 356 -3.17 22.87 2.26
CA SER B 356 -2.77 21.61 1.64
C SER B 356 -2.52 21.80 0.14
N LEU B 357 -3.37 22.58 -0.52
CA LEU B 357 -3.23 22.79 -1.95
C LEU B 357 -1.95 23.56 -2.26
N MET B 358 -1.60 24.50 -1.40
CA MET B 358 -0.51 25.42 -1.70
C MET B 358 0.81 25.01 -1.03
N PHE B 359 0.76 24.38 0.13
CA PHE B 359 2.00 24.11 0.86
C PHE B 359 2.18 22.63 1.19
N GLY B 360 1.11 21.86 1.11
CA GLY B 360 1.16 20.43 1.35
C GLY B 360 1.78 19.59 0.24
N PHE B 361 1.46 19.90 -1.01
CA PHE B 361 2.10 19.23 -2.14
C PHE B 361 3.14 20.16 -2.74
N THR B 362 4.40 19.87 -2.47
CA THR B 362 5.49 20.59 -3.11
C THR B 362 6.52 19.60 -3.65
N GLU B 363 7.33 20.09 -4.59
CA GLU B 363 8.37 19.25 -5.15
C GLU B 363 9.29 18.84 -4.04
N THR B 364 9.55 19.77 -3.14
CA THR B 364 10.52 19.49 -2.10
C THR B 364 10.08 18.34 -1.22
N ASN B 365 8.89 18.44 -0.63
CA ASN B 365 8.51 17.40 0.33
C ASN B 365 8.12 16.06 -0.32
N ILE B 366 7.68 16.07 -1.58
CA ILE B 366 7.42 14.81 -2.28
C ILE B 366 8.74 14.08 -2.51
N ALA B 367 9.76 14.82 -2.91
CA ALA B 367 11.10 14.24 -3.07
C ALA B 367 11.57 13.63 -1.76
N GLU B 368 11.25 14.31 -0.66
CA GLU B 368 11.65 13.85 0.65
C GLU B 368 10.93 12.54 0.96
N ASN B 369 9.67 12.48 0.55
CA ASN B 369 8.83 11.33 0.84
C ASN B 369 9.11 10.11 -0.05
N TYR B 370 9.62 10.34 -1.25
CA TYR B 370 9.89 9.26 -2.20
C TYR B 370 11.36 8.86 -2.20
N LYS B 371 12.12 9.51 -1.34
CA LYS B 371 13.57 9.39 -1.31
C LYS B 371 14.11 9.72 -2.70
N ILE B 372 13.90 10.95 -3.12
CA ILE B 372 14.37 11.40 -4.41
C ILE B 372 15.23 12.64 -4.30
N LYS B 373 16.45 12.56 -4.85
CA LYS B 373 17.35 13.70 -4.91
C LYS B 373 16.84 14.76 -5.89
N THR B 374 16.54 15.98 -5.40
CA THR B 374 16.30 17.09 -6.33
C THR B 374 17.19 18.29 -5.96
N ARG B 375 16.94 19.43 -6.60
CA ARG B 375 17.75 20.65 -6.43
C ARG B 375 17.33 21.36 -5.16
N ALA B 376 18.20 22.21 -4.63
CA ALA B 376 17.96 22.90 -3.36
C ALA B 376 16.94 24.02 -3.50
N SER B 377 16.73 24.49 -4.71
CA SER B 377 15.86 25.63 -4.89
C SER B 377 15.39 25.70 -6.34
N TYR B 378 14.27 26.37 -6.59
CA TYR B 378 13.86 26.57 -7.97
C TYR B 378 14.87 27.52 -8.61
N PHE B 379 15.47 28.38 -7.78
CA PHE B 379 16.58 29.22 -8.21
C PHE B 379 17.84 28.38 -8.35
N SER B 380 17.89 27.60 -9.42
CA SER B 380 19.06 26.78 -9.74
C SER B 380 19.34 26.96 -11.23
N ASP B 381 20.59 26.80 -11.64
CA ASP B 381 20.96 26.99 -13.04
C ASP B 381 20.33 25.97 -13.95
N SER B 382 20.08 26.38 -15.18
CA SER B 382 19.71 25.45 -16.24
C SER B 382 20.98 24.74 -16.68
N LEU B 383 20.95 23.42 -16.67
CA LEU B 383 22.09 22.66 -17.17
C LEU B 383 21.67 21.92 -18.43
N PRO B 384 22.62 21.46 -19.23
CA PRO B 384 22.18 20.65 -20.37
C PRO B 384 21.52 19.39 -19.84
N PRO B 385 20.39 18.95 -20.45
CA PRO B 385 19.65 17.75 -20.03
C PRO B 385 20.36 16.49 -20.49
N VAL B 386 20.07 15.33 -19.91
CA VAL B 386 20.58 14.07 -20.48
C VAL B 386 19.44 13.15 -20.90
N LYS B 387 19.78 12.05 -21.58
CA LYS B 387 18.76 11.14 -22.06
C LYS B 387 18.86 9.80 -21.35
N ILE B 388 17.77 9.43 -20.67
CA ILE B 388 17.67 8.14 -20.02
C ILE B 388 17.44 6.99 -21.03
N LYS B 389 18.36 6.04 -21.09
CA LYS B 389 18.37 5.02 -22.15
C LYS B 389 17.08 4.19 -22.29
N ASN B 390 16.60 3.70 -21.15
CA ASN B 390 15.47 2.81 -21.10
C ASN B 390 14.76 2.82 -19.76
N LEU B 391 13.72 3.65 -19.63
CA LEU B 391 12.90 3.73 -18.43
C LEU B 391 12.07 2.47 -18.18
N LEU B 392 11.83 1.69 -19.24
CA LEU B 392 11.00 0.50 -19.18
C LEU B 392 11.76 -0.71 -18.62
N ASP B 393 13.08 -0.64 -18.70
CA ASP B 393 14.00 -1.64 -18.15
C ASP B 393 14.06 -1.55 -16.64
N ASN B 394 13.59 -2.59 -15.97
CA ASN B 394 13.59 -2.61 -14.50
C ASN B 394 14.97 -2.80 -13.86
N GLU B 395 16.01 -3.00 -14.68
CA GLU B 395 17.37 -3.04 -14.15
C GLU B 395 17.91 -1.64 -13.85
N ILE B 396 17.38 -0.66 -14.56
CA ILE B 396 17.76 0.73 -14.40
C ILE B 396 16.77 1.50 -13.51
N TYR B 397 15.47 1.32 -13.76
CA TYR B 397 14.47 2.14 -13.09
C TYR B 397 13.24 1.36 -12.65
N THR B 398 12.88 1.47 -11.37
CA THR B 398 11.72 0.75 -10.86
C THR B 398 10.63 1.66 -10.26
N ILE B 399 9.48 1.04 -10.04
CA ILE B 399 8.30 1.70 -9.53
C ILE B 399 8.46 2.09 -8.07
N GLU B 400 9.20 1.27 -7.34
CA GLU B 400 9.29 1.47 -5.91
C GLU B 400 10.43 2.38 -5.52
N GLU B 401 11.46 2.48 -6.35
CA GLU B 401 12.67 3.18 -5.93
C GLU B 401 13.30 4.09 -6.97
N GLY B 402 12.70 4.18 -8.15
CA GLY B 402 13.22 5.06 -9.17
C GLY B 402 14.56 4.51 -9.63
N PHE B 403 15.56 5.35 -9.76
CA PHE B 403 16.87 4.89 -10.20
C PHE B 403 17.62 4.27 -9.02
N ASN B 404 17.17 4.61 -7.80
CA ASN B 404 17.92 4.31 -6.58
C ASN B 404 17.64 2.95 -5.99
N ILE B 405 17.90 1.94 -6.80
CA ILE B 405 17.54 0.57 -6.49
C ILE B 405 18.55 -0.08 -5.53
N SER B 406 18.06 -0.55 -4.39
CA SER B 406 18.90 -1.18 -3.37
C SER B 406 19.67 -2.40 -3.87
N ASP B 407 18.99 -3.28 -4.63
CA ASP B 407 19.64 -4.50 -5.10
C ASP B 407 20.80 -4.23 -6.03
N LYS B 408 20.97 -2.97 -6.44
CA LYS B 408 22.06 -2.65 -7.33
C LYS B 408 23.04 -1.69 -6.66
N ASP B 409 22.91 -1.61 -5.33
CA ASP B 409 23.75 -0.75 -4.48
C ASP B 409 23.55 0.73 -4.79
N MET B 410 22.40 1.04 -5.37
CA MET B 410 22.16 2.36 -5.90
C MET B 410 21.30 3.24 -4.99
N GLU B 411 20.91 2.70 -3.84
CA GLU B 411 20.03 3.44 -2.95
C GLU B 411 20.85 4.43 -2.12
N LYS B 412 22.09 4.08 -1.82
CA LYS B 412 22.90 4.87 -0.88
C LYS B 412 23.31 6.18 -1.50
N GLU B 413 23.18 7.27 -0.76
CA GLU B 413 23.61 8.59 -1.23
C GLU B 413 23.04 9.00 -2.59
N TYR B 414 21.91 8.39 -2.98
CA TYR B 414 21.30 8.65 -4.29
C TYR B 414 22.25 8.41 -5.44
N ARG B 415 23.06 7.35 -5.37
CA ARG B 415 24.01 7.04 -6.44
C ARG B 415 23.28 6.79 -7.76
N GLY B 416 22.06 6.24 -7.66
CA GLY B 416 21.23 5.98 -8.84
C GLY B 416 21.03 7.22 -9.68
N GLN B 417 21.06 8.38 -9.03
CA GLN B 417 20.93 9.68 -9.69
C GLN B 417 22.25 10.41 -9.93
N ASN B 418 23.33 9.92 -9.32
CA ASN B 418 24.64 10.54 -9.44
C ASN B 418 25.24 10.27 -10.82
N LYS B 419 25.51 11.34 -11.56
CA LYS B 419 26.05 11.24 -12.92
C LYS B 419 27.39 10.52 -12.97
N ALA B 420 28.19 10.65 -11.91
CA ALA B 420 29.51 10.00 -11.85
C ALA B 420 29.47 8.51 -11.49
N ILE B 421 28.31 8.05 -11.02
CA ILE B 421 28.13 6.67 -10.58
C ILE B 421 27.32 5.84 -11.57
N ASN B 422 26.11 6.29 -11.90
CA ASN B 422 25.21 5.52 -12.76
C ASN B 422 25.28 5.92 -14.24
N LYS B 423 26.42 5.72 -14.90
CA LYS B 423 26.60 6.17 -16.28
C LYS B 423 26.00 5.14 -17.25
N GLN B 424 25.42 4.08 -16.70
CA GLN B 424 24.80 3.10 -17.55
C GLN B 424 23.33 3.47 -17.77
N ALA B 425 22.83 4.34 -16.92
CA ALA B 425 21.46 4.82 -16.99
C ALA B 425 21.19 5.85 -18.08
N TYR B 426 22.20 6.63 -18.45
CA TYR B 426 21.93 7.81 -19.26
C TYR B 426 22.95 8.02 -20.35
N GLU B 427 22.62 8.87 -21.32
CA GLU B 427 23.56 9.31 -22.34
C GLU B 427 23.57 10.81 -22.39
N GLU B 428 24.68 11.37 -22.85
CA GLU B 428 24.70 12.81 -23.01
C GLU B 428 23.91 13.13 -24.25
N ILE B 429 23.10 14.17 -24.13
CA ILE B 429 22.31 14.68 -25.22
C ILE B 429 23.23 15.53 -26.08
N SER B 430 23.38 15.13 -27.33
CA SER B 430 24.14 15.89 -28.31
C SER B 430 25.45 16.52 -27.74
N VAL C 7 37.01 -38.06 27.27
CA VAL C 7 36.05 -39.13 27.01
C VAL C 7 36.25 -39.77 25.62
N GLN C 8 36.60 -41.06 25.59
CA GLN C 8 36.99 -41.75 24.36
C GLN C 8 35.90 -42.66 23.81
N LEU C 9 35.92 -42.88 22.49
CA LEU C 9 34.99 -43.80 21.83
C LEU C 9 35.71 -44.61 20.77
N VAL C 10 35.39 -45.89 20.73
CA VAL C 10 35.89 -46.83 19.73
C VAL C 10 34.72 -47.57 19.12
N GLU C 11 34.59 -47.52 17.79
CA GLU C 11 33.54 -48.29 17.10
C GLU C 11 34.10 -49.63 16.68
N SER C 12 33.21 -50.62 16.51
CA SER C 12 33.54 -51.92 15.92
C SER C 12 32.30 -52.45 15.17
N GLY C 13 32.51 -53.39 14.24
CA GLY C 13 31.46 -53.94 13.41
C GLY C 13 31.62 -53.46 11.97
N GLY C 14 32.22 -54.28 11.13
CA GLY C 14 32.61 -53.83 9.81
C GLY C 14 32.00 -54.71 8.76
N GLY C 15 31.51 -54.12 7.69
CA GLY C 15 30.71 -54.89 6.77
C GLY C 15 31.08 -54.85 5.30
N LEU C 16 31.00 -56.03 4.69
CA LEU C 16 31.05 -56.20 3.25
C LEU C 16 29.79 -56.93 2.85
N VAL C 17 28.77 -56.79 3.68
CA VAL C 17 27.60 -57.66 3.61
C VAL C 17 26.77 -57.43 2.34
N GLN C 18 26.06 -58.47 1.90
CA GLN C 18 25.14 -58.38 0.77
C GLN C 18 23.96 -57.45 1.01
N SER C 19 23.36 -56.99 -0.08
CA SER C 19 22.21 -56.13 0.03
C SER C 19 21.03 -56.92 0.58
N GLY C 20 20.48 -56.42 1.69
CA GLY C 20 19.42 -57.07 2.43
C GLY C 20 19.88 -57.71 3.73
N GLY C 21 21.19 -57.82 3.90
CA GLY C 21 21.74 -58.42 5.10
C GLY C 21 21.67 -57.42 6.26
N SER C 22 22.21 -57.82 7.41
CA SER C 22 22.18 -56.98 8.62
C SER C 22 23.54 -56.91 9.31
N LEU C 23 23.71 -55.90 10.17
CA LEU C 23 24.97 -55.67 10.89
C LEU C 23 24.71 -55.05 12.26
N ARG C 24 25.59 -55.29 13.23
CA ARG C 24 25.48 -54.63 14.51
C ARG C 24 26.76 -53.83 14.80
N LEU C 25 26.62 -52.51 14.88
CA LEU C 25 27.75 -51.65 15.20
C LEU C 25 27.84 -51.48 16.69
N SER C 26 29.04 -51.22 17.18
CA SER C 26 29.25 -51.12 18.61
C SER C 26 30.10 -49.90 18.89
N CYS C 27 29.74 -49.13 19.91
CA CYS C 27 30.55 -47.97 20.33
C CYS C 27 30.93 -48.06 21.80
N ALA C 28 32.23 -48.21 22.06
CA ALA C 28 32.73 -48.38 23.42
C ALA C 28 33.24 -47.06 24.00
N ALA C 29 32.79 -46.73 25.21
CA ALA C 29 33.15 -45.45 25.81
C ALA C 29 34.07 -45.66 27.02
N SER C 30 34.98 -44.70 27.21
CA SER C 30 35.94 -44.74 28.30
C SER C 30 35.26 -44.43 29.63
N GLY C 31 34.06 -43.85 29.59
CA GLY C 31 33.34 -43.50 30.81
C GLY C 31 31.85 -43.84 30.75
N SER C 32 31.11 -43.39 31.75
CA SER C 32 29.67 -43.58 31.84
C SER C 32 28.88 -42.98 30.68
N ILE C 33 27.93 -43.71 30.12
CA ILE C 33 27.16 -43.19 28.99
C ILE C 33 25.70 -42.85 29.32
N ASP C 34 25.27 -43.19 30.52
CA ASP C 34 23.87 -43.02 30.91
C ASP C 34 23.34 -41.57 30.88
N SER C 35 24.24 -40.61 31.13
CA SER C 35 23.83 -39.22 31.40
C SER C 35 24.19 -38.21 30.31
N LEU C 36 24.90 -38.66 29.28
CA LEU C 36 25.44 -37.75 28.27
C LEU C 36 24.35 -36.90 27.65
N TYR C 37 24.69 -35.67 27.30
CA TYR C 37 23.74 -34.81 26.62
C TYR C 37 23.35 -35.38 25.26
N HIS C 38 24.31 -36.00 24.58
CA HIS C 38 24.14 -36.48 23.22
C HIS C 38 24.98 -37.75 22.91
N MET C 39 24.33 -38.76 22.33
CA MET C 39 25.05 -39.85 21.67
C MET C 39 24.38 -40.10 20.33
N GLY C 40 25.18 -40.27 19.29
CA GLY C 40 24.62 -40.40 17.96
C GLY C 40 25.56 -41.16 17.04
N TRP C 41 24.95 -41.76 16.02
CA TRP C 41 25.65 -42.49 14.98
C TRP C 41 25.64 -41.59 13.72
N TYR C 42 26.81 -41.43 13.12
CA TYR C 42 26.96 -40.60 11.92
C TYR C 42 27.58 -41.43 10.80
N ARG C 43 27.24 -41.13 9.55
CA ARG C 43 27.86 -41.81 8.41
C ARG C 43 28.25 -40.79 7.33
N GLN C 44 29.46 -40.95 6.78
CA GLN C 44 29.92 -40.10 5.68
C GLN C 44 30.26 -40.90 4.44
N ALA C 45 29.50 -40.71 3.36
CA ALA C 45 29.85 -41.38 2.12
C ALA C 45 31.17 -40.82 1.59
N PRO C 46 31.84 -41.58 0.71
CA PRO C 46 33.01 -41.10 -0.06
C PRO C 46 32.76 -39.75 -0.74
N GLY C 47 33.51 -38.72 -0.34
CA GLY C 47 33.41 -37.41 -0.97
C GLY C 47 32.01 -36.83 -0.87
N LYS C 48 31.41 -36.96 0.30
CA LYS C 48 30.07 -36.47 0.55
C LYS C 48 30.09 -35.93 1.99
N GLU C 49 28.99 -35.38 2.48
CA GLU C 49 28.99 -34.84 3.85
C GLU C 49 28.51 -35.86 4.88
N ARG C 50 28.93 -35.66 6.13
CA ARG C 50 28.46 -36.48 7.24
C ARG C 50 26.96 -36.30 7.43
N GLU C 51 26.28 -37.35 7.87
CA GLU C 51 24.86 -37.24 8.21
C GLU C 51 24.62 -37.81 9.59
N LEU C 52 23.58 -37.33 10.25
CA LEU C 52 23.18 -37.94 11.49
C LEU C 52 22.22 -39.06 11.12
N VAL C 53 22.52 -40.27 11.58
CA VAL C 53 21.71 -41.42 11.24
C VAL C 53 20.71 -41.67 12.35
N ALA C 54 21.20 -41.69 13.60
CA ALA C 54 20.39 -41.98 14.78
C ALA C 54 20.94 -41.29 16.03
N ARG C 55 20.05 -40.84 16.91
CA ARG C 55 20.45 -40.02 18.04
C ARG C 55 19.78 -40.44 19.33
N VAL C 56 20.45 -40.30 20.47
CA VAL C 56 19.77 -40.44 21.76
C VAL C 56 20.01 -39.22 22.62
N GLN C 57 18.98 -38.79 23.35
CA GLN C 57 19.08 -37.60 24.16
C GLN C 57 19.17 -37.99 25.63
N ASP C 58 19.53 -37.02 26.47
CA ASP C 58 19.83 -37.28 27.89
C ASP C 58 18.70 -38.01 28.65
N GLY C 59 17.46 -37.85 28.21
CA GLY C 59 16.33 -38.59 28.74
C GLY C 59 16.15 -39.98 28.13
N GLY C 60 16.57 -40.11 26.89
CA GLY C 60 16.47 -41.35 26.15
C GLY C 60 15.56 -41.23 24.94
N SER C 61 15.17 -40.00 24.62
CA SER C 61 14.46 -39.75 23.38
C SER C 61 15.42 -40.05 22.25
N THR C 62 14.96 -40.89 21.33
CA THR C 62 15.78 -41.36 20.22
C THR C 62 15.14 -40.92 18.94
N ALA C 63 15.97 -40.55 17.97
CA ALA C 63 15.52 -40.11 16.66
C ALA C 63 16.29 -40.80 15.53
N TYR C 64 15.66 -40.90 14.36
CA TYR C 64 16.28 -41.59 13.23
C TYR C 64 16.14 -40.80 11.94
N LYS C 65 17.11 -40.91 11.05
CA LYS C 65 16.94 -40.37 9.71
C LYS C 65 15.77 -41.14 9.06
N ASP C 66 14.99 -40.48 8.21
CA ASP C 66 13.81 -41.09 7.60
C ASP C 66 14.22 -42.29 6.78
N SER C 67 15.30 -42.09 6.05
CA SER C 67 15.86 -43.07 5.14
C SER C 67 16.26 -44.37 5.84
N VAL C 68 16.35 -44.37 7.17
CA VAL C 68 16.69 -45.62 7.86
C VAL C 68 15.64 -46.16 8.84
N LYS C 69 14.51 -45.49 9.00
CA LYS C 69 13.52 -45.96 9.97
C LYS C 69 12.93 -47.34 9.59
N GLY C 70 12.71 -48.13 10.63
CA GLY C 70 12.21 -49.48 10.50
C GLY C 70 13.38 -50.45 10.53
N ARG C 71 14.51 -50.01 9.99
CA ARG C 71 15.65 -50.89 9.77
C ARG C 71 16.72 -50.79 10.86
N PHE C 72 17.04 -49.55 11.27
CA PHE C 72 18.10 -49.31 12.25
C PHE C 72 17.48 -49.03 13.60
N THR C 73 18.04 -49.63 14.64
CA THR C 73 17.59 -49.37 16.00
C THR C 73 18.77 -49.09 16.95
N ILE C 74 18.71 -47.99 17.70
CA ILE C 74 19.73 -47.71 18.71
C ILE C 74 19.45 -48.49 19.98
N SER C 75 20.51 -49.11 20.52
CA SER C 75 20.49 -49.87 21.76
C SER C 75 21.50 -49.24 22.72
N ARG C 76 21.47 -49.58 24.01
CA ARG C 76 22.41 -49.02 24.99
C ARG C 76 22.64 -49.93 26.18
N ASP C 77 23.90 -50.33 26.41
CA ASP C 77 24.25 -51.13 27.59
C ASP C 77 25.04 -50.23 28.53
N PHE C 78 24.42 -49.79 29.62
CA PHE C 78 25.09 -48.85 30.52
C PHE C 78 26.23 -49.51 31.27
N SER C 79 25.95 -50.70 31.79
CA SER C 79 26.87 -51.45 32.64
C SER C 79 28.19 -51.75 31.91
N ARG C 80 28.13 -51.84 30.59
CA ARG C 80 29.32 -51.99 29.77
C ARG C 80 29.74 -50.68 29.11
N SER C 81 28.98 -49.62 29.37
CA SER C 81 29.15 -48.32 28.71
C SER C 81 29.31 -48.43 27.18
N THR C 82 28.30 -48.97 26.50
CA THR C 82 28.41 -49.19 25.05
C THR C 82 27.12 -48.87 24.31
N MET C 83 27.25 -48.24 23.14
CA MET C 83 26.08 -47.96 22.31
C MET C 83 26.13 -48.74 21.00
N TYR C 84 25.06 -49.47 20.73
CA TYR C 84 24.99 -50.27 19.53
C TYR C 84 24.08 -49.65 18.49
N LEU C 85 24.42 -49.85 17.23
CA LEU C 85 23.49 -49.60 16.13
C LEU C 85 23.25 -50.94 15.41
N GLN C 86 22.01 -51.42 15.50
CA GLN C 86 21.58 -52.66 14.87
C GLN C 86 20.87 -52.35 13.54
N MET C 87 21.59 -52.57 12.44
CA MET C 87 21.11 -52.26 11.10
C MET C 87 20.62 -53.51 10.41
N ASN C 88 19.34 -53.55 10.07
CA ASN C 88 18.82 -54.66 9.26
C ASN C 88 18.40 -54.18 7.88
N SER C 89 18.35 -55.14 6.94
CA SER C 89 17.90 -54.91 5.58
C SER C 89 18.70 -53.81 4.91
N LEU C 90 20.02 -53.85 5.06
CA LEU C 90 20.86 -52.77 4.53
C LEU C 90 20.82 -52.73 3.03
N LYS C 91 20.74 -51.52 2.48
CA LYS C 91 20.72 -51.38 1.04
C LYS C 91 22.09 -50.84 0.68
N PRO C 92 22.43 -50.87 -0.62
CA PRO C 92 23.70 -50.30 -1.06
C PRO C 92 23.87 -48.84 -0.67
N GLU C 93 22.75 -48.12 -0.49
CA GLU C 93 22.81 -46.70 -0.15
C GLU C 93 23.38 -46.43 1.25
N ASP C 94 23.44 -47.47 2.09
CA ASP C 94 23.93 -47.33 3.45
C ASP C 94 25.44 -47.47 3.51
N THR C 95 26.10 -47.47 2.35
CA THR C 95 27.54 -47.65 2.31
C THR C 95 28.28 -46.38 2.69
N ALA C 96 28.96 -46.43 3.83
CA ALA C 96 29.75 -45.30 4.29
C ALA C 96 30.57 -45.70 5.48
N ILE C 97 31.47 -44.81 5.89
CA ILE C 97 32.15 -44.93 7.17
C ILE C 97 31.25 -44.41 8.30
N TYR C 98 30.96 -45.28 9.25
CA TYR C 98 30.08 -44.93 10.37
C TYR C 98 30.86 -44.50 11.64
N TYR C 99 30.58 -43.30 12.13
CA TYR C 99 31.19 -42.80 13.37
C TYR C 99 30.22 -42.87 14.55
N CYS C 100 30.74 -42.56 15.72
CA CYS C 100 29.95 -42.54 16.94
C CYS C 100 30.49 -41.37 17.76
N ALA C 101 29.60 -40.42 18.05
CA ALA C 101 30.04 -39.23 18.75
C ALA C 101 29.27 -39.06 20.04
N ALA C 102 29.84 -38.32 20.97
CA ALA C 102 29.20 -38.13 22.25
C ALA C 102 29.48 -36.73 22.73
N LYS C 103 28.48 -36.13 23.38
CA LYS C 103 28.59 -34.79 23.96
C LYS C 103 28.25 -34.88 25.43
N SER C 104 29.16 -34.41 26.26
CA SER C 104 28.97 -34.54 27.69
C SER C 104 27.89 -33.55 28.16
N THR C 105 27.86 -32.36 27.54
CA THR C 105 26.85 -31.32 27.83
C THR C 105 26.48 -30.63 26.53
N ILE C 106 25.49 -29.72 26.59
CA ILE C 106 25.14 -28.93 25.42
C ILE C 106 26.35 -28.14 24.89
N SER C 107 27.35 -27.88 25.75
CA SER C 107 28.49 -27.05 25.37
C SER C 107 29.77 -27.85 25.16
N THR C 108 29.82 -29.04 25.72
CA THR C 108 30.94 -29.92 25.45
C THR C 108 30.99 -30.23 23.96
N PRO C 109 32.13 -29.96 23.30
CA PRO C 109 32.18 -30.32 21.88
C PRO C 109 32.14 -31.83 21.70
N LEU C 110 31.76 -32.26 20.50
CA LEU C 110 31.72 -33.69 20.16
C LEU C 110 33.08 -34.34 20.22
N SER C 111 33.17 -35.45 20.94
CA SER C 111 34.33 -36.32 20.77
C SER C 111 33.93 -37.47 19.84
N TRP C 112 34.73 -37.68 18.81
CA TRP C 112 34.42 -38.69 17.79
C TRP C 112 35.26 -39.95 17.97
N GLY C 113 34.82 -41.02 17.32
CA GLY C 113 35.59 -42.24 17.24
C GLY C 113 36.28 -42.19 15.90
N GLN C 114 37.17 -43.14 15.68
CA GLN C 114 37.90 -43.27 14.41
C GLN C 114 37.04 -43.73 13.24
N GLY C 115 35.94 -44.40 13.54
CA GLY C 115 35.00 -44.83 12.52
C GLY C 115 35.09 -46.32 12.26
N THR C 116 34.07 -46.85 11.58
CA THR C 116 34.03 -48.25 11.17
C THR C 116 33.31 -48.30 9.83
N GLN C 117 33.82 -49.09 8.90
CA GLN C 117 33.32 -49.04 7.53
C GLN C 117 32.21 -50.03 7.21
N VAL C 118 31.33 -49.64 6.31
CA VAL C 118 30.19 -50.46 5.93
C VAL C 118 30.02 -50.42 4.41
N THR C 119 30.12 -51.59 3.79
CA THR C 119 30.00 -51.71 2.36
C THR C 119 28.85 -52.61 2.07
N VAL C 120 28.01 -52.23 1.14
CA VAL C 120 26.80 -52.99 0.89
C VAL C 120 26.56 -53.36 -0.58
N SER C 121 27.15 -54.46 -1.04
CA SER C 121 27.01 -54.91 -2.42
C SER C 121 25.57 -54.82 -2.91
N SER D 5 -3.94 -9.99 48.95
CA SER D 5 -4.67 -10.88 48.07
C SER D 5 -3.96 -12.21 47.98
N GLN D 6 -4.63 -13.30 48.35
CA GLN D 6 -4.04 -14.64 48.20
C GLN D 6 -4.99 -15.76 47.75
N VAL D 7 -4.38 -16.88 47.42
CA VAL D 7 -5.06 -18.03 46.84
C VAL D 7 -5.64 -18.92 47.94
N GLN D 8 -6.78 -19.53 47.66
CA GLN D 8 -7.32 -20.52 48.56
C GLN D 8 -7.81 -21.74 47.80
N LEU D 9 -7.40 -22.91 48.28
CA LEU D 9 -7.82 -24.18 47.73
C LEU D 9 -8.36 -24.99 48.88
N VAL D 10 -9.66 -25.24 48.89
CA VAL D 10 -10.24 -26.06 49.95
C VAL D 10 -10.94 -27.30 49.37
N GLU D 11 -10.46 -28.48 49.75
CA GLU D 11 -10.98 -29.71 49.18
C GLU D 11 -11.98 -30.41 50.11
N SER D 12 -12.84 -31.23 49.50
CA SER D 12 -13.91 -31.98 50.17
C SER D 12 -14.04 -33.37 49.53
N GLY D 13 -14.68 -34.30 50.24
CA GLY D 13 -14.97 -35.64 49.70
C GLY D 13 -14.15 -36.72 50.37
N GLY D 14 -14.42 -36.97 51.64
CA GLY D 14 -13.44 -37.71 52.41
C GLY D 14 -13.95 -38.88 53.20
N GLY D 15 -13.01 -39.72 53.62
CA GLY D 15 -13.30 -40.79 54.55
C GLY D 15 -13.46 -42.17 53.96
N LEU D 16 -13.66 -43.13 54.85
CA LEU D 16 -13.75 -44.53 54.50
C LEU D 16 -14.86 -44.82 53.53
N VAL D 17 -14.55 -45.64 52.54
CA VAL D 17 -15.56 -46.31 51.75
C VAL D 17 -14.94 -47.69 51.65
N GLN D 18 -15.77 -48.69 51.37
CA GLN D 18 -15.26 -50.04 51.26
C GLN D 18 -14.60 -50.31 49.90
N PRO D 19 -13.62 -51.20 49.88
CA PRO D 19 -12.97 -51.58 48.63
C PRO D 19 -13.76 -52.67 47.91
N GLY D 20 -14.08 -52.43 46.63
CA GLY D 20 -13.68 -51.21 45.97
C GLY D 20 -14.89 -50.39 45.62
N GLY D 21 -15.11 -49.32 46.37
CA GLY D 21 -16.23 -48.43 46.12
C GLY D 21 -15.85 -47.28 45.20
N SER D 22 -16.68 -46.26 45.18
CA SER D 22 -16.37 -45.01 44.49
C SER D 22 -16.40 -43.85 45.46
N LEU D 23 -15.69 -42.78 45.13
CA LEU D 23 -15.72 -41.56 45.91
C LEU D 23 -15.40 -40.38 44.99
N ARG D 24 -16.14 -39.29 45.12
CA ARG D 24 -15.81 -38.07 44.38
C ARG D 24 -15.12 -37.11 45.31
N LEU D 25 -14.00 -36.57 44.86
CA LEU D 25 -13.31 -35.52 45.60
C LEU D 25 -13.54 -34.21 44.90
N SER D 26 -13.42 -33.13 45.63
CA SER D 26 -13.70 -31.84 45.05
C SER D 26 -12.76 -30.81 45.63
N CYS D 27 -12.57 -29.70 44.92
CA CYS D 27 -11.73 -28.61 45.41
C CYS D 27 -12.21 -27.25 44.91
N ALA D 28 -12.44 -26.34 45.85
CA ALA D 28 -12.91 -24.99 45.51
C ALA D 28 -11.75 -23.99 45.51
N ALA D 29 -11.59 -23.26 44.42
CA ALA D 29 -10.46 -22.34 44.31
C ALA D 29 -10.94 -20.89 44.36
N SER D 30 -10.17 -20.06 45.06
CA SER D 30 -10.46 -18.64 45.16
C SER D 30 -9.17 -17.85 45.20
N GLY D 31 -9.25 -16.60 44.75
CA GLY D 31 -8.12 -15.68 44.87
C GLY D 31 -7.25 -15.55 43.65
N PHE D 32 -7.58 -16.26 42.57
CA PHE D 32 -6.81 -16.20 41.33
C PHE D 32 -7.67 -16.75 40.18
N PRO D 33 -7.31 -16.43 38.91
CA PRO D 33 -8.03 -16.96 37.74
C PRO D 33 -7.81 -18.46 37.51
N PHE D 34 -8.69 -19.27 38.09
CA PHE D 34 -8.65 -20.72 38.01
C PHE D 34 -8.48 -21.29 36.61
N HIS D 35 -9.23 -20.74 35.66
CA HIS D 35 -9.26 -21.20 34.27
C HIS D 35 -7.94 -21.09 33.54
N ALA D 36 -6.99 -20.41 34.15
CA ALA D 36 -5.76 -20.10 33.44
C ALA D 36 -4.61 -20.97 33.93
N TYR D 37 -4.91 -21.97 34.74
CA TYR D 37 -3.86 -22.76 35.35
C TYR D 37 -4.11 -24.25 35.25
N TYR D 38 -3.05 -24.99 34.95
CA TYR D 38 -3.08 -26.43 35.09
C TYR D 38 -3.27 -26.76 36.57
N MET D 39 -3.98 -27.84 36.87
CA MET D 39 -4.21 -28.25 38.27
C MET D 39 -3.86 -29.74 38.45
N SER D 40 -3.37 -30.09 39.64
CA SER D 40 -2.96 -31.47 39.97
C SER D 40 -3.57 -31.97 41.29
N TRP D 41 -3.86 -33.28 41.34
CA TRP D 41 -4.19 -33.96 42.60
C TRP D 41 -2.96 -34.75 43.02
N VAL D 42 -2.55 -34.59 44.28
CA VAL D 42 -1.44 -35.35 44.82
C VAL D 42 -1.86 -35.94 46.16
N ARG D 43 -1.39 -37.15 46.47
CA ARG D 43 -1.81 -37.81 47.71
C ARG D 43 -0.62 -38.18 48.61
N GLN D 44 -0.80 -38.11 49.92
CA GLN D 44 0.21 -38.69 50.82
C GLN D 44 -0.31 -39.86 51.65
N ALA D 45 0.35 -41.01 51.46
CA ALA D 45 0.04 -42.26 52.15
C ALA D 45 0.96 -42.49 53.34
N PRO D 46 0.52 -43.31 54.33
CA PRO D 46 1.32 -43.65 55.50
C PRO D 46 2.68 -44.25 55.17
N GLY D 47 3.75 -43.63 55.70
CA GLY D 47 5.11 -44.11 55.53
C GLY D 47 5.69 -43.86 54.15
N LYS D 48 4.83 -43.62 53.18
CA LYS D 48 5.27 -43.44 51.80
C LYS D 48 5.47 -41.94 51.53
N GLY D 49 6.29 -41.63 50.53
CA GLY D 49 6.51 -40.25 50.14
C GLY D 49 5.32 -39.66 49.41
N LEU D 50 5.45 -38.41 49.00
CA LEU D 50 4.34 -37.73 48.34
C LEU D 50 4.20 -38.30 46.94
N GLU D 51 2.97 -38.50 46.47
CA GLU D 51 2.75 -39.10 45.15
C GLU D 51 1.73 -38.32 44.32
N TRP D 52 2.15 -37.93 43.12
CA TRP D 52 1.28 -37.24 42.17
C TRP D 52 0.26 -38.20 41.55
N VAL D 53 -1.02 -37.82 41.58
CA VAL D 53 -2.10 -38.66 41.06
C VAL D 53 -2.50 -38.34 39.62
N SER D 54 -2.87 -37.09 39.36
CA SER D 54 -3.38 -36.65 38.03
C SER D 54 -3.25 -35.15 37.78
N HIS D 55 -3.23 -34.71 36.50
CA HIS D 55 -3.37 -33.28 36.21
C HIS D 55 -4.22 -32.97 34.98
N ILE D 56 -4.69 -31.72 34.92
CA ILE D 56 -5.57 -31.30 33.84
C ILE D 56 -5.26 -29.86 33.43
N GLY D 57 -5.23 -29.62 32.13
CA GLY D 57 -4.93 -28.31 31.61
C GLY D 57 -6.05 -27.29 31.72
N ASN D 58 -5.74 -26.04 31.34
CA ASN D 58 -6.63 -24.89 31.54
C ASN D 58 -8.08 -25.17 31.11
N GLY D 59 -8.19 -25.68 29.89
CA GLY D 59 -9.47 -25.95 29.24
C GLY D 59 -9.96 -27.38 29.29
N GLY D 60 -9.30 -28.25 30.06
CA GLY D 60 -9.72 -29.62 30.23
C GLY D 60 -9.37 -30.57 29.07
N ILE D 61 -8.70 -30.06 28.02
CA ILE D 61 -8.34 -30.95 26.94
C ILE D 61 -7.26 -31.94 27.36
N ILE D 62 -6.29 -31.47 28.15
CA ILE D 62 -5.18 -32.35 28.56
C ILE D 62 -5.38 -32.99 29.93
N THR D 63 -5.36 -34.31 29.95
CA THR D 63 -5.47 -35.06 31.19
C THR D 63 -4.31 -36.04 31.28
N ARG D 64 -3.73 -36.18 32.47
CA ARG D 64 -2.65 -37.15 32.70
C ARG D 64 -2.87 -37.85 34.01
N TYR D 65 -2.62 -39.15 34.05
CA TYR D 65 -2.76 -39.93 35.29
C TYR D 65 -1.51 -40.72 35.60
N ALA D 66 -1.31 -40.97 36.88
CA ALA D 66 -0.31 -41.94 37.29
C ALA D 66 -0.77 -43.34 36.86
N ASP D 67 0.17 -44.25 36.63
CA ASP D 67 -0.20 -45.58 36.13
C ASP D 67 -0.87 -46.37 37.23
N SER D 68 -0.55 -45.97 38.46
CA SER D 68 -1.14 -46.47 39.68
C SER D 68 -2.68 -46.31 39.75
N VAL D 69 -3.22 -45.28 39.10
CA VAL D 69 -4.66 -45.05 39.18
C VAL D 69 -5.36 -44.92 37.84
N LYS D 70 -4.65 -45.29 36.77
CA LYS D 70 -5.08 -44.94 35.42
C LYS D 70 -6.42 -45.51 34.99
N GLY D 71 -6.65 -46.80 35.17
CA GLY D 71 -7.91 -47.36 34.74
C GLY D 71 -9.11 -46.92 35.55
N ARG D 72 -8.83 -46.27 36.67
CA ARG D 72 -9.82 -46.06 37.71
C ARG D 72 -10.22 -44.61 38.00
N PHE D 73 -9.28 -43.66 37.91
CA PHE D 73 -9.60 -42.28 38.23
C PHE D 73 -9.81 -41.43 37.00
N THR D 74 -10.75 -40.50 37.10
CA THR D 74 -10.89 -39.46 36.10
C THR D 74 -10.80 -38.08 36.78
N ILE D 75 -10.16 -37.16 36.07
CA ILE D 75 -9.86 -35.83 36.55
C ILE D 75 -10.79 -34.84 35.83
N SER D 76 -11.46 -33.97 36.57
CA SER D 76 -12.34 -32.94 35.97
C SER D 76 -12.25 -31.58 36.58
N ARG D 77 -12.49 -30.58 35.74
CA ARG D 77 -12.60 -29.20 36.18
C ARG D 77 -13.84 -28.54 35.59
N ASP D 78 -14.36 -27.59 36.35
CA ASP D 78 -15.43 -26.71 35.92
C ASP D 78 -14.98 -25.29 36.17
N ASN D 79 -14.53 -24.61 35.11
CA ASN D 79 -14.00 -23.25 35.25
C ASN D 79 -15.04 -22.20 35.59
N ALA D 80 -16.31 -22.59 35.59
CA ALA D 80 -17.39 -21.64 35.85
C ALA D 80 -17.67 -21.57 37.33
N LYS D 81 -17.67 -22.74 37.97
CA LYS D 81 -17.84 -22.83 39.41
C LYS D 81 -16.49 -22.87 40.15
N ASN D 82 -15.39 -22.74 39.40
CA ASN D 82 -14.06 -22.68 39.99
C ASN D 82 -13.75 -23.91 40.84
N THR D 83 -14.21 -25.06 40.35
CA THR D 83 -14.13 -26.32 41.08
C THR D 83 -13.28 -27.36 40.33
N LEU D 84 -12.47 -28.12 41.06
CA LEU D 84 -11.66 -29.21 40.51
C LEU D 84 -12.21 -30.57 41.01
N TYR D 85 -12.28 -31.55 40.13
CA TYR D 85 -12.87 -32.85 40.51
C TYR D 85 -11.90 -34.01 40.38
N LEU D 86 -11.90 -34.91 41.35
CA LEU D 86 -11.23 -36.20 41.13
C LEU D 86 -12.26 -37.30 41.42
N GLN D 87 -12.63 -38.04 40.38
CA GLN D 87 -13.54 -39.17 40.54
C GLN D 87 -12.75 -40.45 40.75
N MET D 88 -12.91 -41.03 41.93
CA MET D 88 -12.23 -42.26 42.30
C MET D 88 -13.17 -43.47 42.15
N THR D 89 -12.70 -44.51 41.45
CA THR D 89 -13.50 -45.71 41.18
C THR D 89 -12.67 -46.96 41.46
N ASN D 90 -13.33 -48.08 41.78
CA ASN D 90 -12.64 -49.36 42.02
C ASN D 90 -11.58 -49.19 43.10
N LEU D 91 -11.96 -48.58 44.22
CA LEU D 91 -10.99 -48.16 45.24
C LEU D 91 -10.23 -49.33 45.87
N LYS D 92 -8.93 -49.13 46.06
CA LYS D 92 -8.08 -50.13 46.71
C LYS D 92 -7.50 -49.60 48.02
N PRO D 93 -7.04 -50.50 48.89
CA PRO D 93 -6.29 -50.08 50.09
C PRO D 93 -5.09 -49.20 49.75
N GLU D 94 -4.41 -49.49 48.64
CA GLU D 94 -3.30 -48.68 48.14
C GLU D 94 -3.65 -47.19 48.03
N ASP D 95 -4.94 -46.90 47.87
CA ASP D 95 -5.45 -45.55 47.69
C ASP D 95 -5.74 -44.77 48.97
N THR D 96 -5.53 -45.40 50.12
CA THR D 96 -5.84 -44.75 51.39
C THR D 96 -4.74 -43.73 51.70
N ALA D 97 -5.15 -42.46 51.77
CA ALA D 97 -4.17 -41.39 51.89
C ALA D 97 -4.76 -40.00 52.14
N LEU D 98 -3.85 -39.05 52.25
CA LEU D 98 -4.17 -37.65 52.37
C LEU D 98 -4.15 -37.03 50.99
N TYR D 99 -5.31 -36.63 50.45
CA TYR D 99 -5.34 -36.10 49.09
C TYR D 99 -5.27 -34.58 49.08
N TYR D 100 -4.28 -34.05 48.36
CA TYR D 100 -4.10 -32.62 48.22
C TYR D 100 -4.44 -32.20 46.81
N CYS D 101 -4.83 -30.95 46.68
CA CYS D 101 -4.95 -30.28 45.41
C CYS D 101 -3.86 -29.20 45.32
N THR D 102 -3.18 -29.12 44.18
CA THR D 102 -2.16 -28.10 44.01
C THR D 102 -2.04 -27.65 42.55
N LEU D 103 -1.47 -26.47 42.32
CA LEU D 103 -1.37 -25.96 40.95
C LEU D 103 -0.38 -26.78 40.11
N GLY D 104 -0.28 -26.44 38.82
CA GLY D 104 0.69 -27.03 37.91
C GLY D 104 0.58 -28.50 37.52
N THR D 105 1.69 -29.06 37.02
CA THR D 105 1.71 -30.40 36.45
C THR D 105 2.64 -31.31 37.23
N ARG D 106 2.63 -32.60 36.88
CA ARG D 106 3.55 -33.58 37.50
C ARG D 106 4.97 -33.06 37.57
N ASP D 107 5.42 -32.52 36.45
CA ASP D 107 6.79 -32.04 36.28
C ASP D 107 7.04 -30.59 36.72
N ASP D 108 6.03 -29.92 37.28
CA ASP D 108 6.15 -28.53 37.71
C ASP D 108 5.01 -28.18 38.66
N LEU D 109 5.15 -28.64 39.91
CA LEU D 109 4.04 -28.74 40.83
C LEU D 109 3.57 -27.45 41.51
N GLY D 110 4.38 -26.40 41.54
CA GLY D 110 3.92 -25.10 42.05
C GLY D 110 3.66 -25.10 43.55
N PRO D 111 3.84 -23.94 44.20
CA PRO D 111 3.79 -23.93 45.67
C PRO D 111 2.40 -24.09 46.30
N GLU D 112 1.38 -23.53 45.67
CA GLU D 112 0.08 -23.46 46.28
C GLU D 112 -0.61 -24.81 46.43
N ARG D 113 -1.01 -25.12 47.66
CA ARG D 113 -1.70 -26.36 47.97
C ARG D 113 -2.83 -26.13 48.95
N GLY D 114 -3.83 -26.99 48.86
CA GLY D 114 -4.97 -26.93 49.74
C GLY D 114 -4.72 -27.52 51.11
N GLN D 115 -5.74 -27.44 51.95
CA GLN D 115 -5.72 -28.05 53.28
C GLN D 115 -5.48 -29.57 53.27
N GLY D 116 -6.09 -30.28 52.32
CA GLY D 116 -5.97 -31.73 52.23
C GLY D 116 -7.25 -32.45 52.65
N THR D 117 -7.52 -33.62 52.08
CA THR D 117 -8.67 -34.46 52.47
C THR D 117 -8.23 -35.91 52.71
N GLN D 118 -8.81 -36.58 53.70
CA GLN D 118 -8.42 -37.97 53.93
C GLN D 118 -9.44 -38.93 53.37
N VAL D 119 -8.92 -39.97 52.75
CA VAL D 119 -9.70 -41.01 52.11
C VAL D 119 -9.18 -42.34 52.63
N THR D 120 -10.05 -43.23 53.05
CA THR D 120 -9.56 -44.45 53.64
C THR D 120 -10.43 -45.63 53.32
N VAL D 121 -9.87 -46.56 52.58
CA VAL D 121 -10.63 -47.71 52.12
C VAL D 121 -10.32 -48.92 52.98
N GLN E 6 13.08 26.45 -42.46
CA GLN E 6 11.72 26.64 -42.98
C GLN E 6 11.08 25.43 -43.68
N VAL E 7 9.78 25.59 -43.94
CA VAL E 7 8.94 24.53 -44.46
C VAL E 7 9.02 24.51 -45.99
N GLN E 8 8.93 23.32 -46.57
CA GLN E 8 8.82 23.21 -48.01
C GLN E 8 7.74 22.20 -48.39
N LEU E 9 6.89 22.61 -49.31
CA LEU E 9 5.84 21.78 -49.85
C LEU E 9 5.98 21.82 -51.34
N VAL E 10 6.37 20.72 -51.96
CA VAL E 10 6.48 20.69 -53.42
C VAL E 10 5.58 19.60 -54.01
N GLU E 11 4.63 20.01 -54.85
CA GLU E 11 3.64 19.08 -55.39
C GLU E 11 3.98 18.65 -56.82
N SER E 12 3.46 17.48 -57.20
CA SER E 12 3.66 16.85 -58.50
C SER E 12 2.36 16.18 -58.96
N GLY E 13 2.24 15.89 -60.26
CA GLY E 13 1.11 15.15 -60.79
C GLY E 13 0.22 16.02 -61.66
N GLY E 14 0.71 16.45 -62.80
CA GLY E 14 0.06 17.55 -63.47
C GLY E 14 -0.25 17.38 -64.92
N GLY E 15 -1.12 18.25 -65.41
CA GLY E 15 -1.40 18.35 -66.83
C GLY E 15 -2.66 17.68 -67.32
N LEU E 16 -2.90 17.85 -68.61
CA LEU E 16 -4.10 17.37 -69.26
C LEU E 16 -4.28 15.88 -69.15
N VAL E 17 -5.50 15.47 -68.84
CA VAL E 17 -5.92 14.11 -69.06
C VAL E 17 -7.30 14.34 -69.62
N GLN E 18 -7.85 13.38 -70.34
CA GLN E 18 -9.23 13.52 -70.76
C GLN E 18 -10.19 13.21 -69.61
N PRO E 19 -11.38 13.79 -69.64
CA PRO E 19 -12.40 13.45 -68.64
C PRO E 19 -13.13 12.17 -69.06
N GLY E 20 -13.22 11.17 -68.20
CA GLY E 20 -12.73 11.24 -66.85
C GLY E 20 -11.90 10.02 -66.53
N GLY E 21 -10.65 10.28 -66.24
CA GLY E 21 -9.57 9.36 -65.97
C GLY E 21 -9.27 9.20 -64.49
N SER E 22 -8.07 8.69 -64.20
CA SER E 22 -7.54 8.65 -62.84
C SER E 22 -6.24 9.46 -62.80
N LEU E 23 -5.91 10.01 -61.63
CA LEU E 23 -4.63 10.69 -61.44
C LEU E 23 -4.28 10.67 -59.96
N ARG E 24 -3.03 10.35 -59.63
CA ARG E 24 -2.64 10.45 -58.23
C ARG E 24 -1.75 11.66 -58.04
N LEU E 25 -2.07 12.45 -57.03
CA LEU E 25 -1.21 13.57 -56.66
C LEU E 25 -0.43 13.24 -55.41
N SER E 26 0.68 13.94 -55.24
CA SER E 26 1.58 13.69 -54.13
C SER E 26 2.21 15.01 -53.71
N CYS E 27 2.74 15.03 -52.49
CA CYS E 27 3.40 16.21 -51.97
C CYS E 27 4.56 15.80 -51.06
N ALA E 28 5.75 16.34 -51.34
CA ALA E 28 6.94 16.07 -50.53
C ALA E 28 7.17 17.21 -49.54
N ALA E 29 7.25 16.87 -48.25
CA ALA E 29 7.35 17.90 -47.22
C ALA E 29 8.70 17.93 -46.54
N SER E 30 9.18 19.14 -46.26
CA SER E 30 10.43 19.29 -45.53
C SER E 30 10.42 20.54 -44.66
N GLY E 31 11.19 20.51 -43.58
CA GLY E 31 11.35 21.66 -42.72
C GLY E 31 10.49 21.61 -41.47
N PHE E 32 9.74 20.53 -41.30
CA PHE E 32 8.90 20.37 -40.12
C PHE E 32 8.53 18.89 -39.90
N PRO E 33 8.17 18.52 -38.65
CA PRO E 33 7.72 17.15 -38.36
C PRO E 33 6.34 16.85 -38.96
N PHE E 34 6.35 16.32 -40.17
CA PHE E 34 5.16 16.00 -40.96
C PHE E 34 4.12 15.19 -40.17
N HIS E 35 4.59 14.18 -39.45
CA HIS E 35 3.75 13.23 -38.71
C HIS E 35 2.91 13.83 -37.61
N ALA E 36 3.19 15.08 -37.27
CA ALA E 36 2.56 15.70 -36.12
C ALA E 36 1.56 16.76 -36.56
N TYR E 37 1.20 16.73 -37.85
CA TYR E 37 0.32 17.73 -38.45
C TYR E 37 -0.81 17.19 -39.33
N TYR E 38 -2.00 17.77 -39.19
CA TYR E 38 -3.08 17.53 -40.13
C TYR E 38 -2.69 18.13 -41.46
N MET E 39 -3.12 17.53 -42.56
CA MET E 39 -2.75 18.03 -43.89
C MET E 39 -3.95 18.24 -44.79
N SER E 40 -3.89 19.24 -45.65
CA SER E 40 -4.98 19.60 -46.56
C SER E 40 -4.54 19.81 -48.01
N TRP E 41 -5.42 19.39 -48.94
CA TRP E 41 -5.33 19.75 -50.35
C TRP E 41 -6.36 20.86 -50.64
N VAL E 42 -5.95 21.95 -51.28
CA VAL E 42 -6.90 22.99 -51.65
C VAL E 42 -6.72 23.36 -53.13
N ARG E 43 -7.83 23.64 -53.81
CA ARG E 43 -7.83 23.92 -55.25
C ARG E 43 -8.33 25.32 -55.56
N GLN E 44 -7.65 26.02 -56.47
CA GLN E 44 -8.15 27.30 -56.96
C GLN E 44 -8.32 27.33 -58.48
N LEU E 50 -10.83 30.21 -54.05
CA LEU E 50 -10.10 29.13 -53.38
C LEU E 50 -11.08 28.12 -52.77
N GLU E 51 -10.79 26.84 -52.95
CA GLU E 51 -11.64 25.76 -52.43
C GLU E 51 -10.86 24.59 -51.81
N TRP E 52 -11.22 24.24 -50.57
CA TRP E 52 -10.65 23.09 -49.89
C TRP E 52 -11.22 21.77 -50.42
N VAL E 53 -10.33 20.81 -50.66
CA VAL E 53 -10.73 19.51 -51.20
C VAL E 53 -10.92 18.43 -50.14
N SER E 54 -9.85 18.16 -49.38
CA SER E 54 -9.81 17.08 -48.39
C SER E 54 -8.71 17.34 -47.34
N HIS E 55 -8.82 16.71 -46.16
CA HIS E 55 -7.72 16.75 -45.18
C HIS E 55 -7.53 15.42 -44.43
N ILE E 56 -6.38 15.26 -43.78
CA ILE E 56 -6.05 14.01 -43.07
C ILE E 56 -5.29 14.20 -41.74
N GLY E 57 -5.63 13.38 -40.74
CA GLY E 57 -5.00 13.43 -39.44
C GLY E 57 -3.59 12.84 -39.30
N ASN E 58 -2.96 13.09 -38.15
CA ASN E 58 -1.55 12.77 -37.91
C ASN E 58 -1.17 11.32 -38.22
N GLY E 59 -1.94 10.42 -37.62
CA GLY E 59 -1.67 9.00 -37.70
C GLY E 59 -2.50 8.31 -38.77
N GLY E 60 -3.23 9.11 -39.53
CA GLY E 60 -4.04 8.60 -40.62
C GLY E 60 -5.38 7.99 -40.24
N ILE E 61 -5.75 8.01 -38.96
CA ILE E 61 -7.06 7.52 -38.55
C ILE E 61 -8.21 8.41 -39.03
N ILE E 62 -8.00 9.73 -39.00
CA ILE E 62 -9.06 10.67 -39.36
C ILE E 62 -8.93 11.15 -40.81
N THR E 63 -9.96 10.87 -41.60
CA THR E 63 -9.98 11.36 -42.97
C THR E 63 -11.27 12.11 -43.18
N ARG E 64 -11.21 13.24 -43.85
CA ARG E 64 -12.40 13.96 -44.24
C ARG E 64 -12.25 14.47 -45.65
N TYR E 65 -13.32 14.35 -46.42
CA TYR E 65 -13.32 14.82 -47.80
C TYR E 65 -14.50 15.73 -47.89
N ALA E 66 -14.40 16.74 -48.74
CA ALA E 66 -15.60 17.51 -49.04
C ALA E 66 -16.54 16.58 -49.80
N ASP E 67 -17.86 16.73 -49.62
CA ASP E 67 -18.79 15.79 -50.22
C ASP E 67 -18.88 16.08 -51.72
N SER E 68 -18.37 17.24 -52.10
CA SER E 68 -18.20 17.62 -53.50
C SER E 68 -17.42 16.57 -54.26
N VAL E 69 -16.49 15.91 -53.57
CA VAL E 69 -15.68 14.87 -54.21
C VAL E 69 -15.74 13.55 -53.46
N LYS E 70 -16.73 13.39 -52.60
CA LYS E 70 -16.82 12.18 -51.79
C LYS E 70 -17.06 11.00 -52.72
N GLY E 71 -16.31 9.93 -52.49
CA GLY E 71 -16.43 8.74 -53.29
C GLY E 71 -15.51 8.71 -54.48
N ARG E 72 -14.89 9.85 -54.80
CA ARG E 72 -14.10 9.92 -56.03
C ARG E 72 -12.64 10.07 -55.64
N PHE E 73 -12.38 10.84 -54.59
CA PHE E 73 -11.01 11.03 -54.13
C PHE E 73 -10.81 10.26 -52.82
N THR E 74 -9.62 9.69 -52.62
CA THR E 74 -9.24 9.25 -51.26
C THR E 74 -7.88 9.87 -50.90
N ILE E 75 -7.73 10.21 -49.62
CA ILE E 75 -6.56 10.93 -49.11
C ILE E 75 -5.66 9.95 -48.36
N SER E 76 -4.35 10.02 -48.65
CA SER E 76 -3.34 9.15 -48.01
C SER E 76 -2.08 9.89 -47.56
N ARG E 77 -1.48 9.42 -46.48
CA ARG E 77 -0.20 9.99 -46.07
C ARG E 77 0.83 8.91 -45.79
N ASP E 78 2.09 9.25 -45.99
CA ASP E 78 3.21 8.40 -45.62
C ASP E 78 4.15 9.17 -44.72
N ASN E 79 4.06 8.91 -43.42
CA ASN E 79 4.95 9.55 -42.45
C ASN E 79 6.43 9.14 -42.48
N ALA E 80 6.78 8.20 -43.34
CA ALA E 80 8.17 7.76 -43.43
C ALA E 80 8.95 8.58 -44.47
N LYS E 81 8.38 8.73 -45.68
CA LYS E 81 8.99 9.56 -46.71
C LYS E 81 8.42 10.98 -46.73
N ASN E 82 7.57 11.28 -45.75
CA ASN E 82 7.02 12.62 -45.58
C ASN E 82 6.20 13.04 -46.80
N THR E 83 5.40 12.11 -47.31
CA THR E 83 4.64 12.32 -48.54
C THR E 83 3.15 12.30 -48.26
N LEU E 84 2.41 13.20 -48.90
CA LEU E 84 0.95 13.22 -48.80
C LEU E 84 0.30 12.88 -50.16
N TYR E 85 -0.71 12.01 -50.16
CA TYR E 85 -1.30 11.54 -51.42
C TYR E 85 -2.78 11.91 -51.62
N LEU E 86 -3.07 12.35 -52.84
CA LEU E 86 -4.45 12.53 -53.28
C LEU E 86 -4.67 11.73 -54.56
N GLN E 87 -5.52 10.70 -54.50
CA GLN E 87 -5.84 9.96 -55.71
C GLN E 87 -7.14 10.50 -56.35
N MET E 88 -7.00 11.05 -57.55
CA MET E 88 -8.13 11.63 -58.27
C MET E 88 -8.66 10.64 -59.30
N THR E 89 -9.97 10.39 -59.26
CA THR E 89 -10.64 9.47 -60.18
C THR E 89 -11.93 10.14 -60.68
N ASN E 90 -12.44 9.68 -61.81
CA ASN E 90 -13.68 10.20 -62.41
C ASN E 90 -13.62 11.71 -62.64
N LEU E 91 -12.53 12.18 -63.24
CA LEU E 91 -12.32 13.62 -63.39
C LEU E 91 -13.32 14.27 -64.33
N LYS E 92 -13.79 15.45 -63.96
CA LYS E 92 -14.57 16.26 -64.86
C LYS E 92 -13.74 17.51 -65.10
N PRO E 93 -14.04 18.25 -66.18
CA PRO E 93 -13.41 19.57 -66.39
C PRO E 93 -13.56 20.47 -65.18
N GLU E 94 -14.71 20.47 -64.52
CA GLU E 94 -14.89 21.27 -63.31
C GLU E 94 -13.76 21.08 -62.28
N ASP E 95 -13.06 19.93 -62.33
CA ASP E 95 -12.01 19.63 -61.37
C ASP E 95 -10.67 20.26 -61.71
N THR E 96 -10.56 20.95 -62.85
CA THR E 96 -9.29 21.55 -63.26
C THR E 96 -8.99 22.91 -62.60
N ALA E 97 -7.81 22.99 -61.98
CA ALA E 97 -7.40 24.18 -61.21
C ALA E 97 -5.93 24.04 -60.85
N LEU E 98 -5.39 25.05 -60.15
CA LEU E 98 -4.03 24.98 -59.63
C LEU E 98 -4.08 24.43 -58.21
N TYR E 99 -3.51 23.24 -58.03
CA TYR E 99 -3.64 22.51 -56.77
C TYR E 99 -2.53 22.76 -55.75
N TYR E 100 -2.95 23.19 -54.56
CA TYR E 100 -2.08 23.47 -53.43
C TYR E 100 -2.19 22.37 -52.41
N CYS E 101 -1.14 22.19 -51.63
CA CYS E 101 -1.21 21.42 -50.40
C CYS E 101 -0.91 22.37 -49.24
N THR E 102 -1.67 22.27 -48.15
CA THR E 102 -1.39 23.13 -46.99
C THR E 102 -1.75 22.46 -45.66
N LEU E 103 -1.17 22.93 -44.56
CA LEU E 103 -1.38 22.28 -43.27
C LEU E 103 -2.79 22.44 -42.69
N GLY E 104 -3.04 21.83 -41.55
CA GLY E 104 -4.31 21.98 -40.86
C GLY E 104 -5.51 21.40 -41.59
N THR E 105 -6.69 21.87 -41.21
CA THR E 105 -7.95 21.34 -41.71
C THR E 105 -8.74 22.40 -42.46
N ARG E 106 -9.85 22.00 -43.05
CA ARG E 106 -10.78 22.93 -43.66
C ARG E 106 -11.14 24.09 -42.75
N ASP E 107 -11.45 23.79 -41.50
CA ASP E 107 -11.90 24.80 -40.56
C ASP E 107 -10.73 25.53 -39.90
N ASP E 108 -9.49 25.19 -40.29
CA ASP E 108 -8.30 25.79 -39.69
C ASP E 108 -7.04 25.56 -40.53
N LEU E 109 -6.94 26.28 -41.65
CA LEU E 109 -6.00 25.94 -42.73
C LEU E 109 -4.50 26.28 -42.64
N GLY E 110 -4.11 27.27 -41.85
CA GLY E 110 -2.69 27.60 -41.73
C GLY E 110 -2.17 28.24 -43.02
N PRO E 111 -1.20 29.13 -42.88
CA PRO E 111 -0.69 29.98 -43.97
C PRO E 111 0.21 29.23 -44.97
N GLU E 112 0.88 28.18 -44.51
CA GLU E 112 1.91 27.50 -45.31
C GLU E 112 1.29 26.77 -46.48
N ARG E 113 1.73 27.10 -47.69
CA ARG E 113 1.15 26.50 -48.88
C ARG E 113 2.27 26.18 -49.85
N GLY E 114 2.09 25.14 -50.64
CA GLY E 114 3.08 24.82 -51.64
C GLY E 114 2.86 25.69 -52.86
N GLN E 115 3.81 25.68 -53.79
CA GLN E 115 3.63 26.41 -55.03
C GLN E 115 2.44 25.86 -55.84
N GLY E 116 2.28 24.54 -55.89
CA GLY E 116 1.18 23.96 -56.63
C GLY E 116 1.49 23.19 -57.90
N THR E 117 0.60 22.25 -58.26
CA THR E 117 0.68 21.53 -59.52
C THR E 117 -0.67 21.69 -60.23
N GLN E 118 -0.64 21.89 -61.55
CA GLN E 118 -1.89 22.11 -62.29
C GLN E 118 -2.36 20.89 -63.09
N VAL E 119 -3.67 20.71 -63.09
CA VAL E 119 -4.33 19.58 -63.74
C VAL E 119 -5.42 20.11 -64.67
N THR E 120 -5.53 19.52 -65.87
CA THR E 120 -6.49 19.97 -66.90
C THR E 120 -7.08 18.80 -67.66
N VAL F 7 -34.77 41.15 -25.94
CA VAL F 7 -35.37 40.13 -26.80
C VAL F 7 -36.53 39.41 -26.11
N GLN F 8 -37.74 39.53 -26.67
CA GLN F 8 -38.95 38.99 -26.04
C GLN F 8 -39.47 37.69 -26.70
N LEU F 9 -40.12 36.87 -25.89
CA LEU F 9 -40.65 35.57 -26.31
C LEU F 9 -42.05 35.37 -25.78
N VAL F 10 -42.93 34.85 -26.64
CA VAL F 10 -44.30 34.54 -26.28
C VAL F 10 -44.64 33.09 -26.66
N GLU F 11 -45.12 32.30 -25.71
CA GLU F 11 -45.52 30.93 -25.99
C GLU F 11 -47.00 30.77 -26.34
N SER F 12 -47.33 29.75 -27.13
CA SER F 12 -48.72 29.35 -27.44
C SER F 12 -48.80 27.84 -27.62
N GLY F 13 -49.99 27.28 -27.44
CA GLY F 13 -50.24 25.85 -27.51
C GLY F 13 -50.45 25.31 -26.12
N GLY F 14 -51.69 25.18 -25.70
CA GLY F 14 -51.98 24.83 -24.33
C GLY F 14 -52.77 23.57 -24.40
N GLY F 15 -52.50 22.62 -23.52
CA GLY F 15 -53.02 21.28 -23.72
C GLY F 15 -53.78 20.59 -22.61
N LEU F 16 -54.82 19.87 -23.04
CA LEU F 16 -55.56 18.96 -22.19
C LEU F 16 -55.55 17.55 -22.80
N VAL F 17 -54.51 17.23 -23.56
CA VAL F 17 -54.57 16.05 -24.42
C VAL F 17 -54.66 14.74 -23.66
N GLN F 18 -55.26 13.75 -24.32
CA GLN F 18 -55.35 12.40 -23.79
C GLN F 18 -53.95 11.86 -23.59
N SER F 19 -53.85 10.88 -22.71
CA SER F 19 -52.56 10.26 -22.45
C SER F 19 -52.19 9.43 -23.67
N GLY F 20 -51.06 9.79 -24.29
CA GLY F 20 -50.61 9.21 -25.54
C GLY F 20 -50.83 10.16 -26.71
N GLY F 21 -51.59 11.24 -26.49
CA GLY F 21 -51.92 12.24 -27.51
C GLY F 21 -50.80 13.25 -27.81
N SER F 22 -51.09 14.25 -28.65
CA SER F 22 -50.05 15.20 -29.07
C SER F 22 -50.33 16.69 -28.94
N LEU F 23 -49.23 17.46 -28.89
CA LEU F 23 -49.26 18.91 -28.82
C LEU F 23 -48.05 19.57 -29.48
N ARG F 24 -48.27 20.74 -30.09
CA ARG F 24 -47.19 21.53 -30.65
C ARG F 24 -47.21 22.91 -30.01
N LEU F 25 -46.12 23.20 -29.30
CA LEU F 25 -45.96 24.49 -28.65
C LEU F 25 -45.24 25.45 -29.59
N SER F 26 -45.46 26.73 -29.38
CA SER F 26 -44.91 27.71 -30.28
C SER F 26 -44.26 28.83 -29.46
N CYS F 27 -43.05 29.24 -29.85
CA CYS F 27 -42.37 30.32 -29.17
C CYS F 27 -41.97 31.40 -30.15
N ALA F 28 -42.63 32.56 -30.05
CA ALA F 28 -42.37 33.64 -30.98
C ALA F 28 -41.42 34.69 -30.40
N ALA F 29 -40.40 35.05 -31.17
CA ALA F 29 -39.33 35.93 -30.70
C ALA F 29 -39.45 37.31 -31.30
N SER F 30 -38.97 38.33 -30.58
CA SER F 30 -39.09 39.69 -31.07
C SER F 30 -38.15 39.92 -32.25
N GLY F 31 -37.11 39.10 -32.35
CA GLY F 31 -36.14 39.25 -33.40
C GLY F 31 -35.65 37.96 -34.03
N SER F 32 -34.57 38.12 -34.81
CA SER F 32 -33.89 37.05 -35.49
C SER F 32 -33.49 35.91 -34.55
N ILE F 33 -33.77 34.66 -34.93
CA ILE F 33 -33.43 33.55 -34.05
C ILE F 33 -32.30 32.65 -34.59
N ASP F 34 -31.88 32.86 -35.83
CA ASP F 34 -30.91 31.96 -36.47
C ASP F 34 -29.56 31.91 -35.78
N SER F 35 -29.16 33.00 -35.12
CA SER F 35 -27.79 33.15 -34.62
C SER F 35 -27.66 33.09 -33.10
N LEU F 36 -28.77 32.97 -32.40
CA LEU F 36 -28.77 33.02 -30.94
C LEU F 36 -27.83 31.98 -30.37
N TYR F 37 -27.18 32.32 -29.26
CA TYR F 37 -26.29 31.39 -28.58
C TYR F 37 -27.12 30.22 -28.04
N HIS F 38 -28.34 30.51 -27.57
CA HIS F 38 -29.21 29.51 -26.95
C HIS F 38 -30.71 29.78 -27.16
N MET F 39 -31.47 28.75 -27.58
CA MET F 39 -32.93 28.74 -27.47
C MET F 39 -33.32 27.42 -26.82
N GLY F 40 -34.30 27.44 -25.91
CA GLY F 40 -34.62 26.23 -25.18
C GLY F 40 -36.03 26.16 -24.61
N TRP F 41 -36.50 24.94 -24.42
CA TRP F 41 -37.83 24.71 -23.84
C TRP F 41 -37.69 24.20 -22.40
N TYR F 42 -38.38 24.85 -21.47
CA TYR F 42 -38.29 24.50 -20.05
C TYR F 42 -39.69 24.22 -19.47
N ARG F 43 -39.77 23.36 -18.47
CA ARG F 43 -41.04 23.07 -17.80
C ARG F 43 -40.93 23.08 -16.28
N GLN F 44 -41.92 23.70 -15.64
CA GLN F 44 -41.95 23.72 -14.18
C GLN F 44 -43.20 22.98 -13.70
N ALA F 45 -42.95 21.79 -13.14
CA ALA F 45 -43.97 20.90 -12.60
C ALA F 45 -44.68 21.50 -11.38
N GLY F 47 -45.22 22.43 -7.97
CA GLY F 47 -44.38 22.55 -6.78
C GLY F 47 -42.99 21.99 -6.97
N LYS F 48 -42.36 22.31 -8.09
CA LYS F 48 -41.03 21.81 -8.42
C LYS F 48 -40.22 22.92 -9.09
N GLU F 49 -38.98 22.64 -9.43
CA GLU F 49 -38.12 23.61 -10.11
C GLU F 49 -38.21 23.35 -11.61
N ARG F 50 -37.89 24.36 -12.41
CA ARG F 50 -37.79 24.16 -13.85
C ARG F 50 -36.72 23.17 -14.25
N GLU F 51 -36.97 22.54 -15.39
CA GLU F 51 -36.08 21.59 -16.02
C GLU F 51 -35.81 22.06 -17.43
N LEU F 52 -34.65 21.71 -17.98
CA LEU F 52 -34.43 21.96 -19.38
C LEU F 52 -34.92 20.74 -20.14
N VAL F 53 -35.86 20.94 -21.07
CA VAL F 53 -36.44 19.82 -21.83
C VAL F 53 -35.68 19.61 -23.12
N ALA F 54 -35.46 20.69 -23.87
CA ALA F 54 -34.77 20.64 -25.14
C ALA F 54 -34.08 21.98 -25.44
N ARG F 55 -32.90 21.92 -26.07
CA ARG F 55 -32.12 23.13 -26.35
C ARG F 55 -31.58 23.12 -27.78
N VAL F 56 -31.42 24.31 -28.37
CA VAL F 56 -30.67 24.46 -29.61
C VAL F 56 -29.53 25.49 -29.45
N GLN F 57 -28.38 25.14 -30.03
CA GLN F 57 -27.17 25.92 -29.93
C GLN F 57 -26.86 26.64 -31.24
N ASP F 58 -25.88 27.53 -31.19
CA ASP F 58 -25.59 28.51 -32.25
C ASP F 58 -25.48 27.95 -33.68
N GLY F 59 -25.09 26.69 -33.80
CA GLY F 59 -25.12 26.00 -35.08
C GLY F 59 -26.45 25.35 -35.42
N GLY F 60 -27.16 24.90 -34.39
CA GLY F 60 -28.41 24.18 -34.57
C GLY F 60 -28.31 22.80 -33.96
N SER F 61 -27.27 22.58 -33.15
CA SER F 61 -27.17 21.35 -32.37
C SER F 61 -28.29 21.30 -31.35
N THR F 62 -28.98 20.16 -31.30
CA THR F 62 -30.13 20.02 -30.43
C THR F 62 -29.92 18.89 -29.43
N ALA F 63 -30.36 19.09 -28.19
CA ALA F 63 -30.25 18.05 -27.19
C ALA F 63 -31.58 17.90 -26.47
N TYR F 64 -31.85 16.72 -25.92
CA TYR F 64 -33.13 16.46 -25.29
C TYR F 64 -32.93 15.77 -23.94
N LYS F 65 -33.84 16.03 -23.00
CA LYS F 65 -33.90 15.30 -21.74
C LYS F 65 -34.12 13.83 -22.02
N ASP F 66 -33.64 12.97 -21.14
CA ASP F 66 -33.79 11.55 -21.38
C ASP F 66 -35.27 11.11 -21.46
N SER F 67 -36.08 11.58 -20.51
CA SER F 67 -37.49 11.24 -20.38
C SER F 67 -38.43 11.68 -21.53
N VAL F 68 -37.94 12.58 -22.40
CA VAL F 68 -38.72 13.06 -23.54
C VAL F 68 -38.07 12.67 -24.86
N LYS F 69 -36.98 11.93 -24.82
CA LYS F 69 -36.26 11.62 -26.04
C LYS F 69 -37.15 10.77 -26.95
N GLY F 70 -37.14 11.07 -28.26
CA GLY F 70 -37.94 10.29 -29.19
C GLY F 70 -39.34 10.84 -29.41
N ARG F 71 -39.87 11.51 -28.39
CA ARG F 71 -41.24 11.98 -28.38
C ARG F 71 -41.34 13.48 -28.75
N PHE F 72 -40.39 14.27 -28.25
CA PHE F 72 -40.36 15.71 -28.47
C PHE F 72 -39.32 16.04 -29.51
N THR F 73 -39.65 16.88 -30.48
CA THR F 73 -38.66 17.31 -31.46
C THR F 73 -38.75 18.81 -31.67
N ILE F 74 -37.62 19.51 -31.60
CA ILE F 74 -37.58 20.95 -31.85
C ILE F 74 -37.58 21.30 -33.33
N SER F 75 -38.40 22.27 -33.68
CA SER F 75 -38.50 22.78 -35.04
C SER F 75 -38.15 24.27 -35.06
N ARG F 76 -37.91 24.82 -36.23
CA ARG F 76 -37.53 26.23 -36.31
C ARG F 76 -37.85 26.91 -37.65
N ASP F 77 -38.70 27.94 -37.60
CA ASP F 77 -39.03 28.77 -38.75
C ASP F 77 -38.41 30.17 -38.58
N PHE F 78 -37.36 30.45 -39.35
CA PHE F 78 -36.60 31.70 -39.26
C PHE F 78 -37.39 32.88 -39.77
N SER F 79 -38.07 32.69 -40.90
CA SER F 79 -38.84 33.74 -41.55
C SER F 79 -39.98 34.21 -40.62
N ARG F 80 -40.38 33.36 -39.70
CA ARG F 80 -41.34 33.72 -38.65
C ARG F 80 -40.68 34.03 -37.31
N SER F 81 -39.36 33.83 -37.21
CA SER F 81 -38.63 33.89 -35.94
C SER F 81 -39.37 33.10 -34.86
N THR F 82 -39.61 31.82 -35.09
CA THR F 82 -40.43 31.03 -34.18
C THR F 82 -39.83 29.66 -33.93
N MET F 83 -39.83 29.25 -32.66
CA MET F 83 -39.34 27.95 -32.33
C MET F 83 -40.46 27.06 -31.84
N TYR F 84 -40.60 25.90 -32.46
CA TYR F 84 -41.64 24.95 -32.10
C TYR F 84 -41.10 23.80 -31.28
N LEU F 85 -41.91 23.33 -30.35
CA LEU F 85 -41.69 22.04 -29.72
C LEU F 85 -42.87 21.13 -30.07
N GLN F 86 -42.60 20.06 -30.83
CA GLN F 86 -43.62 19.09 -31.22
C GLN F 86 -43.58 17.87 -30.30
N MET F 87 -44.56 17.79 -29.42
CA MET F 87 -44.64 16.72 -28.43
C MET F 87 -45.65 15.67 -28.82
N ASN F 88 -45.17 14.44 -29.02
CA ASN F 88 -46.06 13.31 -29.24
C ASN F 88 -45.99 12.34 -28.05
N SER F 89 -47.04 11.52 -27.91
CA SER F 89 -47.12 10.51 -26.85
C SER F 89 -46.95 11.08 -25.45
N LEU F 90 -47.66 12.15 -25.15
CA LEU F 90 -47.54 12.80 -23.85
C LEU F 90 -48.05 11.90 -22.73
N LYS F 91 -47.32 11.84 -21.64
CA LYS F 91 -47.74 11.06 -20.49
C LYS F 91 -48.13 12.03 -19.37
N PRO F 92 -48.72 11.52 -18.27
CA PRO F 92 -49.07 12.42 -17.15
C PRO F 92 -47.87 13.21 -16.66
N GLU F 93 -46.71 12.56 -16.67
CA GLU F 93 -45.44 13.13 -16.23
C GLU F 93 -45.16 14.50 -16.85
N ASP F 94 -45.63 14.69 -18.08
CA ASP F 94 -45.30 15.86 -18.87
C ASP F 94 -46.18 17.07 -18.59
N THR F 95 -46.94 16.99 -17.50
CA THR F 95 -47.81 18.10 -17.08
C THR F 95 -47.01 19.20 -16.39
N ALA F 96 -46.94 20.38 -16.99
CA ALA F 96 -46.26 21.54 -16.40
C ALA F 96 -46.51 22.81 -17.22
N ILE F 97 -46.05 23.95 -16.69
CA ILE F 97 -45.98 25.16 -17.48
C ILE F 97 -44.72 25.09 -18.34
N TYR F 98 -44.88 25.11 -19.65
CA TYR F 98 -43.72 25.01 -20.52
C TYR F 98 -43.26 26.41 -20.90
N TYR F 99 -42.00 26.68 -20.59
CA TYR F 99 -41.38 27.95 -20.90
C TYR F 99 -40.47 27.87 -22.11
N CYS F 100 -39.98 29.02 -22.53
CA CYS F 100 -39.06 29.13 -23.64
C CYS F 100 -38.10 30.28 -23.32
N ALA F 101 -36.81 30.00 -23.30
CA ALA F 101 -35.81 31.03 -22.97
C ALA F 101 -34.83 31.18 -24.12
N ALA F 102 -34.17 32.32 -24.17
CA ALA F 102 -33.22 32.57 -25.23
C ALA F 102 -32.08 33.41 -24.70
N LYS F 103 -30.89 33.13 -25.23
CA LYS F 103 -29.66 33.83 -24.93
C LYS F 103 -29.04 34.32 -26.22
N SER F 104 -28.73 35.61 -26.29
CA SER F 104 -28.13 36.17 -27.49
C SER F 104 -26.61 35.85 -27.60
N THR F 105 -25.93 35.77 -26.45
CA THR F 105 -24.51 35.40 -26.39
C THR F 105 -24.32 34.53 -25.15
N ILE F 106 -23.13 33.95 -25.00
CA ILE F 106 -22.81 33.21 -23.79
C ILE F 106 -22.98 34.03 -22.51
N SER F 107 -22.90 35.35 -22.60
CA SER F 107 -22.90 36.15 -21.39
C SER F 107 -24.21 36.89 -21.15
N THR F 108 -25.01 37.11 -22.19
CA THR F 108 -26.36 37.69 -22.05
C THR F 108 -27.28 36.77 -21.29
N PRO F 109 -27.89 37.26 -20.23
CA PRO F 109 -28.80 36.42 -19.43
C PRO F 109 -30.04 35.94 -20.18
N LEU F 110 -30.64 34.89 -19.63
CA LEU F 110 -31.87 34.36 -20.19
C LEU F 110 -33.01 35.36 -20.15
N SER F 111 -33.62 35.61 -21.31
CA SER F 111 -34.92 36.29 -21.35
C SER F 111 -35.95 35.20 -21.52
N TRP F 112 -36.96 35.20 -20.66
CA TRP F 112 -37.98 34.15 -20.66
C TRP F 112 -39.30 34.60 -21.26
N GLY F 113 -40.17 33.62 -21.56
CA GLY F 113 -41.54 33.86 -21.95
C GLY F 113 -42.44 33.69 -20.74
N GLN F 114 -43.72 34.06 -20.84
CA GLN F 114 -44.65 33.95 -19.69
C GLN F 114 -45.01 32.50 -19.38
N GLY F 115 -44.89 31.65 -20.40
CA GLY F 115 -45.17 30.22 -20.25
C GLY F 115 -46.48 29.83 -20.89
N THR F 116 -46.68 28.53 -21.05
CA THR F 116 -47.94 28.00 -21.54
C THR F 116 -48.20 26.69 -20.81
N GLN F 117 -49.42 26.50 -20.32
CA GLN F 117 -49.64 25.37 -19.44
C GLN F 117 -50.09 24.16 -20.24
N VAL F 118 -49.66 23.00 -19.77
CA VAL F 118 -49.89 21.74 -20.45
C VAL F 118 -50.29 20.73 -19.41
N THR F 119 -51.49 20.17 -19.55
CA THR F 119 -51.98 19.19 -18.59
C THR F 119 -52.32 17.88 -19.30
N VAL F 120 -51.38 16.95 -19.28
CA VAL F 120 -51.57 15.65 -19.93
C VAL F 120 -52.26 14.66 -18.98
N SER F 121 -53.55 14.44 -19.20
CA SER F 121 -54.32 13.52 -18.36
C SER F 121 -54.16 12.08 -18.86
#